data_7YA5
# 
_entry.id   7YA5 
# 
_audit_conform.dict_name       mmcif_pdbx.dic 
_audit_conform.dict_version    5.397 
_audit_conform.dict_location   http://mmcif.pdb.org/dictionaries/ascii/mmcif_pdbx.dic 
# 
loop_
_database_2.database_id 
_database_2.database_code 
_database_2.pdbx_database_accession 
_database_2.pdbx_DOI 
PDB   7YA5         pdb_00007ya5 10.2210/pdb7ya5/pdb 
WWPDB D_1300030565 ?            ?                   
# 
loop_
_pdbx_audit_revision_history.ordinal 
_pdbx_audit_revision_history.data_content_type 
_pdbx_audit_revision_history.major_revision 
_pdbx_audit_revision_history.minor_revision 
_pdbx_audit_revision_history.revision_date 
1 'Structure model' 1 0 2023-11-15 
2 'Structure model' 1 1 2024-02-28 
3 'Structure model' 1 2 2024-10-23 
# 
_pdbx_audit_revision_details.ordinal             1 
_pdbx_audit_revision_details.revision_ordinal    1 
_pdbx_audit_revision_details.data_content_type   'Structure model' 
_pdbx_audit_revision_details.provider            repository 
_pdbx_audit_revision_details.type                'Initial release' 
_pdbx_audit_revision_details.description         ? 
_pdbx_audit_revision_details.details             ? 
# 
loop_
_pdbx_audit_revision_group.ordinal 
_pdbx_audit_revision_group.revision_ordinal 
_pdbx_audit_revision_group.data_content_type 
_pdbx_audit_revision_group.group 
1 2 'Structure model' 'Database references' 
2 3 'Structure model' 'Structure summary'   
# 
loop_
_pdbx_audit_revision_category.ordinal 
_pdbx_audit_revision_category.revision_ordinal 
_pdbx_audit_revision_category.data_content_type 
_pdbx_audit_revision_category.category 
1 2 'Structure model' citation                  
2 2 'Structure model' citation_author           
3 3 'Structure model' pdbx_entry_details        
4 3 'Structure model' pdbx_modification_feature 
# 
loop_
_pdbx_audit_revision_item.ordinal 
_pdbx_audit_revision_item.revision_ordinal 
_pdbx_audit_revision_item.data_content_type 
_pdbx_audit_revision_item.item 
1  2 'Structure model' '_citation.country'                            
2  2 'Structure model' '_citation.journal_abbrev'                     
3  2 'Structure model' '_citation.journal_id_CSD'                     
4  2 'Structure model' '_citation.journal_id_ISSN'                    
5  2 'Structure model' '_citation.journal_volume'                     
6  2 'Structure model' '_citation.page_first'                         
7  2 'Structure model' '_citation.page_last'                          
8  2 'Structure model' '_citation.pdbx_database_id_DOI'               
9  2 'Structure model' '_citation.pdbx_database_id_PubMed'            
10 2 'Structure model' '_citation.title'                              
11 2 'Structure model' '_citation.year'                               
12 3 'Structure model' '_pdbx_entry_details.has_protein_modification' 
# 
_pdbx_database_status.status_code                     REL 
_pdbx_database_status.status_code_sf                  REL 
_pdbx_database_status.status_code_mr                  ? 
_pdbx_database_status.entry_id                        7YA5 
_pdbx_database_status.recvd_initial_deposition_date   2022-06-27 
_pdbx_database_status.SG_entry                        N 
_pdbx_database_status.deposit_site                    PDBJ 
_pdbx_database_status.process_site                    PDBJ 
_pdbx_database_status.status_code_cs                  ? 
_pdbx_database_status.status_code_nmr_data            ? 
_pdbx_database_status.methods_development_category    ? 
_pdbx_database_status.pdb_format_compatible           Y 
# 
_pdbx_contact_author.id                 2 
_pdbx_contact_author.email              dlwu@sdu.edu.cn 
_pdbx_contact_author.name_first         Dalei 
_pdbx_contact_author.name_last          Wu 
_pdbx_contact_author.name_mi            ? 
_pdbx_contact_author.role               'principal investigator/group leader' 
_pdbx_contact_author.identifier_ORCID   0000-0003-1817-7229 
# 
loop_
_audit_author.name 
_audit_author.pdbx_ordinal 
_audit_author.identifier_ORCID 
'Li, F.W.' 1 ? 
'Liu, C.'  2 ? 
'Wu, C.L.' 3 ? 
'Wu, D.L.' 4 ? 
# 
_citation.abstract                  ? 
_citation.abstract_id_CAS           ? 
_citation.book_id_ISBN              ? 
_citation.book_publisher            ? 
_citation.book_publisher_city       ? 
_citation.book_title                ? 
_citation.coordinate_linkage        ? 
_citation.country                   UK 
_citation.database_id_Medline       ? 
_citation.details                   ? 
_citation.id                        primary 
_citation.journal_abbrev            'Nat Commun' 
_citation.journal_id_ASTM           ? 
_citation.journal_id_CSD            ? 
_citation.journal_id_ISSN           2041-1723 
_citation.journal_full              ? 
_citation.journal_issue             ? 
_citation.journal_volume            15 
_citation.language                  ? 
_citation.page_first                1476 
_citation.page_last                 1476 
_citation.title                     
'Cyclic peptides discriminate BCL-2 and its clinical mutants from BCL-X L by engaging a single-residue discrepancy.' 
_citation.year                      2024 
_citation.database_id_CSD           ? 
_citation.pdbx_database_id_DOI      10.1038/s41467-024-45848-1 
_citation.pdbx_database_id_PubMed   38368459 
_citation.pdbx_database_id_patent   ? 
_citation.unpublished_flag          ? 
# 
loop_
_citation_author.citation_id 
_citation_author.name 
_citation_author.ordinal 
_citation_author.identifier_ORCID 
primary 'Li, F.'     1  0000-0002-7143-4151 
primary 'Liu, J.'    2  ?                   
primary 'Liu, C.'    3  ?                   
primary 'Liu, Z.'    4  ?                   
primary 'Peng, X.'   5  ?                   
primary 'Huang, Y.'  6  ?                   
primary 'Chen, X.'   7  ?                   
primary 'Sun, X.'    8  ?                   
primary 'Wang, S.'   9  ?                   
primary 'Chen, W.'   10 ?                   
primary 'Xiong, D.'  11 ?                   
primary 'Diao, X.'   12 0000-0001-8449-6688 
primary 'Wang, S.'   13 ?                   
primary 'Zhuang, J.' 14 ?                   
primary 'Wu, C.'     15 0000-0003-2946-7299 
primary 'Wu, D.'     16 0000-0003-1817-7229 
# 
loop_
_entity.id 
_entity.type 
_entity.src_method 
_entity.pdbx_description 
_entity.formula_weight 
_entity.pdbx_number_of_molecules 
_entity.pdbx_ec 
_entity.pdbx_mutation 
_entity.pdbx_fragment 
_entity.details 
1 polymer     man 'Apoptosis regulator Bcl-2' 19399.637 1   ? G101V ? 
'N-terminal 1-34 and C-terminal 92-207 residues from database UNP P10415 linked with linker residues DVEENRTEAPEGTESE' 
2 polymer     syn 'cp1 peptide' 1361.506  1   ? ?     ? ? 
3 non-polymer syn 
;(2R)-3-[2-(aminomethyl)-3-azanyl-1-[4-[2-(2-chloranylethanoylamino)ethylcarbamoyl]phenyl]prop-1-enyl]sulfanyl-2-(carboxyamino)propanoic acid
;
487.958   1   ? ?     ? ? 
4 water       nat water 18.015    108 ? ?     ? ? 
# 
loop_
_entity_poly.entity_id 
_entity_poly.type 
_entity_poly.nstd_linkage 
_entity_poly.nstd_monomer 
_entity_poly.pdbx_seq_one_letter_code 
_entity_poly.pdbx_seq_one_letter_code_can 
_entity_poly.pdbx_strand_id 
_entity_poly.pdbx_target_identifier 
1 'polypeptide(L)' no no  
;MAHAGRTGYDNREIVMKYIHYKLSQRGYEWDAGDDVEENRTEAPEGTESEVVHLTLRQAVDDFSRRYRRDFAEMSSQLHL
TPFTARGRFATVVEELFRDGVNWGRIVAFFEFGGVMCVESVNREMSPLVDNIALWMTEYLNRHLHTWIQDNGGWDAFVEL
YGPSMR
;
;MAHAGRTGYDNREIVMKYIHYKLSQRGYEWDAGDDVEENRTEAPEGTESEVVHLTLRQAVDDFSRRYRRDFAEMSSQLHL
TPFTARGRFATVVEELFRDGVNWGRIVAFFEFGGVMCVESVNREMSPLVDNIALWMTEYLNRHLHTWIQDNGGWDAFVEL
YGPSMR
;
A ? 
2 'polypeptide(L)' no yes 'CPARYGWDYEC(NH2)' CPARYGWDYECX B ? 
# 
loop_
_pdbx_entity_nonpoly.entity_id 
_pdbx_entity_nonpoly.name 
_pdbx_entity_nonpoly.comp_id 
3 
;(2R)-3-[2-(aminomethyl)-3-azanyl-1-[4-[2-(2-chloranylethanoylamino)ethylcarbamoyl]phenyl]prop-1-enyl]sulfanyl-2-(carboxyamino)propanoic acid
;
JFF 
4 water HOH 
# 
loop_
_entity_poly_seq.entity_id 
_entity_poly_seq.num 
_entity_poly_seq.mon_id 
_entity_poly_seq.hetero 
1 1   MET n 
1 2   ALA n 
1 3   HIS n 
1 4   ALA n 
1 5   GLY n 
1 6   ARG n 
1 7   THR n 
1 8   GLY n 
1 9   TYR n 
1 10  ASP n 
1 11  ASN n 
1 12  ARG n 
1 13  GLU n 
1 14  ILE n 
1 15  VAL n 
1 16  MET n 
1 17  LYS n 
1 18  TYR n 
1 19  ILE n 
1 20  HIS n 
1 21  TYR n 
1 22  LYS n 
1 23  LEU n 
1 24  SER n 
1 25  GLN n 
1 26  ARG n 
1 27  GLY n 
1 28  TYR n 
1 29  GLU n 
1 30  TRP n 
1 31  ASP n 
1 32  ALA n 
1 33  GLY n 
1 34  ASP n 
1 35  ASP n 
1 36  VAL n 
1 37  GLU n 
1 38  GLU n 
1 39  ASN n 
1 40  ARG n 
1 41  THR n 
1 42  GLU n 
1 43  ALA n 
1 44  PRO n 
1 45  GLU n 
1 46  GLY n 
1 47  THR n 
1 48  GLU n 
1 49  SER n 
1 50  GLU n 
1 51  VAL n 
1 52  VAL n 
1 53  HIS n 
1 54  LEU n 
1 55  THR n 
1 56  LEU n 
1 57  ARG n 
1 58  GLN n 
1 59  ALA n 
1 60  VAL n 
1 61  ASP n 
1 62  ASP n 
1 63  PHE n 
1 64  SER n 
1 65  ARG n 
1 66  ARG n 
1 67  TYR n 
1 68  ARG n 
1 69  ARG n 
1 70  ASP n 
1 71  PHE n 
1 72  ALA n 
1 73  GLU n 
1 74  MET n 
1 75  SER n 
1 76  SER n 
1 77  GLN n 
1 78  LEU n 
1 79  HIS n 
1 80  LEU n 
1 81  THR n 
1 82  PRO n 
1 83  PHE n 
1 84  THR n 
1 85  ALA n 
1 86  ARG n 
1 87  GLY n 
1 88  ARG n 
1 89  PHE n 
1 90  ALA n 
1 91  THR n 
1 92  VAL n 
1 93  VAL n 
1 94  GLU n 
1 95  GLU n 
1 96  LEU n 
1 97  PHE n 
1 98  ARG n 
1 99  ASP n 
1 100 GLY n 
1 101 VAL n 
1 102 ASN n 
1 103 TRP n 
1 104 GLY n 
1 105 ARG n 
1 106 ILE n 
1 107 VAL n 
1 108 ALA n 
1 109 PHE n 
1 110 PHE n 
1 111 GLU n 
1 112 PHE n 
1 113 GLY n 
1 114 GLY n 
1 115 VAL n 
1 116 MET n 
1 117 CYS n 
1 118 VAL n 
1 119 GLU n 
1 120 SER n 
1 121 VAL n 
1 122 ASN n 
1 123 ARG n 
1 124 GLU n 
1 125 MET n 
1 126 SER n 
1 127 PRO n 
1 128 LEU n 
1 129 VAL n 
1 130 ASP n 
1 131 ASN n 
1 132 ILE n 
1 133 ALA n 
1 134 LEU n 
1 135 TRP n 
1 136 MET n 
1 137 THR n 
1 138 GLU n 
1 139 TYR n 
1 140 LEU n 
1 141 ASN n 
1 142 ARG n 
1 143 HIS n 
1 144 LEU n 
1 145 HIS n 
1 146 THR n 
1 147 TRP n 
1 148 ILE n 
1 149 GLN n 
1 150 ASP n 
1 151 ASN n 
1 152 GLY n 
1 153 GLY n 
1 154 TRP n 
1 155 ASP n 
1 156 ALA n 
1 157 PHE n 
1 158 VAL n 
1 159 GLU n 
1 160 LEU n 
1 161 TYR n 
1 162 GLY n 
1 163 PRO n 
1 164 SER n 
1 165 MET n 
1 166 ARG n 
2 1   CYS n 
2 2   PRO n 
2 3   ALA n 
2 4   ARG n 
2 5   TYR n 
2 6   GLY n 
2 7   TRP n 
2 8   ASP n 
2 9   TYR n 
2 10  GLU n 
2 11  CYS n 
2 12  NH2 n 
# 
loop_
_entity_src_gen.entity_id 
_entity_src_gen.pdbx_src_id 
_entity_src_gen.pdbx_alt_source_flag 
_entity_src_gen.pdbx_seq_type 
_entity_src_gen.pdbx_beg_seq_num 
_entity_src_gen.pdbx_end_seq_num 
_entity_src_gen.gene_src_common_name 
_entity_src_gen.gene_src_genus 
_entity_src_gen.pdbx_gene_src_gene 
_entity_src_gen.gene_src_species 
_entity_src_gen.gene_src_strain 
_entity_src_gen.gene_src_tissue 
_entity_src_gen.gene_src_tissue_fraction 
_entity_src_gen.gene_src_details 
_entity_src_gen.pdbx_gene_src_fragment 
_entity_src_gen.pdbx_gene_src_scientific_name 
_entity_src_gen.pdbx_gene_src_ncbi_taxonomy_id 
_entity_src_gen.pdbx_gene_src_variant 
_entity_src_gen.pdbx_gene_src_cell_line 
_entity_src_gen.pdbx_gene_src_atcc 
_entity_src_gen.pdbx_gene_src_organ 
_entity_src_gen.pdbx_gene_src_organelle 
_entity_src_gen.pdbx_gene_src_cell 
_entity_src_gen.pdbx_gene_src_cellular_location 
_entity_src_gen.host_org_common_name 
_entity_src_gen.pdbx_host_org_scientific_name 
_entity_src_gen.pdbx_host_org_ncbi_taxonomy_id 
_entity_src_gen.host_org_genus 
_entity_src_gen.pdbx_host_org_gene 
_entity_src_gen.pdbx_host_org_organ 
_entity_src_gen.host_org_species 
_entity_src_gen.pdbx_host_org_tissue 
_entity_src_gen.pdbx_host_org_tissue_fraction 
_entity_src_gen.pdbx_host_org_strain 
_entity_src_gen.pdbx_host_org_variant 
_entity_src_gen.pdbx_host_org_cell_line 
_entity_src_gen.pdbx_host_org_atcc 
_entity_src_gen.pdbx_host_org_culture_collection 
_entity_src_gen.pdbx_host_org_cell 
_entity_src_gen.pdbx_host_org_organelle 
_entity_src_gen.pdbx_host_org_cellular_location 
_entity_src_gen.pdbx_host_org_vector_type 
_entity_src_gen.pdbx_host_org_vector 
_entity_src_gen.host_org_details 
_entity_src_gen.expression_system_id 
_entity_src_gen.plasmid_name 
_entity_src_gen.plasmid_details 
_entity_src_gen.pdbx_description 
1 1 sample 'Biological sequence' 1  34  human ? BCL2 ? ? ? ? ? ? 'Homo sapiens' 9606 ? ? ? ? ? ? ? ? 'Escherichia coli BL21(DE3)' 
469008 ? ? ? ? ? ? ? ? ? ? ? ? ? ? plasmid ? ? ? pET22b ? ? 
1 2 sample 'Biological sequence' 35 166 human ? BCL2 ? ? ? ? ? ? 'Homo sapiens' 9606 ? ? ? ? ? ? ? ? 'Escherichia coli BL21(DE3)' 
469008 ? ? ? ? ? ? ? ? ? ? ? ? ? ? plasmid ? ? ? pET22b ? ? 
# 
_pdbx_entity_src_syn.entity_id              2 
_pdbx_entity_src_syn.pdbx_src_id            1 
_pdbx_entity_src_syn.pdbx_alt_source_flag   sample 
_pdbx_entity_src_syn.pdbx_beg_seq_num       1 
_pdbx_entity_src_syn.pdbx_end_seq_num       12 
_pdbx_entity_src_syn.organism_scientific    'synthetic construct' 
_pdbx_entity_src_syn.organism_common_name   ? 
_pdbx_entity_src_syn.ncbi_taxonomy_id       32630 
_pdbx_entity_src_syn.details                ? 
# 
loop_
_chem_comp.id 
_chem_comp.type 
_chem_comp.mon_nstd_flag 
_chem_comp.name 
_chem_comp.pdbx_synonyms 
_chem_comp.formula 
_chem_comp.formula_weight 
ALA 'L-peptide linking' y ALANINE ? 'C3 H7 N O2'         89.093  
ARG 'L-peptide linking' y ARGININE ? 'C6 H15 N4 O2 1'     175.209 
ASN 'L-peptide linking' y ASPARAGINE ? 'C4 H8 N2 O3'        132.118 
ASP 'L-peptide linking' y 'ASPARTIC ACID' ? 'C4 H7 N O4'         133.103 
CYS 'L-peptide linking' y CYSTEINE ? 'C3 H7 N O2 S'       121.158 
GLN 'L-peptide linking' y GLUTAMINE ? 'C5 H10 N2 O3'       146.144 
GLU 'L-peptide linking' y 'GLUTAMIC ACID' ? 'C5 H9 N O4'         147.129 
GLY 'peptide linking'   y GLYCINE ? 'C2 H5 N O2'         75.067  
HIS 'L-peptide linking' y HISTIDINE ? 'C6 H10 N3 O2 1'     156.162 
HOH non-polymer         . WATER ? 'H2 O'               18.015  
ILE 'L-peptide linking' y ISOLEUCINE ? 'C6 H13 N O2'        131.173 
JFF non-polymer         . 
;(2R)-3-[2-(aminomethyl)-3-azanyl-1-[4-[2-(2-chloranylethanoylamino)ethylcarbamoyl]phenyl]prop-1-enyl]sulfanyl-2-(carboxyamino)propanoic acid
;
? 'C19 H26 Cl N5 O6 S' 487.958 
LEU 'L-peptide linking' y LEUCINE ? 'C6 H13 N O2'        131.173 
LYS 'L-peptide linking' y LYSINE ? 'C6 H15 N2 O2 1'     147.195 
MET 'L-peptide linking' y METHIONINE ? 'C5 H11 N O2 S'      149.211 
NH2 non-polymer         . 'AMINO GROUP' ? 'H2 N'               16.023  
PHE 'L-peptide linking' y PHENYLALANINE ? 'C9 H11 N O2'        165.189 
PRO 'L-peptide linking' y PROLINE ? 'C5 H9 N O2'         115.130 
SER 'L-peptide linking' y SERINE ? 'C3 H7 N O3'         105.093 
THR 'L-peptide linking' y THREONINE ? 'C4 H9 N O3'         119.119 
TRP 'L-peptide linking' y TRYPTOPHAN ? 'C11 H12 N2 O2'      204.225 
TYR 'L-peptide linking' y TYROSINE ? 'C9 H11 N O3'        181.189 
VAL 'L-peptide linking' y VALINE ? 'C5 H11 N O2'        117.146 
# 
loop_
_pdbx_poly_seq_scheme.asym_id 
_pdbx_poly_seq_scheme.entity_id 
_pdbx_poly_seq_scheme.seq_id 
_pdbx_poly_seq_scheme.mon_id 
_pdbx_poly_seq_scheme.ndb_seq_num 
_pdbx_poly_seq_scheme.pdb_seq_num 
_pdbx_poly_seq_scheme.auth_seq_num 
_pdbx_poly_seq_scheme.pdb_mon_id 
_pdbx_poly_seq_scheme.auth_mon_id 
_pdbx_poly_seq_scheme.pdb_strand_id 
_pdbx_poly_seq_scheme.pdb_ins_code 
_pdbx_poly_seq_scheme.hetero 
A 1 1   MET 1   1   ?   ?   ?   A . n 
A 1 2   ALA 2   2   ?   ?   ?   A . n 
A 1 3   HIS 3   3   ?   ?   ?   A . n 
A 1 4   ALA 4   4   ?   ?   ?   A . n 
A 1 5   GLY 5   5   ?   ?   ?   A . n 
A 1 6   ARG 6   6   ?   ?   ?   A . n 
A 1 7   THR 7   7   ?   ?   ?   A . n 
A 1 8   GLY 8   8   8   GLY GLY A . n 
A 1 9   TYR 9   9   9   TYR TYR A . n 
A 1 10  ASP 10  10  10  ASP ASP A . n 
A 1 11  ASN 11  11  11  ASN ASN A . n 
A 1 12  ARG 12  12  12  ARG ARG A . n 
A 1 13  GLU 13  13  13  GLU GLU A . n 
A 1 14  ILE 14  14  14  ILE ILE A . n 
A 1 15  VAL 15  15  15  VAL VAL A . n 
A 1 16  MET 16  16  16  MET MET A . n 
A 1 17  LYS 17  17  17  LYS LYS A . n 
A 1 18  TYR 18  18  18  TYR TYR A . n 
A 1 19  ILE 19  19  19  ILE ILE A . n 
A 1 20  HIS 20  20  20  HIS HIS A . n 
A 1 21  TYR 21  21  21  TYR TYR A . n 
A 1 22  LYS 22  22  22  LYS LYS A . n 
A 1 23  LEU 23  23  23  LEU LEU A . n 
A 1 24  SER 24  24  24  SER SER A . n 
A 1 25  GLN 25  25  25  GLN GLN A . n 
A 1 26  ARG 26  26  26  ARG ARG A . n 
A 1 27  GLY 27  27  27  GLY GLY A . n 
A 1 28  TYR 28  28  28  TYR TYR A . n 
A 1 29  GLU 29  29  29  GLU GLU A . n 
A 1 30  TRP 30  30  30  TRP TRP A . n 
A 1 31  ASP 31  31  31  ASP ASP A . n 
A 1 32  ALA 32  73  ?   ?   ?   A . n 
A 1 33  GLY 33  74  ?   ?   ?   A . n 
A 1 34  ASP 34  75  ?   ?   ?   A . n 
A 1 35  ASP 35  76  ?   ?   ?   A . n 
A 1 36  VAL 36  77  ?   ?   ?   A . n 
A 1 37  GLU 37  78  ?   ?   ?   A . n 
A 1 38  GLU 38  79  ?   ?   ?   A . n 
A 1 39  ASN 39  80  ?   ?   ?   A . n 
A 1 40  ARG 40  81  ?   ?   ?   A . n 
A 1 41  THR 41  82  ?   ?   ?   A . n 
A 1 42  GLU 42  83  ?   ?   ?   A . n 
A 1 43  ALA 43  84  ?   ?   ?   A . n 
A 1 44  PRO 44  85  ?   ?   ?   A . n 
A 1 45  GLU 45  86  ?   ?   ?   A . n 
A 1 46  GLY 46  87  ?   ?   ?   A . n 
A 1 47  THR 47  88  ?   ?   ?   A . n 
A 1 48  GLU 48  89  89  GLU GLU A . n 
A 1 49  SER 49  90  90  SER SER A . n 
A 1 50  GLU 50  91  91  GLU GLU A . n 
A 1 51  VAL 51  92  92  VAL VAL A . n 
A 1 52  VAL 52  93  93  VAL VAL A . n 
A 1 53  HIS 53  94  94  HIS HIS A . n 
A 1 54  LEU 54  95  95  LEU LEU A . n 
A 1 55  THR 55  96  96  THR THR A . n 
A 1 56  LEU 56  97  97  LEU LEU A . n 
A 1 57  ARG 57  98  98  ARG ARG A . n 
A 1 58  GLN 58  99  99  GLN GLN A . n 
A 1 59  ALA 59  100 100 ALA ALA A . n 
A 1 60  VAL 60  101 101 VAL VAL A . n 
A 1 61  ASP 61  102 102 ASP ASP A . n 
A 1 62  ASP 62  103 103 ASP ASP A . n 
A 1 63  PHE 63  104 104 PHE PHE A . n 
A 1 64  SER 64  105 105 SER SER A . n 
A 1 65  ARG 65  106 106 ARG ARG A . n 
A 1 66  ARG 66  107 107 ARG ARG A . n 
A 1 67  TYR 67  108 108 TYR TYR A . n 
A 1 68  ARG 68  109 109 ARG ARG A . n 
A 1 69  ARG 69  110 110 ARG ARG A . n 
A 1 70  ASP 70  111 111 ASP ASP A . n 
A 1 71  PHE 71  112 112 PHE PHE A . n 
A 1 72  ALA 72  113 113 ALA ALA A . n 
A 1 73  GLU 73  114 114 GLU GLU A . n 
A 1 74  MET 74  115 115 MET MET A . n 
A 1 75  SER 75  116 116 SER SER A . n 
A 1 76  SER 76  117 117 SER SER A . n 
A 1 77  GLN 77  118 118 GLN GLN A . n 
A 1 78  LEU 78  119 119 LEU LEU A . n 
A 1 79  HIS 79  120 120 HIS HIS A . n 
A 1 80  LEU 80  121 121 LEU LEU A . n 
A 1 81  THR 81  122 122 THR THR A . n 
A 1 82  PRO 82  123 123 PRO PRO A . n 
A 1 83  PHE 83  124 124 PHE PHE A . n 
A 1 84  THR 84  125 125 THR THR A . n 
A 1 85  ALA 85  126 126 ALA ALA A . n 
A 1 86  ARG 86  127 127 ARG ARG A . n 
A 1 87  GLY 87  128 128 GLY GLY A . n 
A 1 88  ARG 88  129 129 ARG ARG A . n 
A 1 89  PHE 89  130 130 PHE PHE A . n 
A 1 90  ALA 90  131 131 ALA ALA A . n 
A 1 91  THR 91  132 132 THR THR A . n 
A 1 92  VAL 92  133 133 VAL VAL A . n 
A 1 93  VAL 93  134 134 VAL VAL A . n 
A 1 94  GLU 94  135 135 GLU GLU A . n 
A 1 95  GLU 95  136 136 GLU GLU A . n 
A 1 96  LEU 96  137 137 LEU LEU A . n 
A 1 97  PHE 97  138 138 PHE PHE A . n 
A 1 98  ARG 98  139 139 ARG ARG A . n 
A 1 99  ASP 99  140 140 ASP ASP A . n 
A 1 100 GLY 100 141 141 GLY GLY A . n 
A 1 101 VAL 101 142 142 VAL VAL A . n 
A 1 102 ASN 102 143 143 ASN ASN A . n 
A 1 103 TRP 103 144 144 TRP TRP A . n 
A 1 104 GLY 104 145 145 GLY GLY A . n 
A 1 105 ARG 105 146 146 ARG ARG A . n 
A 1 106 ILE 106 147 147 ILE ILE A . n 
A 1 107 VAL 107 148 148 VAL VAL A . n 
A 1 108 ALA 108 149 149 ALA ALA A . n 
A 1 109 PHE 109 150 150 PHE PHE A . n 
A 1 110 PHE 110 151 151 PHE PHE A . n 
A 1 111 GLU 111 152 152 GLU GLU A . n 
A 1 112 PHE 112 153 153 PHE PHE A . n 
A 1 113 GLY 113 154 154 GLY GLY A . n 
A 1 114 GLY 114 155 155 GLY GLY A . n 
A 1 115 VAL 115 156 156 VAL VAL A . n 
A 1 116 MET 116 157 157 MET MET A . n 
A 1 117 CYS 117 158 158 CYS CYS A . n 
A 1 118 VAL 118 159 159 VAL VAL A . n 
A 1 119 GLU 119 160 160 GLU GLU A . n 
A 1 120 SER 120 161 161 SER SER A . n 
A 1 121 VAL 121 162 162 VAL VAL A . n 
A 1 122 ASN 122 163 163 ASN ASN A . n 
A 1 123 ARG 123 164 164 ARG ARG A . n 
A 1 124 GLU 124 165 165 GLU GLU A . n 
A 1 125 MET 125 166 166 MET MET A . n 
A 1 126 SER 126 167 167 SER SER A . n 
A 1 127 PRO 127 168 168 PRO PRO A . n 
A 1 128 LEU 128 169 169 LEU LEU A . n 
A 1 129 VAL 129 170 170 VAL VAL A . n 
A 1 130 ASP 130 171 171 ASP ASP A . n 
A 1 131 ASN 131 172 172 ASN ASN A . n 
A 1 132 ILE 132 173 173 ILE ILE A . n 
A 1 133 ALA 133 174 174 ALA ALA A . n 
A 1 134 LEU 134 175 175 LEU LEU A . n 
A 1 135 TRP 135 176 176 TRP TRP A . n 
A 1 136 MET 136 177 177 MET MET A . n 
A 1 137 THR 137 178 178 THR THR A . n 
A 1 138 GLU 138 179 179 GLU GLU A . n 
A 1 139 TYR 139 180 180 TYR TYR A . n 
A 1 140 LEU 140 181 181 LEU LEU A . n 
A 1 141 ASN 141 182 182 ASN ASN A . n 
A 1 142 ARG 142 183 183 ARG ARG A . n 
A 1 143 HIS 143 184 184 HIS HIS A . n 
A 1 144 LEU 144 185 185 LEU LEU A . n 
A 1 145 HIS 145 186 186 HIS HIS A . n 
A 1 146 THR 146 187 187 THR THR A . n 
A 1 147 TRP 147 188 188 TRP TRP A . n 
A 1 148 ILE 148 189 189 ILE ILE A . n 
A 1 149 GLN 149 190 190 GLN GLN A . n 
A 1 150 ASP 150 191 191 ASP ASP A . n 
A 1 151 ASN 151 192 192 ASN ASN A . n 
A 1 152 GLY 152 193 193 GLY GLY A . n 
A 1 153 GLY 153 194 194 GLY GLY A . n 
A 1 154 TRP 154 195 195 TRP TRP A . n 
A 1 155 ASP 155 196 196 ASP ASP A . n 
A 1 156 ALA 156 197 197 ALA ALA A . n 
A 1 157 PHE 157 198 198 PHE PHE A . n 
A 1 158 VAL 158 199 199 VAL VAL A . n 
A 1 159 GLU 159 200 200 GLU GLU A . n 
A 1 160 LEU 160 201 201 LEU LEU A . n 
A 1 161 TYR 161 202 202 TYR TYR A . n 
A 1 162 GLY 162 203 203 GLY GLY A . n 
A 1 163 PRO 163 204 ?   ?   ?   A . n 
A 1 164 SER 164 205 ?   ?   ?   A . n 
A 1 165 MET 165 206 ?   ?   ?   A . n 
A 1 166 ARG 166 207 ?   ?   ?   A . n 
B 2 1   CYS 1   1   301 CYS LIG B . n 
B 2 2   PRO 2   2   301 PRO LIG B . n 
B 2 3   ALA 3   3   301 ALA LIG B . n 
B 2 4   ARG 4   4   301 ARG LIG B . n 
B 2 5   TYR 5   5   301 TYR LIG B . n 
B 2 6   GLY 6   6   301 GLY LIG B . n 
B 2 7   TRP 7   7   301 TRP LIG B . n 
B 2 8   ASP 8   8   301 ASP LIG B . n 
B 2 9   TYR 9   9   301 TYR LIG B . n 
B 2 10  GLU 10  10  301 GLU LIG B . n 
B 2 11  CYS 11  11  301 CYS LIG B . n 
B 2 12  NH2 12  12  301 NH2 LIG B . n 
# 
loop_
_pdbx_entity_instance_feature.ordinal 
_pdbx_entity_instance_feature.comp_id 
_pdbx_entity_instance_feature.asym_id 
_pdbx_entity_instance_feature.seq_num 
_pdbx_entity_instance_feature.auth_comp_id 
_pdbx_entity_instance_feature.auth_asym_id 
_pdbx_entity_instance_feature.auth_seq_num 
_pdbx_entity_instance_feature.feature_type 
_pdbx_entity_instance_feature.details 
1 NH2 ? ? NH2 ? ? 'SUBJECT OF INVESTIGATION' ? 
2 JFF ? ? JFF ? ? 'SUBJECT OF INVESTIGATION' ? 
# 
loop_
_pdbx_nonpoly_scheme.asym_id 
_pdbx_nonpoly_scheme.entity_id 
_pdbx_nonpoly_scheme.mon_id 
_pdbx_nonpoly_scheme.ndb_seq_num 
_pdbx_nonpoly_scheme.pdb_seq_num 
_pdbx_nonpoly_scheme.auth_seq_num 
_pdbx_nonpoly_scheme.pdb_mon_id 
_pdbx_nonpoly_scheme.auth_mon_id 
_pdbx_nonpoly_scheme.pdb_strand_id 
_pdbx_nonpoly_scheme.pdb_ins_code 
C 3 JFF 1   101 301 JFF LIG B . 
D 4 HOH 1   301 7   HOH HOH A . 
D 4 HOH 2   302 114 HOH HOH A . 
D 4 HOH 3   303 75  HOH HOH A . 
D 4 HOH 4   304 119 HOH HOH A . 
D 4 HOH 5   305 52  HOH HOH A . 
D 4 HOH 6   306 32  HOH HOH A . 
D 4 HOH 7   307 93  HOH HOH A . 
D 4 HOH 8   308 98  HOH HOH A . 
D 4 HOH 9   309 14  HOH HOH A . 
D 4 HOH 10  310 41  HOH HOH A . 
D 4 HOH 11  311 101 HOH HOH A . 
D 4 HOH 12  312 61  HOH HOH A . 
D 4 HOH 13  313 83  HOH HOH A . 
D 4 HOH 14  314 60  HOH HOH A . 
D 4 HOH 15  315 17  HOH HOH A . 
D 4 HOH 16  316 55  HOH HOH A . 
D 4 HOH 17  317 3   HOH HOH A . 
D 4 HOH 18  318 36  HOH HOH A . 
D 4 HOH 19  319 5   HOH HOH A . 
D 4 HOH 20  320 53  HOH HOH A . 
D 4 HOH 21  321 4   HOH HOH A . 
D 4 HOH 22  322 10  HOH HOH A . 
D 4 HOH 23  323 8   HOH HOH A . 
D 4 HOH 24  324 1   HOH HOH A . 
D 4 HOH 25  325 91  HOH HOH A . 
D 4 HOH 26  326 56  HOH HOH A . 
D 4 HOH 27  327 38  HOH HOH A . 
D 4 HOH 28  328 18  HOH HOH A . 
D 4 HOH 29  329 104 HOH HOH A . 
D 4 HOH 30  330 117 HOH HOH A . 
D 4 HOH 31  331 65  HOH HOH A . 
D 4 HOH 32  332 33  HOH HOH A . 
D 4 HOH 33  333 66  HOH HOH A . 
D 4 HOH 34  334 115 HOH HOH A . 
D 4 HOH 35  335 94  HOH HOH A . 
D 4 HOH 36  336 11  HOH HOH A . 
D 4 HOH 37  337 49  HOH HOH A . 
D 4 HOH 38  338 28  HOH HOH A . 
D 4 HOH 39  339 30  HOH HOH A . 
D 4 HOH 40  340 16  HOH HOH A . 
D 4 HOH 41  341 88  HOH HOH A . 
D 4 HOH 42  342 100 HOH HOH A . 
D 4 HOH 43  343 12  HOH HOH A . 
D 4 HOH 44  344 20  HOH HOH A . 
D 4 HOH 45  345 59  HOH HOH A . 
D 4 HOH 46  346 110 HOH HOH A . 
D 4 HOH 47  347 35  HOH HOH A . 
D 4 HOH 48  348 44  HOH HOH A . 
D 4 HOH 49  349 63  HOH HOH A . 
D 4 HOH 50  350 86  HOH HOH A . 
D 4 HOH 51  351 19  HOH HOH A . 
D 4 HOH 52  352 34  HOH HOH A . 
D 4 HOH 53  353 43  HOH HOH A . 
D 4 HOH 54  354 81  HOH HOH A . 
D 4 HOH 55  355 48  HOH HOH A . 
D 4 HOH 56  356 25  HOH HOH A . 
D 4 HOH 57  357 51  HOH HOH A . 
D 4 HOH 58  358 116 HOH HOH A . 
D 4 HOH 59  359 85  HOH HOH A . 
D 4 HOH 60  360 67  HOH HOH A . 
D 4 HOH 61  361 121 HOH HOH A . 
D 4 HOH 62  362 39  HOH HOH A . 
D 4 HOH 63  363 118 HOH HOH A . 
D 4 HOH 64  364 31  HOH HOH A . 
D 4 HOH 65  365 74  HOH HOH A . 
D 4 HOH 66  366 15  HOH HOH A . 
D 4 HOH 67  367 26  HOH HOH A . 
D 4 HOH 68  368 37  HOH HOH A . 
D 4 HOH 69  369 6   HOH HOH A . 
D 4 HOH 70  370 46  HOH HOH A . 
D 4 HOH 71  371 72  HOH HOH A . 
D 4 HOH 72  372 76  HOH HOH A . 
D 4 HOH 73  373 103 HOH HOH A . 
D 4 HOH 74  374 79  HOH HOH A . 
D 4 HOH 75  375 77  HOH HOH A . 
D 4 HOH 76  376 73  HOH HOH A . 
D 4 HOH 77  377 69  HOH HOH A . 
D 4 HOH 78  378 120 HOH HOH A . 
D 4 HOH 79  379 84  HOH HOH A . 
D 4 HOH 80  380 42  HOH HOH A . 
D 4 HOH 81  381 57  HOH HOH A . 
D 4 HOH 82  382 102 HOH HOH A . 
D 4 HOH 83  383 54  HOH HOH A . 
D 4 HOH 84  384 58  HOH HOH A . 
D 4 HOH 85  385 64  HOH HOH A . 
D 4 HOH 86  386 27  HOH HOH A . 
D 4 HOH 87  387 45  HOH HOH A . 
D 4 HOH 88  388 97  HOH HOH A . 
D 4 HOH 89  389 78  HOH HOH A . 
D 4 HOH 90  390 29  HOH HOH A . 
D 4 HOH 91  391 68  HOH HOH A . 
D 4 HOH 92  392 70  HOH HOH A . 
D 4 HOH 93  393 92  HOH HOH A . 
D 4 HOH 94  394 89  HOH HOH A . 
D 4 HOH 95  395 90  HOH HOH A . 
D 4 HOH 96  396 80  HOH HOH A . 
D 4 HOH 97  397 87  HOH HOH A . 
D 4 HOH 98  398 50  HOH HOH A . 
D 4 HOH 99  399 71  HOH HOH A . 
D 4 HOH 100 400 40  HOH HOH A . 
E 4 HOH 1   201 2   HOH HOH B . 
E 4 HOH 2   202 24  HOH HOH B . 
E 4 HOH 3   203 21  HOH HOH B . 
E 4 HOH 4   204 13  HOH HOH B . 
E 4 HOH 5   205 23  HOH HOH B . 
E 4 HOH 6   206 9   HOH HOH B . 
E 4 HOH 7   207 22  HOH HOH B . 
E 4 HOH 8   208 47  HOH HOH B . 
# 
loop_
_pdbx_unobs_or_zero_occ_atoms.id 
_pdbx_unobs_or_zero_occ_atoms.PDB_model_num 
_pdbx_unobs_or_zero_occ_atoms.polymer_flag 
_pdbx_unobs_or_zero_occ_atoms.occupancy_flag 
_pdbx_unobs_or_zero_occ_atoms.auth_asym_id 
_pdbx_unobs_or_zero_occ_atoms.auth_comp_id 
_pdbx_unobs_or_zero_occ_atoms.auth_seq_id 
_pdbx_unobs_or_zero_occ_atoms.PDB_ins_code 
_pdbx_unobs_or_zero_occ_atoms.auth_atom_id 
_pdbx_unobs_or_zero_occ_atoms.label_alt_id 
_pdbx_unobs_or_zero_occ_atoms.label_asym_id 
_pdbx_unobs_or_zero_occ_atoms.label_comp_id 
_pdbx_unobs_or_zero_occ_atoms.label_seq_id 
_pdbx_unobs_or_zero_occ_atoms.label_atom_id 
1 1 Y 1 A GLU 29 ? CG  ? A GLU 29 CG  
2 1 Y 1 A GLU 29 ? CD  ? A GLU 29 CD  
3 1 Y 1 A GLU 29 ? OE1 ? A GLU 29 OE1 
4 1 Y 1 A GLU 29 ? OE2 ? A GLU 29 OE2 
# 
loop_
_software.citation_id 
_software.classification 
_software.compiler_name 
_software.compiler_version 
_software.contact_author 
_software.contact_author_email 
_software.date 
_software.description 
_software.dependencies 
_software.hardware 
_software.language 
_software.location 
_software.mods 
_software.name 
_software.os 
_software.os_version 
_software.type 
_software.version 
_software.pdbx_ordinal 
? 'data scaling'    ? ? ? ? ? ? ? ? ? ? ? HKL-3000    ? ? ? .        1 
? refinement        ? ? ? ? ? ? ? ? ? ? ? REFMAC      ? ? ? 5.8.0267 2 
? 'data extraction' ? ? ? ? ? ? ? ? ? ? ? PDB_EXTRACT ? ? ? 3.27     3 
? 'data reduction'  ? ? ? ? ? ? ? ? ? ? ? HKL-3000    ? ? ? .        4 
? phasing           ? ? ? ? ? ? ? ? ? ? ? PHASER      ? ? ? .        5 
# 
_cell.angle_alpha                  90.000 
_cell.angle_alpha_esd              ? 
_cell.angle_beta                   107.580 
_cell.angle_beta_esd               ? 
_cell.angle_gamma                  90.000 
_cell.angle_gamma_esd              ? 
_cell.entry_id                     7YA5 
_cell.details                      ? 
_cell.formula_units_Z              ? 
_cell.length_a                     37.726 
_cell.length_a_esd                 ? 
_cell.length_b                     50.054 
_cell.length_b_esd                 ? 
_cell.length_c                     48.693 
_cell.length_c_esd                 ? 
_cell.volume                       ? 
_cell.volume_esd                   ? 
_cell.Z_PDB                        2 
_cell.reciprocal_angle_alpha       ? 
_cell.reciprocal_angle_beta        ? 
_cell.reciprocal_angle_gamma       ? 
_cell.reciprocal_angle_alpha_esd   ? 
_cell.reciprocal_angle_beta_esd    ? 
_cell.reciprocal_angle_gamma_esd   ? 
_cell.reciprocal_length_a          ? 
_cell.reciprocal_length_b          ? 
_cell.reciprocal_length_c          ? 
_cell.reciprocal_length_a_esd      ? 
_cell.reciprocal_length_b_esd      ? 
_cell.reciprocal_length_c_esd      ? 
_cell.pdbx_unique_axis             ? 
_cell.pdbx_esd_method              ? 
# 
_symmetry.entry_id                         7YA5 
_symmetry.cell_setting                     ? 
_symmetry.Int_Tables_number                4 
_symmetry.space_group_name_Hall            ? 
_symmetry.space_group_name_H-M             'P 1 21 1' 
_symmetry.pdbx_full_space_group_name_H-M   ? 
# 
_exptl.absorpt_coefficient_mu     ? 
_exptl.absorpt_correction_T_max   ? 
_exptl.absorpt_correction_T_min   ? 
_exptl.absorpt_correction_type    ? 
_exptl.absorpt_process_details    ? 
_exptl.entry_id                   7YA5 
_exptl.crystals_number            1 
_exptl.details                    ? 
_exptl.method                     'X-RAY DIFFRACTION' 
_exptl.method_details             ? 
# 
_exptl_crystal.colour                       ? 
_exptl_crystal.density_diffrn               ? 
_exptl_crystal.density_Matthews             2.06 
_exptl_crystal.density_method               ? 
_exptl_crystal.density_percent_sol          40.42 
_exptl_crystal.description                  ? 
_exptl_crystal.F_000                        ? 
_exptl_crystal.id                           1 
_exptl_crystal.preparation                  ? 
_exptl_crystal.size_max                     ? 
_exptl_crystal.size_mid                     ? 
_exptl_crystal.size_min                     ? 
_exptl_crystal.size_rad                     ? 
_exptl_crystal.colour_lustre                ? 
_exptl_crystal.colour_modifier              ? 
_exptl_crystal.colour_primary               ? 
_exptl_crystal.density_meas                 ? 
_exptl_crystal.density_meas_esd             ? 
_exptl_crystal.density_meas_gt              ? 
_exptl_crystal.density_meas_lt              ? 
_exptl_crystal.density_meas_temp            ? 
_exptl_crystal.density_meas_temp_esd        ? 
_exptl_crystal.density_meas_temp_gt         ? 
_exptl_crystal.density_meas_temp_lt         ? 
_exptl_crystal.pdbx_crystal_image_url       ? 
_exptl_crystal.pdbx_crystal_image_format    ? 
_exptl_crystal.pdbx_mosaicity               ? 
_exptl_crystal.pdbx_mosaicity_esd           ? 
_exptl_crystal.pdbx_mosaic_method           ? 
_exptl_crystal.pdbx_mosaic_block_size       ? 
_exptl_crystal.pdbx_mosaic_block_size_esd   ? 
# 
_exptl_crystal_grow.apparatus       ? 
_exptl_crystal_grow.atmosphere      ? 
_exptl_crystal_grow.crystal_id      1 
_exptl_crystal_grow.details         ? 
_exptl_crystal_grow.method          'VAPOR DIFFUSION' 
_exptl_crystal_grow.method_ref      ? 
_exptl_crystal_grow.pH              ? 
_exptl_crystal_grow.pressure        ? 
_exptl_crystal_grow.pressure_esd    ? 
_exptl_crystal_grow.seeding         ? 
_exptl_crystal_grow.seeding_ref     ? 
_exptl_crystal_grow.temp            277 
_exptl_crystal_grow.temp_details    ? 
_exptl_crystal_grow.temp_esd        ? 
_exptl_crystal_grow.time            ? 
_exptl_crystal_grow.pdbx_details    'Calcium acetate, PEG 3350' 
_exptl_crystal_grow.pdbx_pH_range   ? 
# 
_diffrn.ambient_environment              ? 
_diffrn.ambient_temp                     100 
_diffrn.ambient_temp_details             ? 
_diffrn.ambient_temp_esd                 ? 
_diffrn.crystal_id                       1 
_diffrn.crystal_support                  ? 
_diffrn.crystal_treatment                ? 
_diffrn.details                          ? 
_diffrn.id                               1 
_diffrn.ambient_pressure                 ? 
_diffrn.ambient_pressure_esd             ? 
_diffrn.ambient_pressure_gt              ? 
_diffrn.ambient_pressure_lt              ? 
_diffrn.ambient_temp_gt                  ? 
_diffrn.ambient_temp_lt                  ? 
_diffrn.pdbx_serial_crystal_experiment   N 
# 
_diffrn_detector.details                      mirrors 
_diffrn_detector.detector                     CCD 
_diffrn_detector.diffrn_id                    1 
_diffrn_detector.type                         'ADSC QUANTUM 315' 
_diffrn_detector.area_resol_mean              ? 
_diffrn_detector.dtime                        ? 
_diffrn_detector.pdbx_frames_total            ? 
_diffrn_detector.pdbx_collection_time_total   ? 
_diffrn_detector.pdbx_collection_date         2021-05-21 
_diffrn_detector.pdbx_frequency               ? 
# 
_diffrn_radiation.collimation                      ? 
_diffrn_radiation.diffrn_id                        1 
_diffrn_radiation.filter_edge                      ? 
_diffrn_radiation.inhomogeneity                    ? 
_diffrn_radiation.monochromator                    'Ni FILTER' 
_diffrn_radiation.polarisn_norm                    ? 
_diffrn_radiation.polarisn_ratio                   ? 
_diffrn_radiation.probe                            ? 
_diffrn_radiation.type                             ? 
_diffrn_radiation.xray_symbol                      ? 
_diffrn_radiation.wavelength_id                    1 
_diffrn_radiation.pdbx_monochromatic_or_laue_m_l   M 
_diffrn_radiation.pdbx_wavelength_list             ? 
_diffrn_radiation.pdbx_wavelength                  ? 
_diffrn_radiation.pdbx_diffrn_protocol             'SINGLE WAVELENGTH' 
_diffrn_radiation.pdbx_analyzer                    ? 
_diffrn_radiation.pdbx_scattering_type             x-ray 
# 
_diffrn_radiation_wavelength.id           1 
_diffrn_radiation_wavelength.wavelength   0.976 
_diffrn_radiation_wavelength.wt           1.0 
# 
_diffrn_source.current                     ? 
_diffrn_source.details                     ? 
_diffrn_source.diffrn_id                   1 
_diffrn_source.power                       ? 
_diffrn_source.size                        ? 
_diffrn_source.source                      SYNCHROTRON 
_diffrn_source.target                      ? 
_diffrn_source.type                        'SSRF BEAMLINE BL19U1' 
_diffrn_source.voltage                     ? 
_diffrn_source.take-off_angle              ? 
_diffrn_source.pdbx_wavelength_list        0.976 
_diffrn_source.pdbx_wavelength             ? 
_diffrn_source.pdbx_synchrotron_beamline   BL19U1 
_diffrn_source.pdbx_synchrotron_site       SSRF 
# 
_reflns.B_iso_Wilson_estimate                          ? 
_reflns.entry_id                                       7YA5 
_reflns.data_reduction_details                         ? 
_reflns.data_reduction_method                          ? 
_reflns.d_resolution_high                              1.850 
_reflns.d_resolution_low                               50.000 
_reflns.details                                        ? 
_reflns.limit_h_max                                    ? 
_reflns.limit_h_min                                    ? 
_reflns.limit_k_max                                    ? 
_reflns.limit_k_min                                    ? 
_reflns.limit_l_max                                    ? 
_reflns.limit_l_min                                    ? 
_reflns.number_all                                     ? 
_reflns.number_obs                                     13695 
_reflns.observed_criterion                             ? 
_reflns.observed_criterion_F_max                       ? 
_reflns.observed_criterion_F_min                       ? 
_reflns.observed_criterion_I_max                       ? 
_reflns.observed_criterion_I_min                       ? 
_reflns.observed_criterion_sigma_F                     ? 
_reflns.observed_criterion_sigma_I                     ? 
_reflns.percent_possible_obs                           92.100 
_reflns.R_free_details                                 ? 
_reflns.Rmerge_F_all                                   ? 
_reflns.Rmerge_F_obs                                   ? 
_reflns.Friedel_coverage                               ? 
_reflns.number_gt                                      ? 
_reflns.threshold_expression                           ? 
_reflns.pdbx_redundancy                                2.900 
_reflns.pdbx_Rmerge_I_obs                              0.087 
_reflns.pdbx_Rmerge_I_all                              ? 
_reflns.pdbx_Rsym_value                                ? 
_reflns.pdbx_netI_over_av_sigmaI                       ? 
_reflns.pdbx_netI_over_sigmaI                          6.700 
_reflns.pdbx_res_netI_over_av_sigmaI_2                 ? 
_reflns.pdbx_res_netI_over_sigmaI_2                    ? 
_reflns.pdbx_chi_squared                               0.937 
_reflns.pdbx_scaling_rejects                           ? 
_reflns.pdbx_d_res_high_opt                            ? 
_reflns.pdbx_d_res_low_opt                             ? 
_reflns.pdbx_d_res_opt_method                          ? 
_reflns.phase_calculation_details                      ? 
_reflns.pdbx_Rrim_I_all                                0.106 
_reflns.pdbx_Rpim_I_all                                0.059 
_reflns.pdbx_d_opt                                     ? 
_reflns.pdbx_number_measured_all                       39933 
_reflns.pdbx_diffrn_id                                 1 
_reflns.pdbx_ordinal                                   1 
_reflns.pdbx_CC_half                                   ? 
_reflns.pdbx_CC_star                                   ? 
_reflns.pdbx_R_split                                   ? 
_reflns.pdbx_aniso_diffraction_limit_axis_1_ortho[1]   ? 
_reflns.pdbx_aniso_diffraction_limit_axis_1_ortho[2]   ? 
_reflns.pdbx_aniso_diffraction_limit_axis_1_ortho[3]   ? 
_reflns.pdbx_aniso_diffraction_limit_axis_2_ortho[1]   ? 
_reflns.pdbx_aniso_diffraction_limit_axis_2_ortho[2]   ? 
_reflns.pdbx_aniso_diffraction_limit_axis_2_ortho[3]   ? 
_reflns.pdbx_aniso_diffraction_limit_axis_3_ortho[1]   ? 
_reflns.pdbx_aniso_diffraction_limit_axis_3_ortho[2]   ? 
_reflns.pdbx_aniso_diffraction_limit_axis_3_ortho[3]   ? 
_reflns.pdbx_aniso_diffraction_limit_1                 ? 
_reflns.pdbx_aniso_diffraction_limit_2                 ? 
_reflns.pdbx_aniso_diffraction_limit_3                 ? 
_reflns.pdbx_aniso_B_tensor_eigenvector_1_ortho[1]     ? 
_reflns.pdbx_aniso_B_tensor_eigenvector_1_ortho[2]     ? 
_reflns.pdbx_aniso_B_tensor_eigenvector_1_ortho[3]     ? 
_reflns.pdbx_aniso_B_tensor_eigenvector_2_ortho[1]     ? 
_reflns.pdbx_aniso_B_tensor_eigenvector_2_ortho[2]     ? 
_reflns.pdbx_aniso_B_tensor_eigenvector_2_ortho[3]     ? 
_reflns.pdbx_aniso_B_tensor_eigenvector_3_ortho[1]     ? 
_reflns.pdbx_aniso_B_tensor_eigenvector_3_ortho[2]     ? 
_reflns.pdbx_aniso_B_tensor_eigenvector_3_ortho[3]     ? 
_reflns.pdbx_aniso_B_tensor_eigenvalue_1               ? 
_reflns.pdbx_aniso_B_tensor_eigenvalue_2               ? 
_reflns.pdbx_aniso_B_tensor_eigenvalue_3               ? 
_reflns.pdbx_orthogonalization_convention              ? 
_reflns.pdbx_percent_possible_ellipsoidal              ? 
_reflns.pdbx_percent_possible_spherical                ? 
_reflns.pdbx_percent_possible_ellipsoidal_anomalous    ? 
_reflns.pdbx_percent_possible_spherical_anomalous      ? 
_reflns.pdbx_redundancy_anomalous                      ? 
_reflns.pdbx_CC_half_anomalous                         ? 
_reflns.pdbx_absDiff_over_sigma_anomalous              ? 
_reflns.pdbx_percent_possible_anomalous                ? 
_reflns.pdbx_observed_signal_threshold                 ? 
_reflns.pdbx_signal_type                               ? 
_reflns.pdbx_signal_details                            ? 
_reflns.pdbx_signal_software_id                        ? 
_reflns.pdbx_CC_split_method                           ? 
# 
loop_
_reflns_shell.d_res_high 
_reflns_shell.d_res_low 
_reflns_shell.meanI_over_sigI_all 
_reflns_shell.meanI_over_sigI_obs 
_reflns_shell.number_measured_all 
_reflns_shell.number_measured_obs 
_reflns_shell.number_possible 
_reflns_shell.number_unique_all 
_reflns_shell.number_unique_obs 
_reflns_shell.percent_possible_all 
_reflns_shell.percent_possible_obs 
_reflns_shell.Rmerge_F_all 
_reflns_shell.Rmerge_F_obs 
_reflns_shell.Rmerge_I_all 
_reflns_shell.Rmerge_I_obs 
_reflns_shell.meanI_over_sigI_gt 
_reflns_shell.meanI_over_uI_all 
_reflns_shell.meanI_over_uI_gt 
_reflns_shell.number_measured_gt 
_reflns_shell.number_unique_gt 
_reflns_shell.percent_possible_gt 
_reflns_shell.Rmerge_F_gt 
_reflns_shell.Rmerge_I_gt 
_reflns_shell.pdbx_redundancy 
_reflns_shell.pdbx_Rsym_value 
_reflns_shell.pdbx_chi_squared 
_reflns_shell.pdbx_netI_over_sigmaI_all 
_reflns_shell.pdbx_netI_over_sigmaI_obs 
_reflns_shell.pdbx_Rrim_I_all 
_reflns_shell.pdbx_Rpim_I_all 
_reflns_shell.pdbx_rejects 
_reflns_shell.pdbx_ordinal 
_reflns_shell.pdbx_diffrn_id 
_reflns_shell.pdbx_CC_half 
_reflns_shell.pdbx_CC_star 
_reflns_shell.pdbx_R_split 
_reflns_shell.pdbx_percent_possible_ellipsoidal 
_reflns_shell.pdbx_percent_possible_spherical 
_reflns_shell.pdbx_percent_possible_ellipsoidal_anomalous 
_reflns_shell.pdbx_percent_possible_spherical_anomalous 
_reflns_shell.pdbx_redundancy_anomalous 
_reflns_shell.pdbx_CC_half_anomalous 
_reflns_shell.pdbx_absDiff_over_sigma_anomalous 
_reflns_shell.pdbx_percent_possible_anomalous 
1.850 1.880  ? ? ? ? ? ? 522 71.900 ? ? ? ? 0.342 ? ? ? ? ? ? ? ? 2.500 ? 0.869 ? ? 0.420 0.239 ? 1  1 0.866 ? ? ? ? ? ? ? ? ? ? 
1.880 1.920  ? ? ? ? ? ? 537 74.200 ? ? ? ? 0.391 ? ? ? ? ? ? ? ? 2.500 ? 0.950 ? ? 0.480 0.274 ? 2  1 0.866 ? ? ? ? ? ? ? ? ? ? 
1.920 1.950  ? ? ? ? ? ? 590 78.600 ? ? ? ? 0.370 ? ? ? ? ? ? ? ? 2.600 ? 1.007 ? ? 0.455 0.261 ? 3  1 0.893 ? ? ? ? ? ? ? ? ? ? 
1.950 1.990  ? ? ? ? ? ? 590 79.900 ? ? ? ? 0.303 ? ? ? ? ? ? ? ? 2.700 ? 0.949 ? ? 0.373 0.214 ? 4  1 0.911 ? ? ? ? ? ? ? ? ? ? 
1.990 2.040  ? ? ? ? ? ? 618 86.400 ? ? ? ? 0.290 ? ? ? ? ? ? ? ? 2.700 ? 0.949 ? ? 0.356 0.203 ? 5  1 0.913 ? ? ? ? ? ? ? ? ? ? 
2.040 2.080  ? ? ? ? ? ? 657 86.900 ? ? ? ? 0.271 ? ? ? ? ? ? ? ? 2.700 ? 0.981 ? ? 0.334 0.191 ? 6  1 0.919 ? ? ? ? ? ? ? ? ? ? 
2.080 2.140  ? ? ? ? ? ? 644 89.000 ? ? ? ? 0.244 ? ? ? ? ? ? ? ? 2.800 ? 0.993 ? ? 0.300 0.171 ? 7  1 0.935 ? ? ? ? ? ? ? ? ? ? 
2.140 2.190  ? ? ? ? ? ? 684 91.900 ? ? ? ? 0.191 ? ? ? ? ? ? ? ? 2.600 ? 0.921 ? ? 0.237 0.138 ? 8  1 0.962 ? ? ? ? ? ? ? ? ? ? 
2.190 2.260  ? ? ? ? ? ? 741 97.400 ? ? ? ? 0.199 ? ? ? ? ? ? ? ? 3.000 ? 0.931 ? ? 0.242 0.135 ? 9  1 0.961 ? ? ? ? ? ? ? ? ? ? 
2.260 2.330  ? ? ? ? ? ? 726 99.200 ? ? ? ? 0.190 ? ? ? ? ? ? ? ? 3.100 ? 0.906 ? ? 0.230 0.127 ? 10 1 0.967 ? ? ? ? ? ? ? ? ? ? 
2.330 2.410  ? ? ? ? ? ? 733 99.300 ? ? ? ? 0.163 ? ? ? ? ? ? ? ? 3.200 ? 0.860 ? ? 0.197 0.109 ? 11 1 0.977 ? ? ? ? ? ? ? ? ? ? 
2.410 2.510  ? ? ? ? ? ? 730 98.500 ? ? ? ? 0.153 ? ? ? ? ? ? ? ? 3.100 ? 0.972 ? ? 0.184 0.100 ? 12 1 0.976 ? ? ? ? ? ? ? ? ? ? 
2.510 2.630  ? ? ? ? ? ? 717 98.000 ? ? ? ? 0.136 ? ? ? ? ? ? ? ? 3.200 ? 0.965 ? ? 0.163 0.089 ? 13 1 0.981 ? ? ? ? ? ? ? ? ? ? 
2.630 2.760  ? ? ? ? ? ? 738 98.100 ? ? ? ? 0.113 ? ? ? ? ? ? ? ? 3.000 ? 0.979 ? ? 0.138 0.078 ? 14 1 0.984 ? ? ? ? ? ? ? ? ? ? 
2.760 2.940  ? ? ? ? ? ? 735 98.300 ? ? ? ? 0.090 ? ? ? ? ? ? ? ? 2.900 ? 0.915 ? ? 0.111 0.063 ? 15 1 0.988 ? ? ? ? ? ? ? ? ? ? 
2.940 3.160  ? ? ? ? ? ? 751 99.900 ? ? ? ? 0.083 ? ? ? ? ? ? ? ? 3.200 ? 0.869 ? ? 0.099 0.054 ? 16 1 0.990 ? ? ? ? ? ? ? ? ? ? 
3.160 3.480  ? ? ? ? ? ? 743 98.800 ? ? ? ? 0.078 ? ? ? ? ? ? ? ? 3.200 ? 0.947 ? ? 0.094 0.052 ? 17 1 0.987 ? ? ? ? ? ? ? ? ? ? 
3.480 3.990  ? ? ? ? ? ? 720 98.000 ? ? ? ? 0.067 ? ? ? ? ? ? ? ? 3.000 ? 0.880 ? ? 0.082 0.046 ? 18 1 0.989 ? ? ? ? ? ? ? ? ? ? 
3.990 5.020  ? ? ? ? ? ? 755 98.800 ? ? ? ? 0.065 ? ? ? ? ? ? ? ? 3.000 ? 0.910 ? ? 0.079 0.044 ? 19 1 0.987 ? ? ? ? ? ? ? ? ? ? 
5.020 50.000 ? ? ? ? ? ? 764 97.800 ? ? ? ? 0.073 ? ? ? ? ? ? ? ? 3.000 ? 1.032 ? ? 0.089 0.049 ? 20 1 0.990 ? ? ? ? ? ? ? ? ? ? 
# 
_refine.aniso_B[1][1]                            -1.2900 
_refine.aniso_B[1][2]                            0.0000 
_refine.aniso_B[1][3]                            0.7700 
_refine.aniso_B[2][2]                            -1.4700 
_refine.aniso_B[2][3]                            0.0000 
_refine.aniso_B[3][3]                            1.8900 
_refine.B_iso_max                                71.950 
_refine.B_iso_mean                               26.5430 
_refine.B_iso_min                                13.160 
_refine.correlation_coeff_Fo_to_Fc               0.9460 
_refine.correlation_coeff_Fo_to_Fc_free          0.9190 
_refine.details                                  
'HYDROGENS HAVE BEEN ADDED IN THE RIDING POSITIONS U VALUES      : REFINED INDIVIDUALLY' 
_refine.diff_density_max                         ? 
_refine.diff_density_max_esd                     ? 
_refine.diff_density_min                         ? 
_refine.diff_density_min_esd                     ? 
_refine.diff_density_rms                         ? 
_refine.diff_density_rms_esd                     ? 
_refine.entry_id                                 7YA5 
_refine.pdbx_refine_id                           'X-RAY DIFFRACTION' 
_refine.ls_abs_structure_details                 ? 
_refine.ls_abs_structure_Flack                   ? 
_refine.ls_abs_structure_Flack_esd               ? 
_refine.ls_abs_structure_Rogers                  ? 
_refine.ls_abs_structure_Rogers_esd              ? 
_refine.ls_d_res_high                            1.8500 
_refine.ls_d_res_low                             29.2200 
_refine.ls_extinction_coef                       ? 
_refine.ls_extinction_coef_esd                   ? 
_refine.ls_extinction_expression                 ? 
_refine.ls_extinction_method                     ? 
_refine.ls_goodness_of_fit_all                   ? 
_refine.ls_goodness_of_fit_all_esd               ? 
_refine.ls_goodness_of_fit_obs                   ? 
_refine.ls_goodness_of_fit_obs_esd               ? 
_refine.ls_hydrogen_treatment                    ? 
_refine.ls_matrix_type                           ? 
_refine.ls_number_constraints                    ? 
_refine.ls_number_parameters                     ? 
_refine.ls_number_reflns_all                     ? 
_refine.ls_number_reflns_obs                     10965 
_refine.ls_number_reflns_R_free                  584 
_refine.ls_number_reflns_R_work                  ? 
_refine.ls_number_restraints                     ? 
_refine.ls_percent_reflns_obs                    77.5600 
_refine.ls_percent_reflns_R_free                 5.1000 
_refine.ls_R_factor_all                          ? 
_refine.ls_R_factor_obs                          0.1934 
_refine.ls_R_factor_R_free                       0.2435 
_refine.ls_R_factor_R_free_error                 ? 
_refine.ls_R_factor_R_free_error_details         ? 
_refine.ls_R_factor_R_work                       0.1907 
_refine.ls_R_Fsqd_factor_obs                     ? 
_refine.ls_R_I_factor_obs                        ? 
_refine.ls_redundancy_reflns_all                 ? 
_refine.ls_redundancy_reflns_obs                 ? 
_refine.ls_restrained_S_all                      ? 
_refine.ls_restrained_S_obs                      ? 
_refine.ls_shift_over_esd_max                    ? 
_refine.ls_shift_over_esd_mean                   ? 
_refine.ls_structure_factor_coef                 ? 
_refine.ls_weighting_details                     ? 
_refine.ls_weighting_scheme                      ? 
_refine.ls_wR_factor_all                         ? 
_refine.ls_wR_factor_obs                         ? 
_refine.ls_wR_factor_R_free                      ? 
_refine.ls_wR_factor_R_work                      ? 
_refine.occupancy_max                            ? 
_refine.occupancy_min                            ? 
_refine.solvent_model_details                    MASK 
_refine.solvent_model_param_bsol                 ? 
_refine.solvent_model_param_ksol                 ? 
_refine.pdbx_R_complete                          ? 
_refine.ls_R_factor_gt                           ? 
_refine.ls_goodness_of_fit_gt                    ? 
_refine.ls_goodness_of_fit_ref                   ? 
_refine.ls_shift_over_su_max                     ? 
_refine.ls_shift_over_su_max_lt                  ? 
_refine.ls_shift_over_su_mean                    ? 
_refine.ls_shift_over_su_mean_lt                 ? 
_refine.pdbx_ls_sigma_I                          ? 
_refine.pdbx_ls_sigma_F                          0.000 
_refine.pdbx_ls_sigma_Fsqd                       ? 
_refine.pdbx_data_cutoff_high_absF               ? 
_refine.pdbx_data_cutoff_high_rms_absF           ? 
_refine.pdbx_data_cutoff_low_absF                ? 
_refine.pdbx_isotropic_thermal_model             ? 
_refine.pdbx_ls_cross_valid_method               THROUGHOUT 
_refine.pdbx_method_to_determine_struct          'MOLECULAR REPLACEMENT' 
_refine.pdbx_starting_model                      ? 
_refine.pdbx_stereochemistry_target_values       'MAXIMUM LIKELIHOOD' 
_refine.pdbx_R_Free_selection_details            RANDOM 
_refine.pdbx_stereochem_target_val_spec_case     ? 
_refine.pdbx_overall_ESU_R                       0.1970 
_refine.pdbx_overall_ESU_R_Free                  0.1770 
_refine.pdbx_solvent_vdw_probe_radii             1.2000 
_refine.pdbx_solvent_ion_probe_radii             0.8000 
_refine.pdbx_solvent_shrinkage_radii             0.8000 
_refine.pdbx_real_space_R                        ? 
_refine.pdbx_density_correlation                 ? 
_refine.pdbx_pd_number_of_powder_patterns        ? 
_refine.pdbx_pd_number_of_points                 ? 
_refine.pdbx_pd_meas_number_of_points            ? 
_refine.pdbx_pd_proc_ls_prof_R_factor            ? 
_refine.pdbx_pd_proc_ls_prof_wR_factor           ? 
_refine.pdbx_pd_Marquardt_correlation_coeff      ? 
_refine.pdbx_pd_Fsqrd_R_factor                   ? 
_refine.pdbx_pd_ls_matrix_band_width             ? 
_refine.pdbx_overall_phase_error                 ? 
_refine.pdbx_overall_SU_R_free_Cruickshank_DPI   ? 
_refine.pdbx_overall_SU_R_free_Blow_DPI          ? 
_refine.pdbx_overall_SU_R_Blow_DPI               ? 
_refine.pdbx_TLS_residual_ADP_flag               ? 
_refine.pdbx_diffrn_id                           1 
_refine.overall_SU_B                             3.5670 
_refine.overall_SU_ML                            0.1110 
_refine.overall_SU_R_Cruickshank_DPI             ? 
_refine.overall_SU_R_free                        ? 
_refine.overall_FOM_free_R_set                   ? 
_refine.overall_FOM_work_R_set                   ? 
_refine.pdbx_average_fsc_overall                 ? 
_refine.pdbx_average_fsc_work                    ? 
_refine.pdbx_average_fsc_free                    ? 
# 
_refine_hist.pdbx_refine_id                   'X-RAY DIFFRACTION' 
_refine_hist.cycle_id                         final 
_refine_hist.details                          ? 
_refine_hist.d_res_high                       1.8500 
_refine_hist.d_res_low                        29.2200 
_refine_hist.number_atoms_solvent             108 
_refine_hist.number_atoms_total               1381 
_refine_hist.number_reflns_all                ? 
_refine_hist.number_reflns_obs                ? 
_refine_hist.number_reflns_R_free             ? 
_refine_hist.number_reflns_R_work             ? 
_refine_hist.R_factor_all                     ? 
_refine_hist.R_factor_obs                     ? 
_refine_hist.R_factor_R_free                  ? 
_refine_hist.R_factor_R_work                  ? 
_refine_hist.pdbx_number_residues_total       139 
_refine_hist.pdbx_B_iso_mean_ligand           21.46 
_refine_hist.pdbx_B_iso_mean_solvent          38.24 
_refine_hist.pdbx_number_atoms_protein        1162 
_refine_hist.pdbx_number_atoms_nucleic_acid   0 
_refine_hist.pdbx_number_atoms_ligand         111 
_refine_hist.pdbx_number_atoms_lipid          ? 
_refine_hist.pdbx_number_atoms_carb           ? 
_refine_hist.pdbx_pseudo_atom_details         ? 
# 
loop_
_refine_ls_restr.pdbx_refine_id 
_refine_ls_restr.criterion 
_refine_ls_restr.dev_ideal 
_refine_ls_restr.dev_ideal_target 
_refine_ls_restr.number 
_refine_ls_restr.rejects 
_refine_ls_restr.type 
_refine_ls_restr.weight 
_refine_ls_restr.pdbx_restraint_function 
'X-RAY DIFFRACTION' ? 0.010  0.013  1309 ? r_bond_refined_d       ? ? 
'X-RAY DIFFRACTION' ? 0.001  0.018  1150 ? r_bond_other_d         ? ? 
'X-RAY DIFFRACTION' ? 1.884  1.761  1773 ? r_angle_refined_deg    ? ? 
'X-RAY DIFFRACTION' ? 1.468  1.686  2619 ? r_angle_other_deg      ? ? 
'X-RAY DIFFRACTION' ? 5.920  5.000  139  ? r_dihedral_angle_1_deg ? ? 
'X-RAY DIFFRACTION' ? 36.326 20.370 81   ? r_dihedral_angle_2_deg ? ? 
'X-RAY DIFFRACTION' ? 19.232 15.000 191  ? r_dihedral_angle_3_deg ? ? 
'X-RAY DIFFRACTION' ? 19.976 15.000 13   ? r_dihedral_angle_4_deg ? ? 
'X-RAY DIFFRACTION' ? 0.080  0.200  149  ? r_chiral_restr         ? ? 
'X-RAY DIFFRACTION' ? 0.008  0.020  1478 ? r_gen_planes_refined   ? ? 
'X-RAY DIFFRACTION' ? 0.001  0.020  367  ? r_gen_planes_other     ? ? 
# 
_refine_ls_shell.pdbx_refine_id                   'X-RAY DIFFRACTION' 
_refine_ls_shell.d_res_high                       1.8500 
_refine_ls_shell.d_res_low                        1.8980 
_refine_ls_shell.number_reflns_all                476 
_refine_ls_shell.number_reflns_obs                ? 
_refine_ls_shell.number_reflns_R_free             20 
_refine_ls_shell.number_reflns_R_work             456 
_refine_ls_shell.percent_reflns_obs               43.9900 
_refine_ls_shell.percent_reflns_R_free            ? 
_refine_ls_shell.R_factor_all                     ? 
_refine_ls_shell.R_factor_obs                     ? 
_refine_ls_shell.R_factor_R_free                  0.2980 
_refine_ls_shell.R_factor_R_free_error            0.0000 
_refine_ls_shell.R_factor_R_work                  0.2150 
_refine_ls_shell.redundancy_reflns_all            ? 
_refine_ls_shell.redundancy_reflns_obs            ? 
_refine_ls_shell.wR_factor_all                    ? 
_refine_ls_shell.wR_factor_obs                    ? 
_refine_ls_shell.wR_factor_R_free                 ? 
_refine_ls_shell.wR_factor_R_work                 ? 
_refine_ls_shell.pdbx_R_complete                  ? 
_refine_ls_shell.pdbx_total_number_of_bins_used   20 
_refine_ls_shell.pdbx_phase_error                 ? 
_refine_ls_shell.pdbx_fsc_work                    ? 
_refine_ls_shell.pdbx_fsc_free                    ? 
# 
_struct.entry_id                     7YA5 
_struct.title                        'Crystal structure analysis of cp1 bound BCL2/G101V' 
_struct.pdbx_model_details           ? 
_struct.pdbx_formula_weight          ? 
_struct.pdbx_formula_weight_method   ? 
_struct.pdbx_model_type_details      ? 
_struct.pdbx_CASP_flag               N 
# 
_struct_keywords.entry_id        7YA5 
_struct_keywords.text            'Complex, APOPTOSIS' 
_struct_keywords.pdbx_keywords   APOPTOSIS 
# 
loop_
_struct_asym.id 
_struct_asym.pdbx_blank_PDB_chainid_flag 
_struct_asym.pdbx_modified 
_struct_asym.entity_id 
_struct_asym.details 
A N N 1 ? 
B N N 2 ? 
C N N 3 ? 
D N N 4 ? 
E N N 4 ? 
# 
loop_
_struct_ref.id 
_struct_ref.db_name 
_struct_ref.db_code 
_struct_ref.pdbx_db_accession 
_struct_ref.pdbx_db_isoform 
_struct_ref.entity_id 
_struct_ref.pdbx_seq_one_letter_code 
_struct_ref.pdbx_align_begin 
1 UNP BCL2_HUMAN P10415 ? 1 MAHAGRTGYDNREIVMKYIHYKLSQRGYEWDAGD 1  
2 UNP BCL2_HUMAN P10415 ? 1 
;VVHLTLRQAGDDFSRRYRRDFAEMSSQLHLTPFTARGRFATVVEELFRDGVNWGRIVAFFEFGGVMCVESVNREMSPLVD
NIALWMTEYLNRHLHTWIQDNGGWDAFVELYGPSMR
;
92 
3 PDB 7YA5       7YA5   ? 2 ? 1  
# 
loop_
_struct_ref_seq.align_id 
_struct_ref_seq.ref_id 
_struct_ref_seq.pdbx_PDB_id_code 
_struct_ref_seq.pdbx_strand_id 
_struct_ref_seq.seq_align_beg 
_struct_ref_seq.pdbx_seq_align_beg_ins_code 
_struct_ref_seq.seq_align_end 
_struct_ref_seq.pdbx_seq_align_end_ins_code 
_struct_ref_seq.pdbx_db_accession 
_struct_ref_seq.db_align_beg 
_struct_ref_seq.pdbx_db_align_beg_ins_code 
_struct_ref_seq.db_align_end 
_struct_ref_seq.pdbx_db_align_end_ins_code 
_struct_ref_seq.pdbx_auth_seq_align_beg 
_struct_ref_seq.pdbx_auth_seq_align_end 
1 1 7YA5 A 1  ? 34  ? P10415 1  ? 34  ? 1  75  
2 2 7YA5 A 51 ? 166 ? P10415 92 ? 207 ? 92 207 
3 3 7YA5 B 1  ? 12  ? 7YA5   1  ? 12  ? 1  12  
# 
loop_
_struct_ref_seq_dif.align_id 
_struct_ref_seq_dif.pdbx_pdb_id_code 
_struct_ref_seq_dif.mon_id 
_struct_ref_seq_dif.pdbx_pdb_strand_id 
_struct_ref_seq_dif.seq_num 
_struct_ref_seq_dif.pdbx_pdb_ins_code 
_struct_ref_seq_dif.pdbx_seq_db_name 
_struct_ref_seq_dif.pdbx_seq_db_accession_code 
_struct_ref_seq_dif.db_mon_id 
_struct_ref_seq_dif.pdbx_seq_db_seq_num 
_struct_ref_seq_dif.details 
_struct_ref_seq_dif.pdbx_auth_seq_num 
_struct_ref_seq_dif.pdbx_ordinal 
1 7YA5 ASP A 35 ? UNP P10415 ?   ?   linker                76  1  
1 7YA5 VAL A 36 ? UNP P10415 ?   ?   linker                77  2  
1 7YA5 GLU A 37 ? UNP P10415 ?   ?   linker                78  3  
1 7YA5 GLU A 38 ? UNP P10415 ?   ?   linker                79  4  
1 7YA5 ASN A 39 ? UNP P10415 ?   ?   linker                80  5  
1 7YA5 ARG A 40 ? UNP P10415 ?   ?   linker                81  6  
1 7YA5 THR A 41 ? UNP P10415 ?   ?   linker                82  7  
1 7YA5 GLU A 42 ? UNP P10415 ?   ?   linker                83  8  
1 7YA5 ALA A 43 ? UNP P10415 ?   ?   linker                84  9  
1 7YA5 PRO A 44 ? UNP P10415 ?   ?   linker                85  10 
1 7YA5 GLU A 45 ? UNP P10415 ?   ?   linker                86  11 
1 7YA5 GLY A 46 ? UNP P10415 ?   ?   linker                87  12 
1 7YA5 THR A 47 ? UNP P10415 ?   ?   linker                88  13 
1 7YA5 GLU A 48 ? UNP P10415 ?   ?   linker                89  14 
1 7YA5 SER A 49 ? UNP P10415 ?   ?   linker                90  15 
1 7YA5 GLU A 50 ? UNP P10415 ?   ?   linker                91  16 
2 7YA5 VAL A 60 ? UNP P10415 GLY 101 'engineered mutation' 101 17 
# 
_pdbx_struct_assembly.id                   1 
_pdbx_struct_assembly.details              author_defined_assembly 
_pdbx_struct_assembly.method_details       ? 
_pdbx_struct_assembly.oligomeric_details   dimeric 
_pdbx_struct_assembly.oligomeric_count     2 
# 
_pdbx_struct_assembly_gen.assembly_id       1 
_pdbx_struct_assembly_gen.oper_expression   1 
_pdbx_struct_assembly_gen.asym_id_list      A,B,C,D,E 
# 
_pdbx_struct_assembly_auth_evidence.id                     1 
_pdbx_struct_assembly_auth_evidence.assembly_id            1 
_pdbx_struct_assembly_auth_evidence.experimental_support   none 
_pdbx_struct_assembly_auth_evidence.details                ? 
# 
_pdbx_struct_oper_list.id                   1 
_pdbx_struct_oper_list.type                 'identity operation' 
_pdbx_struct_oper_list.name                 1_555 
_pdbx_struct_oper_list.symmetry_operation   x,y,z 
_pdbx_struct_oper_list.matrix[1][1]         1.0000000000 
_pdbx_struct_oper_list.matrix[1][2]         0.0000000000 
_pdbx_struct_oper_list.matrix[1][3]         0.0000000000 
_pdbx_struct_oper_list.vector[1]            0.0000000000 
_pdbx_struct_oper_list.matrix[2][1]         0.0000000000 
_pdbx_struct_oper_list.matrix[2][2]         1.0000000000 
_pdbx_struct_oper_list.matrix[2][3]         0.0000000000 
_pdbx_struct_oper_list.vector[2]            0.0000000000 
_pdbx_struct_oper_list.matrix[3][1]         0.0000000000 
_pdbx_struct_oper_list.matrix[3][2]         0.0000000000 
_pdbx_struct_oper_list.matrix[3][3]         1.0000000000 
_pdbx_struct_oper_list.vector[3]            0.0000000000 
# 
loop_
_struct_conf.conf_type_id 
_struct_conf.id 
_struct_conf.pdbx_PDB_helix_id 
_struct_conf.beg_label_comp_id 
_struct_conf.beg_label_asym_id 
_struct_conf.beg_label_seq_id 
_struct_conf.pdbx_beg_PDB_ins_code 
_struct_conf.end_label_comp_id 
_struct_conf.end_label_asym_id 
_struct_conf.end_label_seq_id 
_struct_conf.pdbx_end_PDB_ins_code 
_struct_conf.beg_auth_comp_id 
_struct_conf.beg_auth_asym_id 
_struct_conf.beg_auth_seq_id 
_struct_conf.end_auth_comp_id 
_struct_conf.end_auth_asym_id 
_struct_conf.end_auth_seq_id 
_struct_conf.pdbx_PDB_helix_class 
_struct_conf.details 
_struct_conf.pdbx_PDB_helix_length 
HELX_P HELX_P1 AA1 ASP A 10  ? ARG A 26  ? ASP A 10  ARG A 26  1 ? 17 
HELX_P HELX_P2 AA2 SER A 49  ? TYR A 67  ? SER A 90  TYR A 108 1 ? 19 
HELX_P HELX_P3 AA3 TYR A 67  ? SER A 76  ? TYR A 108 SER A 117 1 ? 10 
HELX_P HELX_P4 AA4 THR A 84  ? ARG A 98  ? THR A 125 ARG A 139 1 ? 15 
HELX_P HELX_P5 AA5 ASN A 102 ? ARG A 123 ? ASN A 143 ARG A 164 1 ? 22 
HELX_P HELX_P6 AA6 PRO A 127 ? LEU A 144 ? PRO A 168 LEU A 185 1 ? 18 
HELX_P HELX_P7 AA7 LEU A 144 ? ASN A 151 ? LEU A 185 ASN A 192 1 ? 8  
HELX_P HELX_P8 AA8 GLY A 152 ? GLY A 162 ? GLY A 193 GLY A 203 1 ? 11 
HELX_P HELX_P9 AA9 TYR B 5   ? GLU B 10  ? TYR B 5   GLU B 10  5 ? 6  
# 
_struct_conf_type.id          HELX_P 
_struct_conf_type.criteria    ? 
_struct_conf_type.reference   ? 
# 
loop_
_struct_conn.id 
_struct_conn.conn_type_id 
_struct_conn.pdbx_leaving_atom_flag 
_struct_conn.pdbx_PDB_id 
_struct_conn.ptnr1_label_asym_id 
_struct_conn.ptnr1_label_comp_id 
_struct_conn.ptnr1_label_seq_id 
_struct_conn.ptnr1_label_atom_id 
_struct_conn.pdbx_ptnr1_label_alt_id 
_struct_conn.pdbx_ptnr1_PDB_ins_code 
_struct_conn.pdbx_ptnr1_standard_comp_id 
_struct_conn.ptnr1_symmetry 
_struct_conn.ptnr2_label_asym_id 
_struct_conn.ptnr2_label_comp_id 
_struct_conn.ptnr2_label_seq_id 
_struct_conn.ptnr2_label_atom_id 
_struct_conn.pdbx_ptnr2_label_alt_id 
_struct_conn.pdbx_ptnr2_PDB_ins_code 
_struct_conn.ptnr1_auth_asym_id 
_struct_conn.ptnr1_auth_comp_id 
_struct_conn.ptnr1_auth_seq_id 
_struct_conn.ptnr2_auth_asym_id 
_struct_conn.ptnr2_auth_comp_id 
_struct_conn.ptnr2_auth_seq_id 
_struct_conn.ptnr2_symmetry 
_struct_conn.pdbx_ptnr3_label_atom_id 
_struct_conn.pdbx_ptnr3_label_seq_id 
_struct_conn.pdbx_ptnr3_label_comp_id 
_struct_conn.pdbx_ptnr3_label_asym_id 
_struct_conn.pdbx_ptnr3_label_alt_id 
_struct_conn.pdbx_ptnr3_PDB_ins_code 
_struct_conn.details 
_struct_conn.pdbx_dist_value 
_struct_conn.pdbx_value_order 
_struct_conn.pdbx_role 
covale1 covale one  ? B CYS 1  N  ? ? ? 1_555 C JFF .  C1  ? ? B CYS 1  B JFF 101 1_555 ? ? ? ? ? ? ? 1.388 ? ? 
covale2 covale none ? B CYS 1  SG ? ? ? 1_555 C JFF .  C1  ? ? B CYS 1  B JFF 101 1_555 ? ? ? ? ? ? ? 1.611 ? ? 
covale3 covale both ? B CYS 11 C  ? ? ? 1_555 B NH2 12 N   ? ? B CYS 11 B NH2 12  1_555 ? ? ? ? ? ? ? 1.391 ? ? 
covale4 covale none ? B CYS 11 SG ? ? ? 1_555 C JFF .  C19 ? ? B CYS 11 B JFF 101 1_555 ? ? ? ? ? ? ? 1.801 ? ? 
# 
_struct_conn_type.id          covale 
_struct_conn_type.criteria    ? 
_struct_conn_type.reference   ? 
# 
loop_
_pdbx_modification_feature.ordinal 
_pdbx_modification_feature.label_comp_id 
_pdbx_modification_feature.label_asym_id 
_pdbx_modification_feature.label_seq_id 
_pdbx_modification_feature.label_alt_id 
_pdbx_modification_feature.modified_residue_label_comp_id 
_pdbx_modification_feature.modified_residue_label_asym_id 
_pdbx_modification_feature.modified_residue_label_seq_id 
_pdbx_modification_feature.modified_residue_label_alt_id 
_pdbx_modification_feature.auth_comp_id 
_pdbx_modification_feature.auth_asym_id 
_pdbx_modification_feature.auth_seq_id 
_pdbx_modification_feature.PDB_ins_code 
_pdbx_modification_feature.symmetry 
_pdbx_modification_feature.modified_residue_auth_comp_id 
_pdbx_modification_feature.modified_residue_auth_asym_id 
_pdbx_modification_feature.modified_residue_auth_seq_id 
_pdbx_modification_feature.modified_residue_PDB_ins_code 
_pdbx_modification_feature.modified_residue_symmetry 
_pdbx_modification_feature.comp_id_linking_atom 
_pdbx_modification_feature.modified_residue_id_linking_atom 
_pdbx_modification_feature.modified_residue_id 
_pdbx_modification_feature.ref_pcm_id 
_pdbx_modification_feature.ref_comp_id 
_pdbx_modification_feature.type 
_pdbx_modification_feature.category 
1 NH2 B 12 ? CYS B 11 ? NH2 B 12  ? 1_555 CYS B 11 ? 1_555 .   .  CYS 11 NH2 None 'Terminal amidation' 
2 JFF C .  ? CYS B 1  ? JFF B 101 ? 1_555 CYS B 1  ? 1_555 C1  N  CYS 1  JFF None Crosslinker          
3 JFF C .  ? CYS B 1  ? JFF B 101 ? 1_555 CYS B 1  ? 1_555 C1  SG CYS 2  JFF None Crosslinker          
4 JFF C .  ? CYS B 11 ? JFF B 101 ? 1_555 CYS B 11 ? 1_555 C19 SG CYS 3  JFF None Crosslinker          
# 
_pdbx_entry_details.entry_id                   7YA5 
_pdbx_entry_details.has_ligand_of_interest     Y 
_pdbx_entry_details.compound_details           ? 
_pdbx_entry_details.source_details             ? 
_pdbx_entry_details.nonpolymer_details         ? 
_pdbx_entry_details.sequence_details           ? 
_pdbx_entry_details.has_protein_modification   Y 
# 
_pdbx_validate_symm_contact.id                1 
_pdbx_validate_symm_contact.PDB_model_num     1 
_pdbx_validate_symm_contact.auth_atom_id_1    O 
_pdbx_validate_symm_contact.auth_asym_id_1    A 
_pdbx_validate_symm_contact.auth_comp_id_1    HOH 
_pdbx_validate_symm_contact.auth_seq_id_1     302 
_pdbx_validate_symm_contact.PDB_ins_code_1    ? 
_pdbx_validate_symm_contact.label_alt_id_1    ? 
_pdbx_validate_symm_contact.site_symmetry_1   1_555 
_pdbx_validate_symm_contact.auth_atom_id_2    O 
_pdbx_validate_symm_contact.auth_asym_id_2    A 
_pdbx_validate_symm_contact.auth_comp_id_2    HOH 
_pdbx_validate_symm_contact.auth_seq_id_2     346 
_pdbx_validate_symm_contact.PDB_ins_code_2    ? 
_pdbx_validate_symm_contact.label_alt_id_2    ? 
_pdbx_validate_symm_contact.site_symmetry_2   1_455 
_pdbx_validate_symm_contact.dist              2.12 
# 
loop_
_pdbx_validate_rmsd_bond.id 
_pdbx_validate_rmsd_bond.PDB_model_num 
_pdbx_validate_rmsd_bond.auth_atom_id_1 
_pdbx_validate_rmsd_bond.auth_asym_id_1 
_pdbx_validate_rmsd_bond.auth_comp_id_1 
_pdbx_validate_rmsd_bond.auth_seq_id_1 
_pdbx_validate_rmsd_bond.PDB_ins_code_1 
_pdbx_validate_rmsd_bond.label_alt_id_1 
_pdbx_validate_rmsd_bond.auth_atom_id_2 
_pdbx_validate_rmsd_bond.auth_asym_id_2 
_pdbx_validate_rmsd_bond.auth_comp_id_2 
_pdbx_validate_rmsd_bond.auth_seq_id_2 
_pdbx_validate_rmsd_bond.PDB_ins_code_2 
_pdbx_validate_rmsd_bond.label_alt_id_2 
_pdbx_validate_rmsd_bond.bond_value 
_pdbx_validate_rmsd_bond.bond_target_value 
_pdbx_validate_rmsd_bond.bond_deviation 
_pdbx_validate_rmsd_bond.bond_standard_deviation 
_pdbx_validate_rmsd_bond.linker_flag 
1  1 C   A SER 116 ? ? O   A SER 116 ? ? 1.408 1.229 0.179  0.019 N 
2  1 CB  B CYS 1   ? ? SG  B CYS 1   ? ? 1.714 1.812 -0.098 0.016 N 
3  1 CA  B CYS 1   ? ? C   B CYS 1   ? ? 1.358 1.525 -0.167 0.026 N 
4  1 NE  B ARG 4   ? ? CZ  B ARG 4   ? ? 1.429 1.326 0.103  0.013 N 
5  1 CZ  B ARG 4   ? ? NH2 B ARG 4   ? ? 1.450 1.326 0.124  0.013 N 
6  1 C   B ARG 4   ? ? N   B TYR 5   ? ? 1.475 1.336 0.139  0.023 Y 
7  1 CG  B TYR 5   ? ? CD2 B TYR 5   ? ? 1.504 1.387 0.117  0.013 N 
8  1 CG  B TYR 5   ? ? CD1 B TYR 5   ? ? 1.507 1.387 0.120  0.013 N 
9  1 CD1 B TYR 5   ? ? CE1 B TYR 5   ? ? 1.497 1.389 0.108  0.015 N 
10 1 CE1 B TYR 5   ? ? CZ  B TYR 5   ? ? 1.504 1.381 0.123  0.013 N 
11 1 CZ  B TYR 5   ? ? CE2 B TYR 5   ? ? 1.513 1.381 0.132  0.013 N 
12 1 CE2 B TYR 5   ? ? CD2 B TYR 5   ? ? 1.531 1.389 0.142  0.015 N 
13 1 CE2 B TRP 7   ? ? CZ2 B TRP 7   ? ? 1.539 1.393 0.146  0.017 N 
14 1 CD2 B TRP 7   ? ? CE3 B TRP 7   ? ? 1.547 1.399 0.148  0.015 N 
15 1 CG  B TYR 9   ? ? CD2 B TYR 9   ? ? 1.513 1.387 0.126  0.013 N 
16 1 CG  B TYR 9   ? ? CD1 B TYR 9   ? ? 1.527 1.387 0.140  0.013 N 
17 1 CD1 B TYR 9   ? ? CE1 B TYR 9   ? ? 1.492 1.389 0.103  0.015 N 
18 1 CE1 B TYR 9   ? ? CZ  B TYR 9   ? ? 1.498 1.381 0.117  0.013 N 
19 1 CZ  B TYR 9   ? ? CE2 B TYR 9   ? ? 1.507 1.381 0.126  0.013 N 
20 1 CE2 B TYR 9   ? ? CD2 B TYR 9   ? ? 1.514 1.389 0.125  0.015 N 
# 
loop_
_pdbx_validate_rmsd_angle.id 
_pdbx_validate_rmsd_angle.PDB_model_num 
_pdbx_validate_rmsd_angle.auth_atom_id_1 
_pdbx_validate_rmsd_angle.auth_asym_id_1 
_pdbx_validate_rmsd_angle.auth_comp_id_1 
_pdbx_validate_rmsd_angle.auth_seq_id_1 
_pdbx_validate_rmsd_angle.PDB_ins_code_1 
_pdbx_validate_rmsd_angle.label_alt_id_1 
_pdbx_validate_rmsd_angle.auth_atom_id_2 
_pdbx_validate_rmsd_angle.auth_asym_id_2 
_pdbx_validate_rmsd_angle.auth_comp_id_2 
_pdbx_validate_rmsd_angle.auth_seq_id_2 
_pdbx_validate_rmsd_angle.PDB_ins_code_2 
_pdbx_validate_rmsd_angle.label_alt_id_2 
_pdbx_validate_rmsd_angle.auth_atom_id_3 
_pdbx_validate_rmsd_angle.auth_asym_id_3 
_pdbx_validate_rmsd_angle.auth_comp_id_3 
_pdbx_validate_rmsd_angle.auth_seq_id_3 
_pdbx_validate_rmsd_angle.PDB_ins_code_3 
_pdbx_validate_rmsd_angle.label_alt_id_3 
_pdbx_validate_rmsd_angle.angle_value 
_pdbx_validate_rmsd_angle.angle_target_value 
_pdbx_validate_rmsd_angle.angle_deviation 
_pdbx_validate_rmsd_angle.angle_standard_deviation 
_pdbx_validate_rmsd_angle.linker_flag 
1 1 CA A SER 116 ? A C  A SER 116 ? ? O   A SER 116 ? ? 134.49 120.10 14.39 2.10 N 
2 1 CA A SER 116 ? B C  A SER 116 ? ? O   A SER 116 ? ? 134.18 120.10 14.08 2.10 N 
3 1 NE B ARG 4   ? ? CZ B ARG 4   ? ? NH2 B ARG 4   ? ? 116.51 120.30 -3.79 0.50 N 
4 1 CB B TYR 5   ? ? CG B TYR 5   ? ? CD1 B TYR 5   ? ? 117.01 121.00 -3.99 0.60 N 
# 
loop_
_pdbx_unobs_or_zero_occ_residues.id 
_pdbx_unobs_or_zero_occ_residues.PDB_model_num 
_pdbx_unobs_or_zero_occ_residues.polymer_flag 
_pdbx_unobs_or_zero_occ_residues.occupancy_flag 
_pdbx_unobs_or_zero_occ_residues.auth_asym_id 
_pdbx_unobs_or_zero_occ_residues.auth_comp_id 
_pdbx_unobs_or_zero_occ_residues.auth_seq_id 
_pdbx_unobs_or_zero_occ_residues.PDB_ins_code 
_pdbx_unobs_or_zero_occ_residues.label_asym_id 
_pdbx_unobs_or_zero_occ_residues.label_comp_id 
_pdbx_unobs_or_zero_occ_residues.label_seq_id 
1  1 Y 1 A MET 1   ? A MET 1   
2  1 Y 1 A ALA 2   ? A ALA 2   
3  1 Y 1 A HIS 3   ? A HIS 3   
4  1 Y 1 A ALA 4   ? A ALA 4   
5  1 Y 1 A GLY 5   ? A GLY 5   
6  1 Y 1 A ARG 6   ? A ARG 6   
7  1 Y 1 A THR 7   ? A THR 7   
8  1 Y 1 A ALA 73  ? A ALA 32  
9  1 Y 1 A GLY 74  ? A GLY 33  
10 1 Y 1 A ASP 75  ? A ASP 34  
11 1 Y 1 A ASP 76  ? A ASP 35  
12 1 Y 1 A VAL 77  ? A VAL 36  
13 1 Y 1 A GLU 78  ? A GLU 37  
14 1 Y 1 A GLU 79  ? A GLU 38  
15 1 Y 1 A ASN 80  ? A ASN 39  
16 1 Y 1 A ARG 81  ? A ARG 40  
17 1 Y 1 A THR 82  ? A THR 41  
18 1 Y 1 A GLU 83  ? A GLU 42  
19 1 Y 1 A ALA 84  ? A ALA 43  
20 1 Y 1 A PRO 85  ? A PRO 44  
21 1 Y 1 A GLU 86  ? A GLU 45  
22 1 Y 1 A GLY 87  ? A GLY 46  
23 1 Y 1 A THR 88  ? A THR 47  
24 1 Y 1 A PRO 204 ? A PRO 163 
25 1 Y 1 A SER 205 ? A SER 164 
26 1 Y 1 A MET 206 ? A MET 165 
27 1 Y 1 A ARG 207 ? A ARG 166 
# 
loop_
_chem_comp_atom.comp_id 
_chem_comp_atom.atom_id 
_chem_comp_atom.type_symbol 
_chem_comp_atom.pdbx_aromatic_flag 
_chem_comp_atom.pdbx_stereo_config 
_chem_comp_atom.pdbx_ordinal 
ALA N    N  N N 1   
ALA CA   C  N S 2   
ALA C    C  N N 3   
ALA O    O  N N 4   
ALA CB   C  N N 5   
ALA OXT  O  N N 6   
ALA H    H  N N 7   
ALA H2   H  N N 8   
ALA HA   H  N N 9   
ALA HB1  H  N N 10  
ALA HB2  H  N N 11  
ALA HB3  H  N N 12  
ALA HXT  H  N N 13  
ARG N    N  N N 14  
ARG CA   C  N S 15  
ARG C    C  N N 16  
ARG O    O  N N 17  
ARG CB   C  N N 18  
ARG CG   C  N N 19  
ARG CD   C  N N 20  
ARG NE   N  N N 21  
ARG CZ   C  N N 22  
ARG NH1  N  N N 23  
ARG NH2  N  N N 24  
ARG OXT  O  N N 25  
ARG H    H  N N 26  
ARG H2   H  N N 27  
ARG HA   H  N N 28  
ARG HB2  H  N N 29  
ARG HB3  H  N N 30  
ARG HG2  H  N N 31  
ARG HG3  H  N N 32  
ARG HD2  H  N N 33  
ARG HD3  H  N N 34  
ARG HE   H  N N 35  
ARG HH11 H  N N 36  
ARG HH12 H  N N 37  
ARG HH21 H  N N 38  
ARG HH22 H  N N 39  
ARG HXT  H  N N 40  
ASN N    N  N N 41  
ASN CA   C  N S 42  
ASN C    C  N N 43  
ASN O    O  N N 44  
ASN CB   C  N N 45  
ASN CG   C  N N 46  
ASN OD1  O  N N 47  
ASN ND2  N  N N 48  
ASN OXT  O  N N 49  
ASN H    H  N N 50  
ASN H2   H  N N 51  
ASN HA   H  N N 52  
ASN HB2  H  N N 53  
ASN HB3  H  N N 54  
ASN HD21 H  N N 55  
ASN HD22 H  N N 56  
ASN HXT  H  N N 57  
ASP N    N  N N 58  
ASP CA   C  N S 59  
ASP C    C  N N 60  
ASP O    O  N N 61  
ASP CB   C  N N 62  
ASP CG   C  N N 63  
ASP OD1  O  N N 64  
ASP OD2  O  N N 65  
ASP OXT  O  N N 66  
ASP H    H  N N 67  
ASP H2   H  N N 68  
ASP HA   H  N N 69  
ASP HB2  H  N N 70  
ASP HB3  H  N N 71  
ASP HD2  H  N N 72  
ASP HXT  H  N N 73  
CYS N    N  N N 74  
CYS CA   C  N R 75  
CYS C    C  N N 76  
CYS O    O  N N 77  
CYS CB   C  N N 78  
CYS SG   S  N N 79  
CYS OXT  O  N N 80  
CYS H    H  N N 81  
CYS H2   H  N N 82  
CYS HA   H  N N 83  
CYS HB2  H  N N 84  
CYS HB3  H  N N 85  
CYS HG   H  N N 86  
CYS HXT  H  N N 87  
GLN N    N  N N 88  
GLN CA   C  N S 89  
GLN C    C  N N 90  
GLN O    O  N N 91  
GLN CB   C  N N 92  
GLN CG   C  N N 93  
GLN CD   C  N N 94  
GLN OE1  O  N N 95  
GLN NE2  N  N N 96  
GLN OXT  O  N N 97  
GLN H    H  N N 98  
GLN H2   H  N N 99  
GLN HA   H  N N 100 
GLN HB2  H  N N 101 
GLN HB3  H  N N 102 
GLN HG2  H  N N 103 
GLN HG3  H  N N 104 
GLN HE21 H  N N 105 
GLN HE22 H  N N 106 
GLN HXT  H  N N 107 
GLU N    N  N N 108 
GLU CA   C  N S 109 
GLU C    C  N N 110 
GLU O    O  N N 111 
GLU CB   C  N N 112 
GLU CG   C  N N 113 
GLU CD   C  N N 114 
GLU OE1  O  N N 115 
GLU OE2  O  N N 116 
GLU OXT  O  N N 117 
GLU H    H  N N 118 
GLU H2   H  N N 119 
GLU HA   H  N N 120 
GLU HB2  H  N N 121 
GLU HB3  H  N N 122 
GLU HG2  H  N N 123 
GLU HG3  H  N N 124 
GLU HE2  H  N N 125 
GLU HXT  H  N N 126 
GLY N    N  N N 127 
GLY CA   C  N N 128 
GLY C    C  N N 129 
GLY O    O  N N 130 
GLY OXT  O  N N 131 
GLY H    H  N N 132 
GLY H2   H  N N 133 
GLY HA2  H  N N 134 
GLY HA3  H  N N 135 
GLY HXT  H  N N 136 
HIS N    N  N N 137 
HIS CA   C  N S 138 
HIS C    C  N N 139 
HIS O    O  N N 140 
HIS CB   C  N N 141 
HIS CG   C  Y N 142 
HIS ND1  N  Y N 143 
HIS CD2  C  Y N 144 
HIS CE1  C  Y N 145 
HIS NE2  N  Y N 146 
HIS OXT  O  N N 147 
HIS H    H  N N 148 
HIS H2   H  N N 149 
HIS HA   H  N N 150 
HIS HB2  H  N N 151 
HIS HB3  H  N N 152 
HIS HD1  H  N N 153 
HIS HD2  H  N N 154 
HIS HE1  H  N N 155 
HIS HE2  H  N N 156 
HIS HXT  H  N N 157 
HOH O    O  N N 158 
HOH H1   H  N N 159 
HOH H2   H  N N 160 
ILE N    N  N N 161 
ILE CA   C  N S 162 
ILE C    C  N N 163 
ILE O    O  N N 164 
ILE CB   C  N S 165 
ILE CG1  C  N N 166 
ILE CG2  C  N N 167 
ILE CD1  C  N N 168 
ILE OXT  O  N N 169 
ILE H    H  N N 170 
ILE H2   H  N N 171 
ILE HA   H  N N 172 
ILE HB   H  N N 173 
ILE HG12 H  N N 174 
ILE HG13 H  N N 175 
ILE HG21 H  N N 176 
ILE HG22 H  N N 177 
ILE HG23 H  N N 178 
ILE HD11 H  N N 179 
ILE HD12 H  N N 180 
ILE HD13 H  N N 181 
ILE HXT  H  N N 182 
JFF C1   C  N N 183 
JFF C9   C  Y N 184 
JFF C10  C  Y N 185 
JFF C11  C  Y N 186 
JFF C12  C  Y N 187 
JFF C13  C  Y N 188 
JFF C14  C  Y N 189 
JFF C15  C  N N 190 
JFF O5   O  N N 191 
JFF N4   N  N N 192 
JFF C16  C  N N 193 
JFF C17  C  N N 194 
JFF N5   N  N N 195 
JFF C18  C  N N 196 
JFF O6   O  N N 197 
JFF C19  C  N N 198 
JFF H4   H  N N 199 
JFF H5   H  N N 200 
JFF H6   H  N N 201 
JFF H7   H  N N 202 
JFF H8   H  N N 203 
JFF H9   H  N N 204 
JFF H10  H  N N 205 
JFF H11  H  N N 206 
JFF H12  H  N N 207 
JFF H13  H  N N 208 
JFF H14  H  N N 209 
JFF H15  H  N N 210 
JFF S1   S  N N 211 
JFF C2   C  N N 212 
JFF C3   C  N N 213 
JFF C4   C  N N 214 
JFF N2   N  N N 215 
JFF N3   N  N N 216 
JFF C5   C  N N 217 
JFF C6   C  N R 218 
JFF C7   C  N N 219 
JFF O4   O  N N 220 
JFF O3   O  N N 221 
JFF N1   N  N N 222 
JFF C8   C  N N 223 
JFF O1   O  N N 224 
JFF O2   O  N N 225 
JFF CL1  CL N N 226 
JFF H1   H  N N 227 
JFF H2   H  N N 228 
JFF H3   H  N N 229 
JFF H16  H  N N 230 
JFF H17  H  N N 231 
JFF H18  H  N N 232 
JFF H19  H  N N 233 
JFF H20  H  N N 234 
JFF H21  H  N N 235 
JFF H22  H  N N 236 
JFF H23  H  N N 237 
JFF H24  H  N N 238 
JFF H25  H  N N 239 
JFF H26  H  N N 240 
LEU N    N  N N 241 
LEU CA   C  N S 242 
LEU C    C  N N 243 
LEU O    O  N N 244 
LEU CB   C  N N 245 
LEU CG   C  N N 246 
LEU CD1  C  N N 247 
LEU CD2  C  N N 248 
LEU OXT  O  N N 249 
LEU H    H  N N 250 
LEU H2   H  N N 251 
LEU HA   H  N N 252 
LEU HB2  H  N N 253 
LEU HB3  H  N N 254 
LEU HG   H  N N 255 
LEU HD11 H  N N 256 
LEU HD12 H  N N 257 
LEU HD13 H  N N 258 
LEU HD21 H  N N 259 
LEU HD22 H  N N 260 
LEU HD23 H  N N 261 
LEU HXT  H  N N 262 
LYS N    N  N N 263 
LYS CA   C  N S 264 
LYS C    C  N N 265 
LYS O    O  N N 266 
LYS CB   C  N N 267 
LYS CG   C  N N 268 
LYS CD   C  N N 269 
LYS CE   C  N N 270 
LYS NZ   N  N N 271 
LYS OXT  O  N N 272 
LYS H    H  N N 273 
LYS H2   H  N N 274 
LYS HA   H  N N 275 
LYS HB2  H  N N 276 
LYS HB3  H  N N 277 
LYS HG2  H  N N 278 
LYS HG3  H  N N 279 
LYS HD2  H  N N 280 
LYS HD3  H  N N 281 
LYS HE2  H  N N 282 
LYS HE3  H  N N 283 
LYS HZ1  H  N N 284 
LYS HZ2  H  N N 285 
LYS HZ3  H  N N 286 
LYS HXT  H  N N 287 
MET N    N  N N 288 
MET CA   C  N S 289 
MET C    C  N N 290 
MET O    O  N N 291 
MET CB   C  N N 292 
MET CG   C  N N 293 
MET SD   S  N N 294 
MET CE   C  N N 295 
MET OXT  O  N N 296 
MET H    H  N N 297 
MET H2   H  N N 298 
MET HA   H  N N 299 
MET HB2  H  N N 300 
MET HB3  H  N N 301 
MET HG2  H  N N 302 
MET HG3  H  N N 303 
MET HE1  H  N N 304 
MET HE2  H  N N 305 
MET HE3  H  N N 306 
MET HXT  H  N N 307 
NH2 N    N  N N 308 
NH2 HN1  H  N N 309 
NH2 HN2  H  N N 310 
PHE N    N  N N 311 
PHE CA   C  N S 312 
PHE C    C  N N 313 
PHE O    O  N N 314 
PHE CB   C  N N 315 
PHE CG   C  Y N 316 
PHE CD1  C  Y N 317 
PHE CD2  C  Y N 318 
PHE CE1  C  Y N 319 
PHE CE2  C  Y N 320 
PHE CZ   C  Y N 321 
PHE OXT  O  N N 322 
PHE H    H  N N 323 
PHE H2   H  N N 324 
PHE HA   H  N N 325 
PHE HB2  H  N N 326 
PHE HB3  H  N N 327 
PHE HD1  H  N N 328 
PHE HD2  H  N N 329 
PHE HE1  H  N N 330 
PHE HE2  H  N N 331 
PHE HZ   H  N N 332 
PHE HXT  H  N N 333 
PRO N    N  N N 334 
PRO CA   C  N S 335 
PRO C    C  N N 336 
PRO O    O  N N 337 
PRO CB   C  N N 338 
PRO CG   C  N N 339 
PRO CD   C  N N 340 
PRO OXT  O  N N 341 
PRO H    H  N N 342 
PRO HA   H  N N 343 
PRO HB2  H  N N 344 
PRO HB3  H  N N 345 
PRO HG2  H  N N 346 
PRO HG3  H  N N 347 
PRO HD2  H  N N 348 
PRO HD3  H  N N 349 
PRO HXT  H  N N 350 
SER N    N  N N 351 
SER CA   C  N S 352 
SER C    C  N N 353 
SER O    O  N N 354 
SER CB   C  N N 355 
SER OG   O  N N 356 
SER OXT  O  N N 357 
SER H    H  N N 358 
SER H2   H  N N 359 
SER HA   H  N N 360 
SER HB2  H  N N 361 
SER HB3  H  N N 362 
SER HG   H  N N 363 
SER HXT  H  N N 364 
THR N    N  N N 365 
THR CA   C  N S 366 
THR C    C  N N 367 
THR O    O  N N 368 
THR CB   C  N R 369 
THR OG1  O  N N 370 
THR CG2  C  N N 371 
THR OXT  O  N N 372 
THR H    H  N N 373 
THR H2   H  N N 374 
THR HA   H  N N 375 
THR HB   H  N N 376 
THR HG1  H  N N 377 
THR HG21 H  N N 378 
THR HG22 H  N N 379 
THR HG23 H  N N 380 
THR HXT  H  N N 381 
TRP N    N  N N 382 
TRP CA   C  N S 383 
TRP C    C  N N 384 
TRP O    O  N N 385 
TRP CB   C  N N 386 
TRP CG   C  Y N 387 
TRP CD1  C  Y N 388 
TRP CD2  C  Y N 389 
TRP NE1  N  Y N 390 
TRP CE2  C  Y N 391 
TRP CE3  C  Y N 392 
TRP CZ2  C  Y N 393 
TRP CZ3  C  Y N 394 
TRP CH2  C  Y N 395 
TRP OXT  O  N N 396 
TRP H    H  N N 397 
TRP H2   H  N N 398 
TRP HA   H  N N 399 
TRP HB2  H  N N 400 
TRP HB3  H  N N 401 
TRP HD1  H  N N 402 
TRP HE1  H  N N 403 
TRP HE3  H  N N 404 
TRP HZ2  H  N N 405 
TRP HZ3  H  N N 406 
TRP HH2  H  N N 407 
TRP HXT  H  N N 408 
TYR N    N  N N 409 
TYR CA   C  N S 410 
TYR C    C  N N 411 
TYR O    O  N N 412 
TYR CB   C  N N 413 
TYR CG   C  Y N 414 
TYR CD1  C  Y N 415 
TYR CD2  C  Y N 416 
TYR CE1  C  Y N 417 
TYR CE2  C  Y N 418 
TYR CZ   C  Y N 419 
TYR OH   O  N N 420 
TYR OXT  O  N N 421 
TYR H    H  N N 422 
TYR H2   H  N N 423 
TYR HA   H  N N 424 
TYR HB2  H  N N 425 
TYR HB3  H  N N 426 
TYR HD1  H  N N 427 
TYR HD2  H  N N 428 
TYR HE1  H  N N 429 
TYR HE2  H  N N 430 
TYR HH   H  N N 431 
TYR HXT  H  N N 432 
VAL N    N  N N 433 
VAL CA   C  N S 434 
VAL C    C  N N 435 
VAL O    O  N N 436 
VAL CB   C  N N 437 
VAL CG1  C  N N 438 
VAL CG2  C  N N 439 
VAL OXT  O  N N 440 
VAL H    H  N N 441 
VAL H2   H  N N 442 
VAL HA   H  N N 443 
VAL HB   H  N N 444 
VAL HG11 H  N N 445 
VAL HG12 H  N N 446 
VAL HG13 H  N N 447 
VAL HG21 H  N N 448 
VAL HG22 H  N N 449 
VAL HG23 H  N N 450 
VAL HXT  H  N N 451 
# 
loop_
_chem_comp_bond.comp_id 
_chem_comp_bond.atom_id_1 
_chem_comp_bond.atom_id_2 
_chem_comp_bond.value_order 
_chem_comp_bond.pdbx_aromatic_flag 
_chem_comp_bond.pdbx_stereo_config 
_chem_comp_bond.pdbx_ordinal 
ALA N   CA   sing N N 1   
ALA N   H    sing N N 2   
ALA N   H2   sing N N 3   
ALA CA  C    sing N N 4   
ALA CA  CB   sing N N 5   
ALA CA  HA   sing N N 6   
ALA C   O    doub N N 7   
ALA C   OXT  sing N N 8   
ALA CB  HB1  sing N N 9   
ALA CB  HB2  sing N N 10  
ALA CB  HB3  sing N N 11  
ALA OXT HXT  sing N N 12  
ARG N   CA   sing N N 13  
ARG N   H    sing N N 14  
ARG N   H2   sing N N 15  
ARG CA  C    sing N N 16  
ARG CA  CB   sing N N 17  
ARG CA  HA   sing N N 18  
ARG C   O    doub N N 19  
ARG C   OXT  sing N N 20  
ARG CB  CG   sing N N 21  
ARG CB  HB2  sing N N 22  
ARG CB  HB3  sing N N 23  
ARG CG  CD   sing N N 24  
ARG CG  HG2  sing N N 25  
ARG CG  HG3  sing N N 26  
ARG CD  NE   sing N N 27  
ARG CD  HD2  sing N N 28  
ARG CD  HD3  sing N N 29  
ARG NE  CZ   sing N N 30  
ARG NE  HE   sing N N 31  
ARG CZ  NH1  sing N N 32  
ARG CZ  NH2  doub N N 33  
ARG NH1 HH11 sing N N 34  
ARG NH1 HH12 sing N N 35  
ARG NH2 HH21 sing N N 36  
ARG NH2 HH22 sing N N 37  
ARG OXT HXT  sing N N 38  
ASN N   CA   sing N N 39  
ASN N   H    sing N N 40  
ASN N   H2   sing N N 41  
ASN CA  C    sing N N 42  
ASN CA  CB   sing N N 43  
ASN CA  HA   sing N N 44  
ASN C   O    doub N N 45  
ASN C   OXT  sing N N 46  
ASN CB  CG   sing N N 47  
ASN CB  HB2  sing N N 48  
ASN CB  HB3  sing N N 49  
ASN CG  OD1  doub N N 50  
ASN CG  ND2  sing N N 51  
ASN ND2 HD21 sing N N 52  
ASN ND2 HD22 sing N N 53  
ASN OXT HXT  sing N N 54  
ASP N   CA   sing N N 55  
ASP N   H    sing N N 56  
ASP N   H2   sing N N 57  
ASP CA  C    sing N N 58  
ASP CA  CB   sing N N 59  
ASP CA  HA   sing N N 60  
ASP C   O    doub N N 61  
ASP C   OXT  sing N N 62  
ASP CB  CG   sing N N 63  
ASP CB  HB2  sing N N 64  
ASP CB  HB3  sing N N 65  
ASP CG  OD1  doub N N 66  
ASP CG  OD2  sing N N 67  
ASP OD2 HD2  sing N N 68  
ASP OXT HXT  sing N N 69  
CYS N   CA   sing N N 70  
CYS N   H    sing N N 71  
CYS N   H2   sing N N 72  
CYS CA  C    sing N N 73  
CYS CA  CB   sing N N 74  
CYS CA  HA   sing N N 75  
CYS C   O    doub N N 76  
CYS C   OXT  sing N N 77  
CYS CB  SG   sing N N 78  
CYS CB  HB2  sing N N 79  
CYS CB  HB3  sing N N 80  
CYS SG  HG   sing N N 81  
CYS OXT HXT  sing N N 82  
GLN N   CA   sing N N 83  
GLN N   H    sing N N 84  
GLN N   H2   sing N N 85  
GLN CA  C    sing N N 86  
GLN CA  CB   sing N N 87  
GLN CA  HA   sing N N 88  
GLN C   O    doub N N 89  
GLN C   OXT  sing N N 90  
GLN CB  CG   sing N N 91  
GLN CB  HB2  sing N N 92  
GLN CB  HB3  sing N N 93  
GLN CG  CD   sing N N 94  
GLN CG  HG2  sing N N 95  
GLN CG  HG3  sing N N 96  
GLN CD  OE1  doub N N 97  
GLN CD  NE2  sing N N 98  
GLN NE2 HE21 sing N N 99  
GLN NE2 HE22 sing N N 100 
GLN OXT HXT  sing N N 101 
GLU N   CA   sing N N 102 
GLU N   H    sing N N 103 
GLU N   H2   sing N N 104 
GLU CA  C    sing N N 105 
GLU CA  CB   sing N N 106 
GLU CA  HA   sing N N 107 
GLU C   O    doub N N 108 
GLU C   OXT  sing N N 109 
GLU CB  CG   sing N N 110 
GLU CB  HB2  sing N N 111 
GLU CB  HB3  sing N N 112 
GLU CG  CD   sing N N 113 
GLU CG  HG2  sing N N 114 
GLU CG  HG3  sing N N 115 
GLU CD  OE1  doub N N 116 
GLU CD  OE2  sing N N 117 
GLU OE2 HE2  sing N N 118 
GLU OXT HXT  sing N N 119 
GLY N   CA   sing N N 120 
GLY N   H    sing N N 121 
GLY N   H2   sing N N 122 
GLY CA  C    sing N N 123 
GLY CA  HA2  sing N N 124 
GLY CA  HA3  sing N N 125 
GLY C   O    doub N N 126 
GLY C   OXT  sing N N 127 
GLY OXT HXT  sing N N 128 
HIS N   CA   sing N N 129 
HIS N   H    sing N N 130 
HIS N   H2   sing N N 131 
HIS CA  C    sing N N 132 
HIS CA  CB   sing N N 133 
HIS CA  HA   sing N N 134 
HIS C   O    doub N N 135 
HIS C   OXT  sing N N 136 
HIS CB  CG   sing N N 137 
HIS CB  HB2  sing N N 138 
HIS CB  HB3  sing N N 139 
HIS CG  ND1  sing Y N 140 
HIS CG  CD2  doub Y N 141 
HIS ND1 CE1  doub Y N 142 
HIS ND1 HD1  sing N N 143 
HIS CD2 NE2  sing Y N 144 
HIS CD2 HD2  sing N N 145 
HIS CE1 NE2  sing Y N 146 
HIS CE1 HE1  sing N N 147 
HIS NE2 HE2  sing N N 148 
HIS OXT HXT  sing N N 149 
HOH O   H1   sing N N 150 
HOH O   H2   sing N N 151 
ILE N   CA   sing N N 152 
ILE N   H    sing N N 153 
ILE N   H2   sing N N 154 
ILE CA  C    sing N N 155 
ILE CA  CB   sing N N 156 
ILE CA  HA   sing N N 157 
ILE C   O    doub N N 158 
ILE C   OXT  sing N N 159 
ILE CB  CG1  sing N N 160 
ILE CB  CG2  sing N N 161 
ILE CB  HB   sing N N 162 
ILE CG1 CD1  sing N N 163 
ILE CG1 HG12 sing N N 164 
ILE CG1 HG13 sing N N 165 
ILE CG2 HG21 sing N N 166 
ILE CG2 HG22 sing N N 167 
ILE CG2 HG23 sing N N 168 
ILE CD1 HD11 sing N N 169 
ILE CD1 HD12 sing N N 170 
ILE CD1 HD13 sing N N 171 
ILE OXT HXT  sing N N 172 
JFF C14 C13  doub Y N 173 
JFF C14 C9   sing Y N 174 
JFF C13 C12  sing Y N 175 
JFF O5  C15  doub N N 176 
JFF C9  C1   sing N N 177 
JFF C9  C10  doub Y N 178 
JFF C12 C15  sing N N 179 
JFF C12 C11  doub Y N 180 
JFF C15 N4   sing N N 181 
JFF C16 N4   sing N N 182 
JFF C16 C17  sing N N 183 
JFF C10 C11  sing Y N 184 
JFF C17 N5   sing N N 185 
JFF N5  C18  sing N N 186 
JFF C18 C19  sing N N 187 
JFF C18 O6   doub N N 188 
JFF C10 H4   sing N N 189 
JFF C11 H5   sing N N 190 
JFF C13 H6   sing N N 191 
JFF C14 H7   sing N N 192 
JFF N4  H8   sing N N 193 
JFF C16 H9   sing N N 194 
JFF C16 H10  sing N N 195 
JFF C17 H11  sing N N 196 
JFF C17 H12  sing N N 197 
JFF N5  H13  sing N N 198 
JFF C19 H14  sing N N 199 
JFF C19 H15  sing N N 200 
JFF C1  S1   sing N N 201 
JFF C1  C2   doub N N 202 
JFF C2  C3   sing N N 203 
JFF C2  C4   sing N N 204 
JFF C3  N2   sing N N 205 
JFF C4  N3   sing N N 206 
JFF S1  C5   sing N N 207 
JFF C5  C6   sing N N 208 
JFF C6  C7   sing N N 209 
JFF C7  O4   doub N N 210 
JFF C7  O3   sing N N 211 
JFF C6  N1   sing N N 212 
JFF N1  C8   sing N N 213 
JFF C8  O1   sing N N 214 
JFF C8  O2   doub N N 215 
JFF C19 CL1  sing N N 216 
JFF C3  H1   sing N N 217 
JFF C3  H2   sing N N 218 
JFF C4  H3   sing N N 219 
JFF C4  H16  sing N N 220 
JFF N2  H17  sing N N 221 
JFF N2  H18  sing N N 222 
JFF N3  H19  sing N N 223 
JFF N3  H20  sing N N 224 
JFF C5  H21  sing N N 225 
JFF C5  H22  sing N N 226 
JFF C6  H23  sing N N 227 
JFF O3  H24  sing N N 228 
JFF N1  H25  sing N N 229 
JFF O1  H26  sing N N 230 
LEU N   CA   sing N N 231 
LEU N   H    sing N N 232 
LEU N   H2   sing N N 233 
LEU CA  C    sing N N 234 
LEU CA  CB   sing N N 235 
LEU CA  HA   sing N N 236 
LEU C   O    doub N N 237 
LEU C   OXT  sing N N 238 
LEU CB  CG   sing N N 239 
LEU CB  HB2  sing N N 240 
LEU CB  HB3  sing N N 241 
LEU CG  CD1  sing N N 242 
LEU CG  CD2  sing N N 243 
LEU CG  HG   sing N N 244 
LEU CD1 HD11 sing N N 245 
LEU CD1 HD12 sing N N 246 
LEU CD1 HD13 sing N N 247 
LEU CD2 HD21 sing N N 248 
LEU CD2 HD22 sing N N 249 
LEU CD2 HD23 sing N N 250 
LEU OXT HXT  sing N N 251 
LYS N   CA   sing N N 252 
LYS N   H    sing N N 253 
LYS N   H2   sing N N 254 
LYS CA  C    sing N N 255 
LYS CA  CB   sing N N 256 
LYS CA  HA   sing N N 257 
LYS C   O    doub N N 258 
LYS C   OXT  sing N N 259 
LYS CB  CG   sing N N 260 
LYS CB  HB2  sing N N 261 
LYS CB  HB3  sing N N 262 
LYS CG  CD   sing N N 263 
LYS CG  HG2  sing N N 264 
LYS CG  HG3  sing N N 265 
LYS CD  CE   sing N N 266 
LYS CD  HD2  sing N N 267 
LYS CD  HD3  sing N N 268 
LYS CE  NZ   sing N N 269 
LYS CE  HE2  sing N N 270 
LYS CE  HE3  sing N N 271 
LYS NZ  HZ1  sing N N 272 
LYS NZ  HZ2  sing N N 273 
LYS NZ  HZ3  sing N N 274 
LYS OXT HXT  sing N N 275 
MET N   CA   sing N N 276 
MET N   H    sing N N 277 
MET N   H2   sing N N 278 
MET CA  C    sing N N 279 
MET CA  CB   sing N N 280 
MET CA  HA   sing N N 281 
MET C   O    doub N N 282 
MET C   OXT  sing N N 283 
MET CB  CG   sing N N 284 
MET CB  HB2  sing N N 285 
MET CB  HB3  sing N N 286 
MET CG  SD   sing N N 287 
MET CG  HG2  sing N N 288 
MET CG  HG3  sing N N 289 
MET SD  CE   sing N N 290 
MET CE  HE1  sing N N 291 
MET CE  HE2  sing N N 292 
MET CE  HE3  sing N N 293 
MET OXT HXT  sing N N 294 
NH2 N   HN1  sing N N 295 
NH2 N   HN2  sing N N 296 
PHE N   CA   sing N N 297 
PHE N   H    sing N N 298 
PHE N   H2   sing N N 299 
PHE CA  C    sing N N 300 
PHE CA  CB   sing N N 301 
PHE CA  HA   sing N N 302 
PHE C   O    doub N N 303 
PHE C   OXT  sing N N 304 
PHE CB  CG   sing N N 305 
PHE CB  HB2  sing N N 306 
PHE CB  HB3  sing N N 307 
PHE CG  CD1  doub Y N 308 
PHE CG  CD2  sing Y N 309 
PHE CD1 CE1  sing Y N 310 
PHE CD1 HD1  sing N N 311 
PHE CD2 CE2  doub Y N 312 
PHE CD2 HD2  sing N N 313 
PHE CE1 CZ   doub Y N 314 
PHE CE1 HE1  sing N N 315 
PHE CE2 CZ   sing Y N 316 
PHE CE2 HE2  sing N N 317 
PHE CZ  HZ   sing N N 318 
PHE OXT HXT  sing N N 319 
PRO N   CA   sing N N 320 
PRO N   CD   sing N N 321 
PRO N   H    sing N N 322 
PRO CA  C    sing N N 323 
PRO CA  CB   sing N N 324 
PRO CA  HA   sing N N 325 
PRO C   O    doub N N 326 
PRO C   OXT  sing N N 327 
PRO CB  CG   sing N N 328 
PRO CB  HB2  sing N N 329 
PRO CB  HB3  sing N N 330 
PRO CG  CD   sing N N 331 
PRO CG  HG2  sing N N 332 
PRO CG  HG3  sing N N 333 
PRO CD  HD2  sing N N 334 
PRO CD  HD3  sing N N 335 
PRO OXT HXT  sing N N 336 
SER N   CA   sing N N 337 
SER N   H    sing N N 338 
SER N   H2   sing N N 339 
SER CA  C    sing N N 340 
SER CA  CB   sing N N 341 
SER CA  HA   sing N N 342 
SER C   O    doub N N 343 
SER C   OXT  sing N N 344 
SER CB  OG   sing N N 345 
SER CB  HB2  sing N N 346 
SER CB  HB3  sing N N 347 
SER OG  HG   sing N N 348 
SER OXT HXT  sing N N 349 
THR N   CA   sing N N 350 
THR N   H    sing N N 351 
THR N   H2   sing N N 352 
THR CA  C    sing N N 353 
THR CA  CB   sing N N 354 
THR CA  HA   sing N N 355 
THR C   O    doub N N 356 
THR C   OXT  sing N N 357 
THR CB  OG1  sing N N 358 
THR CB  CG2  sing N N 359 
THR CB  HB   sing N N 360 
THR OG1 HG1  sing N N 361 
THR CG2 HG21 sing N N 362 
THR CG2 HG22 sing N N 363 
THR CG2 HG23 sing N N 364 
THR OXT HXT  sing N N 365 
TRP N   CA   sing N N 366 
TRP N   H    sing N N 367 
TRP N   H2   sing N N 368 
TRP CA  C    sing N N 369 
TRP CA  CB   sing N N 370 
TRP CA  HA   sing N N 371 
TRP C   O    doub N N 372 
TRP C   OXT  sing N N 373 
TRP CB  CG   sing N N 374 
TRP CB  HB2  sing N N 375 
TRP CB  HB3  sing N N 376 
TRP CG  CD1  doub Y N 377 
TRP CG  CD2  sing Y N 378 
TRP CD1 NE1  sing Y N 379 
TRP CD1 HD1  sing N N 380 
TRP CD2 CE2  doub Y N 381 
TRP CD2 CE3  sing Y N 382 
TRP NE1 CE2  sing Y N 383 
TRP NE1 HE1  sing N N 384 
TRP CE2 CZ2  sing Y N 385 
TRP CE3 CZ3  doub Y N 386 
TRP CE3 HE3  sing N N 387 
TRP CZ2 CH2  doub Y N 388 
TRP CZ2 HZ2  sing N N 389 
TRP CZ3 CH2  sing Y N 390 
TRP CZ3 HZ3  sing N N 391 
TRP CH2 HH2  sing N N 392 
TRP OXT HXT  sing N N 393 
TYR N   CA   sing N N 394 
TYR N   H    sing N N 395 
TYR N   H2   sing N N 396 
TYR CA  C    sing N N 397 
TYR CA  CB   sing N N 398 
TYR CA  HA   sing N N 399 
TYR C   O    doub N N 400 
TYR C   OXT  sing N N 401 
TYR CB  CG   sing N N 402 
TYR CB  HB2  sing N N 403 
TYR CB  HB3  sing N N 404 
TYR CG  CD1  doub Y N 405 
TYR CG  CD2  sing Y N 406 
TYR CD1 CE1  sing Y N 407 
TYR CD1 HD1  sing N N 408 
TYR CD2 CE2  doub Y N 409 
TYR CD2 HD2  sing N N 410 
TYR CE1 CZ   doub Y N 411 
TYR CE1 HE1  sing N N 412 
TYR CE2 CZ   sing Y N 413 
TYR CE2 HE2  sing N N 414 
TYR CZ  OH   sing N N 415 
TYR OH  HH   sing N N 416 
TYR OXT HXT  sing N N 417 
VAL N   CA   sing N N 418 
VAL N   H    sing N N 419 
VAL N   H2   sing N N 420 
VAL CA  C    sing N N 421 
VAL CA  CB   sing N N 422 
VAL CA  HA   sing N N 423 
VAL C   O    doub N N 424 
VAL C   OXT  sing N N 425 
VAL CB  CG1  sing N N 426 
VAL CB  CG2  sing N N 427 
VAL CB  HB   sing N N 428 
VAL CG1 HG11 sing N N 429 
VAL CG1 HG12 sing N N 430 
VAL CG1 HG13 sing N N 431 
VAL CG2 HG21 sing N N 432 
VAL CG2 HG22 sing N N 433 
VAL CG2 HG23 sing N N 434 
VAL OXT HXT  sing N N 435 
# 
_pdbx_audit_support.funding_organization   'National Natural Science Foundation of China (NSFC)' 
_pdbx_audit_support.country                China 
_pdbx_audit_support.grant_number           ? 
_pdbx_audit_support.ordinal                1 
# 
_atom_sites.entry_id                    7YA5 
_atom_sites.Cartn_transf_matrix[1][1]   ? 
_atom_sites.Cartn_transf_matrix[1][2]   ? 
_atom_sites.Cartn_transf_matrix[1][3]   ? 
_atom_sites.Cartn_transf_matrix[2][1]   ? 
_atom_sites.Cartn_transf_matrix[2][2]   ? 
_atom_sites.Cartn_transf_matrix[2][3]   ? 
_atom_sites.Cartn_transf_matrix[3][1]   ? 
_atom_sites.Cartn_transf_matrix[3][2]   ? 
_atom_sites.Cartn_transf_matrix[3][3]   ? 
_atom_sites.Cartn_transf_vector[1]      ? 
_atom_sites.Cartn_transf_vector[2]      ? 
_atom_sites.Cartn_transf_vector[3]      ? 
_atom_sites.fract_transf_matrix[1][1]   0.00444993 
_atom_sites.fract_transf_matrix[1][2]   -0.01140956 
_atom_sites.fract_transf_matrix[1][3]   0.02496399 
_atom_sites.fract_transf_matrix[2][1]   -0.00244676 
_atom_sites.fract_transf_matrix[2][2]   -0.01819468 
_atom_sites.fract_transf_matrix[2][3]   -0.00787957 
_atom_sites.fract_transf_matrix[3][1]   0.02115666 
_atom_sites.fract_transf_matrix[3][2]   -0.00363221 
_atom_sites.fract_transf_matrix[3][3]   0.00181756 
_atom_sites.fract_transf_vector[1]      1.216175 
_atom_sites.fract_transf_vector[2]      0.015273 
_atom_sites.fract_transf_vector[3]      0.335611 
_atom_sites.solution_primary            ? 
_atom_sites.solution_secondary          ? 
_atom_sites.solution_hydrogens          ? 
_atom_sites.special_details             ? 
# 
loop_
_atom_type.symbol 
C 
N 
O 
S 
# 
loop_
_atom_site.group_PDB 
_atom_site.id 
_atom_site.type_symbol 
_atom_site.label_atom_id 
_atom_site.label_alt_id 
_atom_site.label_comp_id 
_atom_site.label_asym_id 
_atom_site.label_entity_id 
_atom_site.label_seq_id 
_atom_site.pdbx_PDB_ins_code 
_atom_site.Cartn_x 
_atom_site.Cartn_y 
_atom_site.Cartn_z 
_atom_site.occupancy 
_atom_site.B_iso_or_equiv 
_atom_site.pdbx_formal_charge 
_atom_site.auth_seq_id 
_atom_site.auth_comp_id 
_atom_site.auth_asym_id 
_atom_site.auth_atom_id 
_atom_site.pdbx_PDB_model_num 
ATOM   1    N N   . GLY A 1 8   ? -13.486 16.082  -4.761  1.00 49.82 ? 8   GLY A N   1 
ATOM   2    C CA  . GLY A 1 8   ? -12.114 15.747  -4.295  1.00 47.57 ? 8   GLY A CA  1 
ATOM   3    C C   . GLY A 1 8   ? -12.078 14.423  -3.543  1.00 47.33 ? 8   GLY A C   1 
ATOM   4    O O   . GLY A 1 8   ? -13.154 13.859  -3.250  1.00 45.97 ? 8   GLY A O   1 
ATOM   5    N N   . TYR A 1 9   ? -10.874 13.979  -3.180  1.00 44.97 ? 9   TYR A N   1 
ATOM   6    C CA  . TYR A 1 9   ? -10.595 12.640  -2.600  1.00 43.14 ? 9   TYR A CA  1 
ATOM   7    C C   . TYR A 1 9   ? -10.468 12.703  -1.078  1.00 41.40 ? 9   TYR A C   1 
ATOM   8    O O   . TYR A 1 9   ? -10.319 13.770  -0.467  1.00 43.41 ? 9   TYR A O   1 
ATOM   9    C CB  . TYR A 1 9   ? -9.273  12.080  -3.115  1.00 41.74 ? 9   TYR A CB  1 
ATOM   10   C CG  . TYR A 1 9   ? -8.094  12.932  -2.733  1.00 39.97 ? 9   TYR A CG  1 
ATOM   11   C CD1 . TYR A 1 9   ? -7.726  14.003  -3.530  1.00 41.22 ? 9   TYR A CD1 1 
ATOM   12   C CD2 . TYR A 1 9   ? -7.358  12.684  -1.582  1.00 40.32 ? 9   TYR A CD2 1 
ATOM   13   C CE1 . TYR A 1 9   ? -6.658  14.813  -3.191  1.00 39.59 ? 9   TYR A CE1 1 
ATOM   14   C CE2 . TYR A 1 9   ? -6.285  13.488  -1.226  1.00 37.93 ? 9   TYR A CE2 1 
ATOM   15   C CZ  . TYR A 1 9   ? -5.935  14.550  -2.046  1.00 37.37 ? 9   TYR A CZ  1 
ATOM   16   O OH  . TYR A 1 9   ? -4.883  15.358  -1.760  1.00 37.02 ? 9   TYR A OH  1 
ATOM   17   N N   . ASP A 1 10  ? -10.470 11.524  -0.481  1.00 41.22 ? 10  ASP A N   1 
ATOM   18   C CA  . ASP A 1 10  ? -10.195 11.348  0.960   1.00 38.04 ? 10  ASP A CA  1 
ATOM   19   C C   . ASP A 1 10  ? -9.216  10.184  1.088   1.00 32.75 ? 10  ASP A C   1 
ATOM   20   O O   . ASP A 1 10  ? -9.538  9.096   0.606   1.00 27.56 ? 10  ASP A O   1 
ATOM   21   C CB  . ASP A 1 10  ? -11.502 11.146  1.715   1.00 39.52 ? 10  ASP A CB  1 
ATOM   22   C CG  . ASP A 1 10  ? -11.251 10.794  3.161   1.00 41.09 ? 10  ASP A CG  1 
ATOM   23   O OD1 . ASP A 1 10  ? -10.701 9.706   3.401   1.00 42.51 ? 10  ASP A OD1 1 
ATOM   24   O OD2 . ASP A 1 10  ? -11.563 11.633  4.018   1.00 47.09 ? 10  ASP A OD2 1 
ATOM   25   N N   . ASN A 1 11  ? -8.070  10.422  1.720   1.00 28.94 ? 11  ASN A N   1 
ATOM   26   C CA  . ASN A 1 11  ? -6.994  9.406   1.843   1.00 28.96 ? 11  ASN A CA  1 
ATOM   27   C C   . ASN A 1 11  ? -7.537  8.155   2.558   1.00 29.69 ? 11  ASN A C   1 
ATOM   28   O O   . ASN A 1 11  ? -7.238  7.027   2.107   1.00 23.54 ? 11  ASN A O   1 
ATOM   29   C CB  . ASN A 1 11  ? -5.758  10.033  2.485   1.00 28.98 ? 11  ASN A CB  1 
ATOM   30   C CG  . ASN A 1 11  ? -4.944  10.851  1.505   1.00 28.81 ? 11  ASN A CG  1 
ATOM   31   O OD1 . ASN A 1 11  ? -5.080  10.702  0.288   1.00 27.76 ? 11  ASN A OD1 1 
ATOM   32   N ND2 . ASN A 1 11  ? -4.117  11.743  2.025   1.00 30.44 ? 11  ASN A ND2 1 
ATOM   33   N N   . ARG A 1 12  ? -8.363  8.332   3.597   1.00 29.70 ? 12  ARG A N   1 
ATOM   34   C CA  . ARG A 1 12  ? -8.974  7.211   4.355   1.00 30.25 ? 12  ARG A CA  1 
ATOM   35   C C   . ARG A 1 12  ? -9.896  6.406   3.421   1.00 28.59 ? 12  ARG A C   1 
ATOM   36   O O   . ARG A 1 12  ? -9.901  5.160   3.491   1.00 24.53 ? 12  ARG A O   1 
ATOM   37   C CB  . ARG A 1 12  ? -9.730  7.770   5.558   1.00 35.41 ? 12  ARG A CB  1 
ATOM   38   C CG  . ARG A 1 12  ? -10.124 6.719   6.580   1.00 40.33 ? 12  ARG A CG  1 
ATOM   39   C CD  . ARG A 1 12  ? -10.869 7.331   7.749   1.00 45.31 ? 12  ARG A CD  1 
ATOM   40   N NE  . ARG A 1 12  ? -11.827 6.359   8.259   1.00 51.94 ? 12  ARG A NE  1 
ATOM   41   C CZ  . ARG A 1 12  ? -13.092 6.228   7.853   1.00 55.44 ? 12  ARG A CZ  1 
ATOM   42   N NH1 . ARG A 1 12  ? -13.604 7.035   6.935   1.00 56.81 ? 12  ARG A NH1 1 
ATOM   43   N NH2 . ARG A 1 12  ? -13.848 5.279   8.380   1.00 56.04 ? 12  ARG A NH2 1 
ATOM   44   N N   . GLU A 1 13  ? -10.644 7.091   2.556   1.00 27.03 ? 13  GLU A N   1 
ATOM   45   C CA  . GLU A 1 13  ? -11.567 6.449   1.586   1.00 28.59 ? 13  GLU A CA  1 
ATOM   46   C C   . GLU A 1 13  ? -10.762 5.562   0.628   1.00 25.74 ? 13  GLU A C   1 
ATOM   47   O O   . GLU A 1 13  ? -11.166 4.423   0.385   1.00 25.21 ? 13  GLU A O   1 
ATOM   48   C CB  . GLU A 1 13  ? -12.322 7.540   0.838   1.00 35.38 ? 13  GLU A CB  1 
ATOM   49   C CG  . GLU A 1 13  ? -13.788 7.245   0.602   1.00 42.16 ? 13  GLU A CG  1 
ATOM   50   C CD  . GLU A 1 13  ? -14.596 8.533   0.620   1.00 48.65 ? 13  GLU A CD  1 
ATOM   51   O OE1 . GLU A 1 13  ? -15.236 8.810   1.662   1.00 52.66 ? 13  GLU A OE1 1 
ATOM   52   O OE2 . GLU A 1 13  ? -14.536 9.288   -0.383  1.00 51.11 ? 13  GLU A OE2 1 
ATOM   53   N N   . ILE A 1 14  ? -9.640  6.086   0.129   1.00 24.26 ? 14  ILE A N   1 
ATOM   54   C CA  . ILE A 1 14  ? -8.723  5.409   -0.832  1.00 23.49 ? 14  ILE A CA  1 
ATOM   55   C C   . ILE A 1 14  ? -8.171  4.137   -0.196  1.00 22.13 ? 14  ILE A C   1 
ATOM   56   O O   . ILE A 1 14  ? -8.257  3.103   -0.847  1.00 23.96 ? 14  ILE A O   1 
ATOM   57   C CB  . ILE A 1 14  ? -7.599  6.344   -1.311  1.00 23.09 ? 14  ILE A CB  1 
ATOM   58   C CG1 . ILE A 1 14  ? -8.187  7.525   -2.100  1.00 23.30 ? 14  ILE A CG1 1 
ATOM   59   C CG2 . ILE A 1 14  ? -6.581  5.541   -2.108  1.00 22.56 ? 14  ILE A CG2 1 
ATOM   60   C CD1 . ILE A 1 14  ? -7.251  8.693   -2.331  1.00 23.10 ? 14  ILE A CD1 1 
ATOM   61   N N   . VAL A 1 15  ? -7.604  4.233   1.011   1.00 23.13 ? 15  VAL A N   1 
ATOM   62   C CA  . VAL A 1 15  ? -7.033  3.070   1.758   1.00 22.07 ? 15  VAL A CA  1 
ATOM   63   C C   . VAL A 1 15  ? -8.112  1.977   1.895   1.00 22.12 ? 15  VAL A C   1 
ATOM   64   O O   . VAL A 1 15  ? -7.831  0.806   1.597   1.00 19.15 ? 15  VAL A O   1 
ATOM   65   C CB  . VAL A 1 15  ? -6.488  3.533   3.123   1.00 21.13 ? 15  VAL A CB  1 
ATOM   66   C CG1 . VAL A 1 15  ? -6.366  2.389   4.103   1.00 20.14 ? 15  VAL A CG1 1 
ATOM   67   C CG2 . VAL A 1 15  ? -5.149  4.259   2.983   1.00 20.75 ? 15  VAL A CG2 1 
ATOM   68   N N   . MET A 1 16  ? -9.312  2.353   2.346   1.00 24.38 ? 16  MET A N   1 
ATOM   69   C CA  . MET A 1 16  ? -10.405 1.403   2.670   1.00 26.18 ? 16  MET A CA  1 
ATOM   70   C C   . MET A 1 16  ? -10.933 0.747   1.391   1.00 24.21 ? 16  MET A C   1 
ATOM   71   O O   . MET A 1 16  ? -11.099 -0.452  1.416   1.00 24.85 ? 16  MET A O   1 
ATOM   72   C CB  . MET A 1 16  ? -11.540 2.100   3.416   1.00 32.05 ? 16  MET A CB  1 
ATOM   73   C CG  . MET A 1 16  ? -11.157 2.425   4.843   1.00 39.98 ? 16  MET A CG  1 
ATOM   74   S SD  . MET A 1 16  ? -12.494 3.182   5.792   1.00 53.01 ? 16  MET A SD  1 
ATOM   75   C CE  . MET A 1 16  ? -13.153 4.363   4.615   1.00 50.36 ? 16  MET A CE  1 
ATOM   76   N N   . LYS A 1 17  ? -11.108 1.489   0.293   1.00 23.58 ? 17  LYS A N   1 
ATOM   77   C CA  . LYS A 1 17  ? -11.543 0.885   -0.999  1.00 23.95 ? 17  LYS A CA  1 
ATOM   78   C C   . LYS A 1 17  ? -10.500 -0.138  -1.464  1.00 22.03 ? 17  LYS A C   1 
ATOM   79   O O   . LYS A 1 17  ? -10.885 -1.253  -1.916  1.00 22.71 ? 17  LYS A O   1 
ATOM   80   C CB  . LYS A 1 17  ? -11.814 1.963   -2.050  1.00 26.52 ? 17  LYS A CB  1 
ATOM   81   C CG  . LYS A 1 17  ? -13.119 2.712   -1.840  1.00 28.04 ? 17  LYS A CG  1 
ATOM   82   C CD  . LYS A 1 17  ? -13.145 4.064   -2.528  1.00 32.16 ? 17  LYS A CD  1 
ATOM   83   C CE  . LYS A 1 17  ? -14.502 4.480   -3.063  1.00 33.81 ? 17  LYS A CE  1 
ATOM   84   N NZ  . LYS A 1 17  ? -15.613 4.044   -2.191  1.00 37.21 ? 17  LYS A NZ  1 
ATOM   85   N N   . TYR A 1 18  ? -9.215  0.186   -1.340  1.00 20.44 ? 18  TYR A N   1 
ATOM   86   C CA  . TYR A 1 18  ? -8.124  -0.708  -1.805  1.00 21.12 ? 18  TYR A CA  1 
ATOM   87   C C   . TYR A 1 18  ? -8.148  -2.014  -1.001  1.00 20.04 ? 18  TYR A C   1 
ATOM   88   O O   . TYR A 1 18  ? -8.256  -3.082  -1.556  1.00 20.50 ? 18  TYR A O   1 
ATOM   89   C CB  . TYR A 1 18  ? -6.760  -0.021  -1.725  1.00 20.97 ? 18  TYR A CB  1 
ATOM   90   C CG  . TYR A 1 18  ? -5.683  -0.875  -2.318  1.00 20.36 ? 18  TYR A CG  1 
ATOM   91   C CD1 . TYR A 1 18  ? -5.406  -0.843  -3.678  1.00 20.29 ? 18  TYR A CD1 1 
ATOM   92   C CD2 . TYR A 1 18  ? -4.986  -1.771  -1.528  1.00 22.10 ? 18  TYR A CD2 1 
ATOM   93   C CE1 . TYR A 1 18  ? -4.438  -1.671  -4.229  1.00 23.80 ? 18  TYR A CE1 1 
ATOM   94   C CE2 . TYR A 1 18  ? -4.010  -2.599  -2.061  1.00 23.84 ? 18  TYR A CE2 1 
ATOM   95   C CZ  . TYR A 1 18  ? -3.736  -2.556  -3.413  1.00 23.70 ? 18  TYR A CZ  1 
ATOM   96   O OH  . TYR A 1 18  ? -2.778  -3.383  -3.929  1.00 28.67 ? 18  TYR A OH  1 
ATOM   97   N N   . ILE A 1 19  ? -8.054  -1.905  0.311   1.00 22.05 ? 19  ILE A N   1 
ATOM   98   C CA  . ILE A 1 19  ? -8.155  -3.068  1.238   1.00 22.81 ? 19  ILE A CA  1 
ATOM   99   C C   . ILE A 1 19  ? -9.461  -3.819  0.957   1.00 24.10 ? 19  ILE A C   1 
ATOM   100  O O   . ILE A 1 19  ? -9.416  -5.041  0.844   1.00 24.25 ? 19  ILE A O   1 
ATOM   101  C CB  . ILE A 1 19  ? -8.062  -2.615  2.703   1.00 23.44 ? 19  ILE A CB  1 
ATOM   102  C CG1 . ILE A 1 19  ? -6.723  -1.942  2.996   1.00 23.84 ? 19  ILE A CG1 1 
ATOM   103  C CG2 . ILE A 1 19  ? -8.315  -3.792  3.639   1.00 25.50 ? 19  ILE A CG2 1 
ATOM   104  C CD1 . ILE A 1 19  ? -6.674  -1.290  4.369   1.00 24.47 ? 19  ILE A CD1 1 
ATOM   105  N N   . HIS A 1 20  ? -10.591 -3.116  0.855   1.00 27.51 ? 20  HIS A N   1 
ATOM   106  C CA  . HIS A 1 20  ? -11.899 -3.760  0.580   1.00 27.83 ? 20  HIS A CA  1 
ATOM   107  C C   . HIS A 1 20  ? -11.772 -4.620  -0.683  1.00 29.40 ? 20  HIS A C   1 
ATOM   108  O O   . HIS A 1 20  ? -12.145 -5.802  -0.643  1.00 29.82 ? 20  HIS A O   1 
ATOM   109  C CB  . HIS A 1 20  ? -13.030 -2.737  0.474   1.00 30.28 ? 20  HIS A CB  1 
ATOM   110  C CG  . HIS A 1 20  ? -14.316 -3.445  0.267   1.00 35.22 ? 20  HIS A CG  1 
ATOM   111  N ND1 . HIS A 1 20  ? -15.075 -3.894  1.330   1.00 36.50 ? 20  HIS A ND1 1 
ATOM   112  C CD2 . HIS A 1 20  ? -14.908 -3.896  -0.861  1.00 35.24 ? 20  HIS A CD2 1 
ATOM   113  C CE1 . HIS A 1 20  ? -16.115 -4.548  0.863   1.00 40.49 ? 20  HIS A CE1 1 
ATOM   114  N NE2 . HIS A 1 20  ? -16.032 -4.571  -0.480  1.00 35.28 ? 20  HIS A NE2 1 
ATOM   115  N N   . TYR A 1 21  ? -11.183 -4.070  -1.744  1.00 29.35 ? 21  TYR A N   1 
ATOM   116  C CA  . TYR A 1 21  ? -10.992 -4.769  -3.036  1.00 29.35 ? 21  TYR A CA  1 
ATOM   117  C C   . TYR A 1 21  ? -10.098 -6.004  -2.875  1.00 29.93 ? 21  TYR A C   1 
ATOM   118  O O   . TYR A 1 21  ? -10.460 -7.090  -3.389  1.00 29.15 ? 21  TYR A O   1 
ATOM   119  C CB  . TYR A 1 21  ? -10.389 -3.838  -4.087  1.00 30.20 ? 21  TYR A CB  1 
ATOM   120  C CG  . TYR A 1 21  ? -10.002 -4.597  -5.326  1.00 31.93 ? 21  TYR A CG  1 
ATOM   121  C CD1 . TYR A 1 21  ? -10.982 -5.107  -6.160  1.00 33.25 ? 21  TYR A CD1 1 
ATOM   122  C CD2 . TYR A 1 21  ? -8.674  -4.883  -5.620  1.00 33.04 ? 21  TYR A CD2 1 
ATOM   123  C CE1 . TYR A 1 21  ? -10.657 -5.835  -7.289  1.00 34.76 ? 21  TYR A CE1 1 
ATOM   124  C CE2 . TYR A 1 21  ? -8.327  -5.597  -6.756  1.00 33.28 ? 21  TYR A CE2 1 
ATOM   125  C CZ  . TYR A 1 21  ? -9.327  -6.082  -7.584  1.00 37.43 ? 21  TYR A CZ  1 
ATOM   126  O OH  . TYR A 1 21  ? -9.047  -6.790  -8.715  1.00 42.08 ? 21  TYR A OH  1 
ATOM   127  N N   . LYS A 1 22  ? -8.959  -5.853  -2.194  1.00 30.22 ? 22  LYS A N   1 
ATOM   128  C CA  . LYS A 1 22  ? -7.940  -6.931  -2.083  1.00 29.98 ? 22  LYS A CA  1 
ATOM   129  C C   . LYS A 1 22  ? -8.522  -8.093  -1.269  1.00 28.16 ? 22  LYS A C   1 
ATOM   130  O O   . LYS A 1 22  ? -8.202  -9.242  -1.589  1.00 27.75 ? 22  LYS A O   1 
ATOM   131  C CB  . LYS A 1 22  ? -6.618  -6.434  -1.485  1.00 31.48 ? 22  LYS A CB  1 
ATOM   132  C CG  . LYS A 1 22  ? -5.702  -5.687  -2.453  1.00 36.09 ? 22  LYS A CG  1 
ATOM   133  C CD  . LYS A 1 22  ? -5.273  -6.453  -3.716  1.00 37.15 ? 22  LYS A CD  1 
ATOM   134  C CE  . LYS A 1 22  ? -5.148  -5.541  -4.927  1.00 41.01 ? 22  LYS A CE  1 
ATOM   135  N NZ  . LYS A 1 22  ? -4.674  -6.233  -6.150  1.00 39.98 ? 22  LYS A NZ  1 
ATOM   136  N N   . LEU A 1 23  ? -9.349  -7.800  -0.269  1.00 28.85 ? 23  LEU A N   1 
ATOM   137  C CA  . LEU A 1 23  ? -10.012 -8.842  0.554   1.00 29.34 ? 23  LEU A CA  1 
ATOM   138  C C   . LEU A 1 23  ? -11.016 -9.589  -0.331  1.00 32.11 ? 23  LEU A C   1 
ATOM   139  O O   . LEU A 1 23  ? -10.989 -10.832 -0.310  1.00 30.44 ? 23  LEU A O   1 
ATOM   140  C CB  . LEU A 1 23  ? -10.663 -8.193  1.775   1.00 30.21 ? 23  LEU A CB  1 
ATOM   141  C CG  . LEU A 1 23  ? -9.675  -7.747  2.859   1.00 31.01 ? 23  LEU A CG  1 
ATOM   142  C CD1 . LEU A 1 23  ? -10.397 -7.110  4.028   1.00 33.98 ? 23  LEU A CD1 1 
ATOM   143  C CD2 . LEU A 1 23  ? -8.821  -8.907  3.350   1.00 30.07 ? 23  LEU A CD2 1 
ATOM   144  N N   . SER A 1 24  ? -11.845 -8.848  -1.076  1.00 33.13 ? 24  SER A N   1 
ATOM   145  C CA  . SER A 1 24  ? -12.844 -9.390  -2.035  1.00 37.75 ? 24  SER A CA  1 
ATOM   146  C C   . SER A 1 24  ? -12.156 -10.309 -3.039  1.00 39.14 ? 24  SER A C   1 
ATOM   147  O O   . SER A 1 24  ? -12.697 -11.399 -3.298  1.00 39.40 ? 24  SER A O   1 
ATOM   148  C CB  . SER A 1 24  ? -13.610 -8.302  -2.715  1.00 40.09 ? 24  SER A CB  1 
ATOM   149  O OG  . SER A 1 24  ? -14.577 -7.790  -1.815  1.00 46.29 ? 24  SER A OG  1 
ATOM   150  N N   . GLN A 1 25  ? -10.978 -9.933  -3.534  1.00 42.07 ? 25  GLN A N   1 
ATOM   151  C CA  . GLN A 1 25  ? -10.230 -10.822 -4.454  1.00 42.61 ? 25  GLN A CA  1 
ATOM   152  C C   . GLN A 1 25  ? -10.111 -12.193 -3.787  1.00 46.32 ? 25  GLN A C   1 
ATOM   153  O O   . GLN A 1 25  ? -10.373 -13.180 -4.474  1.00 47.22 ? 25  GLN A O   1 
ATOM   154  C CB  . GLN A 1 25  ? -8.839  -10.303 -4.811  1.00 44.47 ? 25  GLN A CB  1 
ATOM   155  C CG  . GLN A 1 25  ? -8.854  -9.226  -5.871  1.00 45.81 ? 25  GLN A CG  1 
ATOM   156  C CD  . GLN A 1 25  ? -7.466  -8.945  -6.395  1.00 51.96 ? 25  GLN A CD  1 
ATOM   157  O OE1 . GLN A 1 25  ? -6.459  -9.148  -5.717  1.00 50.81 ? 25  GLN A OE1 1 
ATOM   158  N NE2 . GLN A 1 25  ? -7.402  -8.454  -7.621  1.00 58.00 ? 25  GLN A NE2 1 
ATOM   159  N N   . ARG A 1 26  ? -9.761  -12.266 -2.502  1.00 44.29 ? 26  ARG A N   1 
ATOM   160  C CA  . ARG A 1 26  ? -9.437  -13.574 -1.882  1.00 48.27 ? 26  ARG A CA  1 
ATOM   161  C C   . ARG A 1 26  ? -10.685 -14.189 -1.243  1.00 45.14 ? 26  ARG A C   1 
ATOM   162  O O   . ARG A 1 26  ? -10.528 -15.201 -0.550  1.00 47.99 ? 26  ARG A O   1 
ATOM   163  C CB  . ARG A 1 26  ? -8.299  -13.445 -0.867  1.00 52.83 ? 26  ARG A CB  1 
ATOM   164  C CG  . ARG A 1 26  ? -7.577  -14.759 -0.592  1.00 56.86 ? 26  ARG A CG  1 
ATOM   165  C CD  . ARG A 1 26  ? -6.153  -14.822 -1.114  1.00 62.72 ? 26  ARG A CD  1 
ATOM   166  N NE  . ARG A 1 26  ? -5.333  -15.712 -0.292  1.00 66.34 ? 26  ARG A NE  1 
ATOM   167  C CZ  . ARG A 1 26  ? -4.002  -15.656 -0.188  1.00 69.58 ? 26  ARG A CZ  1 
ATOM   168  N NH1 . ARG A 1 26  ? -3.364  -16.510 0.599   1.00 71.95 ? 26  ARG A NH1 1 
ATOM   169  N NH2 . ARG A 1 26  ? -3.311  -14.744 -0.856  1.00 67.84 ? 26  ARG A NH2 1 
ATOM   170  N N   . GLY A 1 27  ? -11.870 -13.620 -1.470  1.00 41.63 ? 27  GLY A N   1 
ATOM   171  C CA  . GLY A 1 27  ? -13.143 -14.207 -1.017  1.00 42.42 ? 27  GLY A CA  1 
ATOM   172  C C   . GLY A 1 27  ? -13.486 -13.841 0.416   1.00 45.86 ? 27  GLY A C   1 
ATOM   173  O O   . GLY A 1 27  ? -14.032 -14.719 1.121   1.00 47.83 ? 27  GLY A O   1 
ATOM   174  N N   . TYR A 1 28  ? -13.218 -12.595 0.827   1.00 41.55 ? 28  TYR A N   1 
ATOM   175  C CA  . TYR A 1 28  ? -13.512 -12.071 2.187   1.00 42.87 ? 28  TYR A CA  1 
ATOM   176  C C   . TYR A 1 28  ? -14.289 -10.755 2.086   1.00 41.85 ? 28  TYR A C   1 
ATOM   177  O O   . TYR A 1 28  ? -13.874 -9.863  1.321   1.00 42.49 ? 28  TYR A O   1 
ATOM   178  C CB  . TYR A 1 28  ? -12.215 -11.874 2.975   1.00 43.94 ? 28  TYR A CB  1 
ATOM   179  C CG  . TYR A 1 28  ? -11.286 -13.058 2.965   1.00 47.84 ? 28  TYR A CG  1 
ATOM   180  C CD1 . TYR A 1 28  ? -11.732 -14.309 3.369   1.00 51.97 ? 28  TYR A CD1 1 
ATOM   181  C CD2 . TYR A 1 28  ? -9.964  -12.937 2.565   1.00 48.96 ? 28  TYR A CD2 1 
ATOM   182  C CE1 . TYR A 1 28  ? -10.895 -15.413 3.368   1.00 53.03 ? 28  TYR A CE1 1 
ATOM   183  C CE2 . TYR A 1 28  ? -9.111  -14.029 2.566   1.00 52.37 ? 28  TYR A CE2 1 
ATOM   184  C CZ  . TYR A 1 28  ? -9.578  -15.270 2.972   1.00 53.74 ? 28  TYR A CZ  1 
ATOM   185  O OH  . TYR A 1 28  ? -8.749  -16.353 2.992   1.00 55.11 ? 28  TYR A OH  1 
ATOM   186  N N   . GLU A 1 29  ? -15.356 -10.626 2.878   1.00 44.29 ? 29  GLU A N   1 
ATOM   187  C CA  . GLU A 1 29  ? -16.276 -9.458  2.889   1.00 46.05 ? 29  GLU A CA  1 
ATOM   188  C C   . GLU A 1 29  ? -16.010 -8.653  4.159   1.00 48.65 ? 29  GLU A C   1 
ATOM   189  O O   . GLU A 1 29  ? -16.187 -9.207  5.255   1.00 54.00 ? 29  GLU A O   1 
ATOM   190  C CB  . GLU A 1 29  ? -17.738 -9.913  2.831   1.00 47.43 ? 29  GLU A CB  1 
ATOM   191  N N   . TRP A 1 30  ? -15.601 -7.397  4.014   1.00 46.67 ? 30  TRP A N   1 
ATOM   192  C CA  . TRP A 1 30  ? -15.218 -6.527  5.150   1.00 46.24 ? 30  TRP A CA  1 
ATOM   193  C C   . TRP A 1 30  ? -16.227 -5.382  5.282   1.00 46.35 ? 30  TRP A C   1 
ATOM   194  O O   . TRP A 1 30  ? -16.529 -4.755  4.262   1.00 48.69 ? 30  TRP A O   1 
ATOM   195  C CB  . TRP A 1 30  ? -13.780 -6.040  4.944   1.00 42.96 ? 30  TRP A CB  1 
ATOM   196  C CG  . TRP A 1 30  ? -13.310 -5.059  5.969   1.00 39.37 ? 30  TRP A CG  1 
ATOM   197  C CD1 . TRP A 1 30  ? -13.427 -5.162  7.323   1.00 38.42 ? 30  TRP A CD1 1 
ATOM   198  C CD2 . TRP A 1 30  ? -12.600 -3.835  5.712   1.00 37.69 ? 30  TRP A CD2 1 
ATOM   199  N NE1 . TRP A 1 30  ? -12.860 -4.075  7.927   1.00 41.31 ? 30  TRP A NE1 1 
ATOM   200  C CE2 . TRP A 1 30  ? -12.351 -3.239  6.964   1.00 40.12 ? 30  TRP A CE2 1 
ATOM   201  C CE3 . TRP A 1 30  ? -12.176 -3.178  4.551   1.00 36.98 ? 30  TRP A CE3 1 
ATOM   202  C CZ2 . TRP A 1 30  ? -11.670 -2.030  7.080   1.00 38.53 ? 30  TRP A CZ2 1 
ATOM   203  C CZ3 . TRP A 1 30  ? -11.514 -1.977  4.666   1.00 34.85 ? 30  TRP A CZ3 1 
ATOM   204  C CH2 . TRP A 1 30  ? -11.270 -1.410  5.915   1.00 39.16 ? 30  TRP A CH2 1 
ATOM   205  N N   . ASP A 1 31  ? -16.697 -5.122  6.506   1.00 51.15 ? 31  ASP A N   1 
ATOM   206  C CA  . ASP A 1 31  ? -17.681 -4.062  6.864   1.00 54.18 ? 31  ASP A CA  1 
ATOM   207  C C   . ASP A 1 31  ? -19.081 -4.551  6.493   1.00 57.85 ? 31  ASP A C   1 
ATOM   208  O O   . ASP A 1 31  ? -19.596 -5.389  7.255   1.00 65.15 ? 31  ASP A O   1 
ATOM   209  C CB  . ASP A 1 31  ? -17.372 -2.720  6.197   1.00 55.03 ? 31  ASP A CB  1 
ATOM   210  C CG  . ASP A 1 31  ? -16.058 -2.110  6.650   1.00 56.66 ? 31  ASP A CG  1 
ATOM   211  O OD1 . ASP A 1 31  ? -15.824 -2.097  7.870   1.00 57.47 ? 31  ASP A OD1 1 
ATOM   212  O OD2 . ASP A 1 31  ? -15.288 -1.662  5.779   1.00 52.08 ? 31  ASP A OD2 1 
ATOM   213  N N   . GLU A 1 48  ? -12.527 11.695  -7.506  1.00 44.37 ? 89  GLU A N   1 
ATOM   214  C CA  . GLU A 1 48  ? -13.121 10.756  -6.525  1.00 41.05 ? 89  GLU A CA  1 
ATOM   215  C C   . GLU A 1 48  ? -12.008 9.890   -5.913  1.00 43.33 ? 89  GLU A C   1 
ATOM   216  O O   . GLU A 1 48  ? -10.905 9.747   -6.490  1.00 40.71 ? 89  GLU A O   1 
ATOM   217  C CB  . GLU A 1 48  ? -14.195 9.869   -7.166  1.00 41.32 ? 89  GLU A CB  1 
ATOM   218  C CG  . GLU A 1 48  ? -15.563 9.983   -6.512  1.00 45.66 ? 89  GLU A CG  1 
ATOM   219  C CD  . GLU A 1 48  ? -15.745 9.319   -5.152  1.00 50.46 ? 89  GLU A CD  1 
ATOM   220  O OE1 . GLU A 1 48  ? -15.317 8.156   -4.977  1.00 51.51 ? 89  GLU A OE1 1 
ATOM   221  O OE2 . GLU A 1 48  ? -16.336 9.960   -4.262  1.00 59.11 ? 89  GLU A OE2 1 
ATOM   222  N N   . SER A 1 49  ? -12.311 9.286   -4.778  1.00 38.90 ? 90  SER A N   1 
ATOM   223  C CA  . SER A 1 49  ? -11.444 8.291   -4.112  1.00 36.02 ? 90  SER A CA  1 
ATOM   224  C C   . SER A 1 49  ? -11.491 6.999   -4.926  1.00 35.64 ? 90  SER A C   1 
ATOM   225  O O   . SER A 1 49  ? -10.452 6.295   -4.950  1.00 32.81 ? 90  SER A O   1 
ATOM   226  C CB  . SER A 1 49  ? -11.880 8.117   -2.698  1.00 37.54 ? 90  SER A CB  1 
ATOM   227  O OG  . SER A 1 49  ? -12.050 9.399   -2.098  1.00 37.29 ? 90  SER A OG  1 
ATOM   228  N N   . GLU A 1 50  ? -12.639 6.727   -5.573  1.00 34.18 ? 91  GLU A N   1 
ATOM   229  C CA  . GLU A 1 50  ? -12.868 5.547   -6.448  1.00 34.54 ? 91  GLU A CA  1 
ATOM   230  C C   . GLU A 1 50  ? -11.830 5.582   -7.574  1.00 35.45 ? 91  GLU A C   1 
ATOM   231  O O   . GLU A 1 50  ? -11.110 4.579   -7.773  1.00 33.08 ? 91  GLU A O   1 
ATOM   232  C CB  . GLU A 1 50  ? -14.249 5.565   -7.108  1.00 37.30 ? 91  GLU A CB  1 
ATOM   233  C CG  . GLU A 1 50  ? -15.092 4.316   -6.912  1.00 43.06 ? 91  GLU A CG  1 
ATOM   234  C CD  . GLU A 1 50  ? -14.413 2.958   -6.880  1.00 42.38 ? 91  GLU A CD  1 
ATOM   235  O OE1 . GLU A 1 50  ? -14.255 2.343   -7.943  1.00 44.47 ? 91  GLU A OE1 1 
ATOM   236  O OE2 . GLU A 1 50  ? -14.106 2.496   -5.775  1.00 41.95 ? 91  GLU A OE2 1 
ATOM   237  N N   . VAL A 1 51  ? -11.779 6.679   -8.327  1.00 32.39 ? 92  VAL A N   1 
ATOM   238  C CA  . VAL A 1 51  ? -10.867 6.740   -9.508  1.00 33.96 ? 92  VAL A CA  1 
ATOM   239  C C   . VAL A 1 51  ? -9.448  6.447   -9.004  1.00 28.82 ? 92  VAL A C   1 
ATOM   240  O O   . VAL A 1 51  ? -8.769  5.667   -9.643  1.00 30.64 ? 92  VAL A O   1 
ATOM   241  C CB  . VAL A 1 51  ? -10.937 8.059   -10.296 1.00 34.72 ? 92  VAL A CB  1 
ATOM   242  C CG1 . VAL A 1 51  ? -10.781 9.274   -9.413  1.00 40.25 ? 92  VAL A CG1 1 
ATOM   243  C CG2 . VAL A 1 51  ? -9.896  8.092   -11.409 1.00 35.68 ? 92  VAL A CG2 1 
ATOM   244  N N   . VAL A 1 52  ? -9.054  6.995   -7.853  1.00 28.19 ? 93  VAL A N   1 
ATOM   245  C CA  . VAL A 1 52  ? -7.680  6.801   -7.317  1.00 26.44 ? 93  VAL A CA  1 
ATOM   246  C C   . VAL A 1 52  ? -7.494  5.330   -6.934  1.00 25.79 ? 93  VAL A C   1 
ATOM   247  O O   . VAL A 1 52  ? -6.457  4.755   -7.288  1.00 25.09 ? 93  VAL A O   1 
ATOM   248  C CB  . VAL A 1 52  ? -7.374  7.719   -6.129  1.00 26.73 ? 93  VAL A CB  1 
ATOM   249  C CG1 . VAL A 1 52  ? -6.019  7.356   -5.534  1.00 26.61 ? 93  VAL A CG1 1 
ATOM   250  C CG2 . VAL A 1 52  ? -7.429  9.192   -6.519  1.00 26.31 ? 93  VAL A CG2 1 
ATOM   251  N N   . HIS A 1 53  ? -8.458  4.733   -6.242  1.00 24.92 ? 94  HIS A N   1 
ATOM   252  C CA  . HIS A 1 53  ? -8.413  3.285   -5.894  1.00 25.96 ? 94  HIS A CA  1 
ATOM   253  C C   . HIS A 1 53  ? -8.231  2.436   -7.171  1.00 24.55 ? 94  HIS A C   1 
ATOM   254  O O   . HIS A 1 53  ? -7.375  1.542   -7.141  1.00 24.62 ? 94  HIS A O   1 
ATOM   255  C CB  . HIS A 1 53  ? -9.607  2.928   -4.999  1.00 28.68 ? 94  HIS A CB  1 
ATOM   256  C CG  . HIS A 1 53  ? -10.168 1.577   -5.238  1.00 28.02 ? 94  HIS A CG  1 
ATOM   257  N ND1 . HIS A 1 53  ? -11.369 1.410   -5.867  1.00 33.24 ? 94  HIS A ND1 1 
ATOM   258  C CD2 . HIS A 1 53  ? -9.711  0.344   -4.939  1.00 33.94 ? 94  HIS A CD2 1 
ATOM   259  C CE1 . HIS A 1 53  ? -11.650 0.127   -5.949  1.00 33.41 ? 94  HIS A CE1 1 
ATOM   260  N NE2 . HIS A 1 53  ? -10.642 -0.556  -5.390  1.00 34.03 ? 94  HIS A NE2 1 
ATOM   261  N N   . LEU A 1 54  ? -8.976  2.721   -8.246  1.00 23.54 ? 95  LEU A N   1 
ATOM   262  C CA  . LEU A 1 54  ? -8.889  2.001   -9.543  1.00 25.18 ? 95  LEU A CA  1 
ATOM   263  C C   . LEU A 1 54  ? -7.500  2.228   -10.150 1.00 24.26 ? 95  LEU A C   1 
ATOM   264  O O   . LEU A 1 54  ? -6.967  1.290   -10.772 1.00 28.15 ? 95  LEU A O   1 
ATOM   265  C CB  . LEU A 1 54  ? -9.993  2.475   -10.489 1.00 26.91 ? 95  LEU A CB  1 
ATOM   266  C CG  . LEU A 1 54  ? -11.410 2.104   -10.049 1.00 30.51 ? 95  LEU A CG  1 
ATOM   267  C CD1 . LEU A 1 54  ? -12.444 2.842   -10.892 1.00 32.21 ? 95  LEU A CD1 1 
ATOM   268  C CD2 . LEU A 1 54  ? -11.634 0.603   -10.103 1.00 30.03 ? 95  LEU A CD2 1 
ATOM   269  N N   . THR A 1 55  ? -6.937  3.420   -9.971  1.00 21.78 ? 96  THR A N   1 
ATOM   270  C CA  . THR A 1 55  ? -5.597  3.746   -10.472 1.00 21.96 ? 96  THR A CA  1 
ATOM   271  C C   . THR A 1 55  ? -4.594  2.864   -9.717  1.00 21.62 ? 96  THR A C   1 
ATOM   272  O O   . THR A 1 55  ? -3.645  2.327   -10.338 1.00 18.62 ? 96  THR A O   1 
ATOM   273  C CB  . THR A 1 55  ? -5.299  5.235   -10.340 1.00 22.85 ? 96  THR A CB  1 
ATOM   274  O OG1 . THR A 1 55  ? -6.268  5.993   -11.066 1.00 23.22 ? 96  THR A OG1 1 
ATOM   275  C CG2 . THR A 1 55  ? -3.903  5.548   -10.831 1.00 22.52 ? 96  THR A CG2 1 
ATOM   276  N N   . LEU A 1 56  ? -4.782  2.736   -8.410  1.00 22.06 ? 97  LEU A N   1 
ATOM   277  C CA  . LEU A 1 56  ? -3.870  1.937   -7.573  1.00 21.59 ? 97  LEU A CA  1 
ATOM   278  C C   . LEU A 1 56  ? -3.916  0.483   -8.043  1.00 22.85 ? 97  LEU A C   1 
ATOM   279  O O   . LEU A 1 56  ? -2.847  -0.131  -8.108  1.00 19.44 ? 97  LEU A O   1 
ATOM   280  C CB  . LEU A 1 56  ? -4.249  2.101   -6.101  1.00 21.72 ? 97  LEU A CB  1 
ATOM   281  C CG  . LEU A 1 56  ? -3.738  3.388   -5.461  1.00 22.84 ? 97  LEU A CG  1 
ATOM   282  C CD1 . LEU A 1 56  ? -4.475  3.672   -4.164  1.00 21.11 ? 97  LEU A CD1 1 
ATOM   283  C CD2 . LEU A 1 56  ? -2.222  3.332   -5.252  1.00 23.00 ? 97  LEU A CD2 1 
ATOM   284  N N   . ARG A 1 57  ? -5.103  -0.038  -8.352  1.00 23.92 ? 98  ARG A N   1 
ATOM   285  C CA  . ARG A 1 57  ? -5.247  -1.445  -8.811  1.00 26.50 ? 98  ARG A CA  1 
ATOM   286  C C   . ARG A 1 57  ? -4.488  -1.643  -10.120 1.00 23.46 ? 98  ARG A C   1 
ATOM   287  O O   . ARG A 1 57  ? -3.761  -2.636  -10.220 1.00 22.36 ? 98  ARG A O   1 
ATOM   288  C CB  . ARG A 1 57  ? -6.714  -1.835  -8.961  1.00 29.78 ? 98  ARG A CB  1 
ATOM   289  C CG  . ARG A 1 57  ? -7.348  -2.125  -7.612  1.00 32.83 ? 98  ARG A CG  1 
ATOM   290  C CD  . ARG A 1 57  ? -8.837  -1.874  -7.579  1.00 35.46 ? 98  ARG A CD  1 
ATOM   291  N NE  . ARG A 1 57  ? -9.545  -2.618  -8.598  1.00 35.62 ? 98  ARG A NE  1 
ATOM   292  C CZ  . ARG A 1 57  ? -10.858 -2.826  -8.615  1.00 39.38 ? 98  ARG A CZ  1 
ATOM   293  N NH1 . ARG A 1 57  ? -11.627 -2.363  -7.644  1.00 39.94 ? 98  ARG A NH1 1 
ATOM   294  N NH2 . ARG A 1 57  ? -11.396 -3.508  -9.609  1.00 40.93 ? 98  ARG A NH2 1 
ATOM   295  N N   . GLN A 1 58  ? -4.620  -0.699  -11.047 1.00 23.00 ? 99  GLN A N   1 
ATOM   296  C CA  . GLN A 1 58  ? -3.904  -0.732  -12.352 1.00 26.11 ? 99  GLN A CA  1 
ATOM   297  C C   . GLN A 1 58  ? -2.396  -0.752  -12.095 1.00 24.26 ? 99  GLN A C   1 
ATOM   298  O O   . GLN A 1 58  ? -1.722  -1.556  -12.738 1.00 23.05 ? 99  GLN A O   1 
ATOM   299  C CB  . GLN A 1 58  ? -4.281  0.472   -13.212 1.00 28.95 ? 99  GLN A CB  1 
ATOM   300  C CG  . GLN A 1 58  ? -5.605  0.288   -13.928 1.00 34.39 ? 99  GLN A CG  1 
ATOM   301  C CD  . GLN A 1 58  ? -5.542  -0.788  -14.983 1.00 36.42 ? 99  GLN A CD  1 
ATOM   302  O OE1 . GLN A 1 58  ? -4.540  -0.968  -15.665 1.00 41.76 ? 99  GLN A OE1 1 
ATOM   303  N NE2 . GLN A 1 58  ? -6.623  -1.527  -15.120 1.00 42.70 ? 99  GLN A NE2 1 
ATOM   304  N N   . ALA A 1 59  ? -1.897  0.107   -11.194 1.00 20.40 ? 100 ALA A N   1 
ATOM   305  C CA  . ALA A 1 59  ? -0.447  0.287   -10.951 1.00 20.38 ? 100 ALA A CA  1 
ATOM   306  C C   . ALA A 1 59  ? 0.122   -0.963  -10.257 1.00 19.46 ? 100 ALA A C   1 
ATOM   307  O O   . ALA A 1 59  ? 1.238   -1.409  -10.644 1.00 17.99 ? 100 ALA A O   1 
ATOM   308  C CB  . ALA A 1 59  ? -0.198  1.567   -10.170 1.00 17.93 ? 100 ALA A CB  1 
ATOM   309  N N   . VAL A 1 60  ? -0.596  -1.525  -9.274  1.00 19.40 ? 101 VAL A N   1 
ATOM   310  C CA  . VAL A 1 60  ? -0.180  -2.763  -8.553  1.00 21.36 ? 101 VAL A CA  1 
ATOM   311  C C   . VAL A 1 60  ? -0.130  -3.933  -9.543  1.00 21.53 ? 101 VAL A C   1 
ATOM   312  O O   . VAL A 1 60  ? 0.877   -4.681  -9.527  1.00 21.19 ? 101 VAL A O   1 
ATOM   313  C CB  . VAL A 1 60  ? -1.106  -3.023  -7.341  1.00 22.55 ? 101 VAL A CB  1 
ATOM   314  C CG1 . VAL A 1 60  ? -1.024  -4.455  -6.850  1.00 25.58 ? 101 VAL A CG1 1 
ATOM   315  C CG2 . VAL A 1 60  ? -0.826  -2.025  -6.215  1.00 23.41 ? 101 VAL A CG2 1 
ATOM   316  N N   . ASP A 1 61  ? -1.156  -4.070  -10.383 1.00 22.18 ? 102 ASP A N   1 
ATOM   317  C CA  . ASP A 1 61  ? -1.203  -5.076  -11.491 1.00 22.52 ? 102 ASP A CA  1 
ATOM   318  C C   . ASP A 1 61  ? 0.034   -4.938  -12.389 1.00 21.27 ? 102 ASP A C   1 
ATOM   319  O O   . ASP A 1 61  ? 0.712   -5.957  -12.635 1.00 25.76 ? 102 ASP A O   1 
ATOM   320  C CB  . ASP A 1 61  ? -2.475  -4.945  -12.319 1.00 25.29 ? 102 ASP A CB  1 
ATOM   321  C CG  . ASP A 1 61  ? -2.745  -6.138  -13.222 1.00 29.46 ? 102 ASP A CG  1 
ATOM   322  O OD1 . ASP A 1 61  ? -3.030  -7.212  -12.682 1.00 30.63 ? 102 ASP A OD1 1 
ATOM   323  O OD2 . ASP A 1 61  ? -2.664  -5.984  -14.465 1.00 37.27 ? 102 ASP A OD2 1 
ATOM   324  N N   . ASP A 1 62  ? 0.340   -3.726  -12.821 1.00 19.05 ? 103 ASP A N   1 
ATOM   325  C CA  . ASP A 1 62  ? 1.503   -3.408  -13.676 1.00 20.42 ? 103 ASP A CA  1 
ATOM   326  C C   . ASP A 1 62  ? 2.796   -3.874  -12.981 1.00 19.44 ? 103 ASP A C   1 
ATOM   327  O O   . ASP A 1 62  ? 3.554   -4.651  -13.571 1.00 19.58 ? 103 ASP A O   1 
ATOM   328  C CB  . ASP A 1 62  ? 1.526   -1.902  -13.976 1.00 21.11 ? 103 ASP A CB  1 
ATOM   329  C CG  . ASP A 1 62  ? 2.635   -1.543  -14.951 1.00 23.84 ? 103 ASP A CG  1 
ATOM   330  O OD1 . ASP A 1 62  ? 2.782   -2.298  -15.925 1.00 23.57 ? 103 ASP A OD1 1 
ATOM   331  O OD2 . ASP A 1 62  ? 3.381   -0.553  -14.705 1.00 24.61 ? 103 ASP A OD2 1 
ATOM   332  N N   . PHE A 1 63  ? 3.017   -3.428  -11.749 1.00 19.33 ? 104 PHE A N   1 
ATOM   333  C CA  . PHE A 1 63  ? 4.200   -3.770  -10.915 1.00 19.50 ? 104 PHE A CA  1 
ATOM   334  C C   . PHE A 1 63  ? 4.261   -5.274  -10.623 1.00 20.13 ? 104 PHE A C   1 
ATOM   335  O O   . PHE A 1 63  ? 5.366   -5.793  -10.470 1.00 19.77 ? 104 PHE A O   1 
ATOM   336  C CB  . PHE A 1 63  ? 4.187   -2.983  -9.607  1.00 18.52 ? 104 PHE A CB  1 
ATOM   337  C CG  . PHE A 1 63  ? 4.685   -1.563  -9.724  1.00 15.93 ? 104 PHE A CG  1 
ATOM   338  C CD1 . PHE A 1 63  ? 4.458   -0.805  -10.854 1.00 16.57 ? 104 PHE A CD1 1 
ATOM   339  C CD2 . PHE A 1 63  ? 5.373   -0.968  -8.678  1.00 16.76 ? 104 PHE A CD2 1 
ATOM   340  C CE1 . PHE A 1 63  ? 4.921   0.503   -10.951 1.00 17.14 ? 104 PHE A CE1 1 
ATOM   341  C CE2 . PHE A 1 63  ? 5.821   0.341   -8.768  1.00 15.54 ? 104 PHE A CE2 1 
ATOM   342  C CZ  . PHE A 1 63  ? 5.570   1.089   -9.882  1.00 16.77 ? 104 PHE A CZ  1 
ATOM   343  N N   . SER A 1 64  ? 3.119   -5.943  -10.535 1.00 20.54 ? 105 SER A N   1 
ATOM   344  C CA  . SER A 1 64  ? 3.079   -7.412  -10.324 1.00 22.38 ? 105 SER A CA  1 
ATOM   345  C C   . SER A 1 64  ? 3.712   -8.123  -11.528 1.00 21.45 ? 105 SER A C   1 
ATOM   346  O O   . SER A 1 64  ? 4.279   -9.192  -11.321 1.00 21.73 ? 105 SER A O   1 
ATOM   347  C CB  . SER A 1 64  ? 1.680   -7.912  -10.048 1.00 22.29 ? 105 SER A CB  1 
ATOM   348  O OG  . SER A 1 64  ? 1.058   -8.245  -11.276 1.00 25.55 ? 105 SER A OG  1 
ATOM   349  N N   . ARG A 1 65  ? 3.660   -7.565  -12.733 1.00 22.53 ? 106 ARG A N   1 
ATOM   350  C CA  . ARG A 1 65  ? 4.246   -8.212  -13.940 1.00 22.05 ? 106 ARG A CA  1 
ATOM   351  C C   . ARG A 1 65  ? 5.735   -7.889  -14.090 1.00 21.63 ? 106 ARG A C   1 
ATOM   352  O O   . ARG A 1 65  ? 6.390   -8.577  -14.914 1.00 21.79 ? 106 ARG A O   1 
ATOM   353  C CB  . ARG A 1 65  ? 3.522   -7.746  -15.202 1.00 24.98 ? 106 ARG A CB  1 
ATOM   354  C CG  . ARG A 1 65  ? 2.026   -8.010  -15.177 1.00 27.24 ? 106 ARG A CG  1 
ATOM   355  C CD  . ARG A 1 65  ? 1.458   -7.574  -16.509 1.00 29.04 ? 106 ARG A CD  1 
ATOM   356  N NE  . ARG A 1 65  ? 0.025   -7.420  -16.403 1.00 33.87 ? 106 ARG A NE  1 
ATOM   357  C CZ  . ARG A 1 65  ? -0.780  -7.048  -17.392 1.00 37.51 ? 106 ARG A CZ  1 
ATOM   358  N NH1 . ARG A 1 65  ? -0.294  -6.747  -18.589 1.00 36.72 ? 106 ARG A NH1 1 
ATOM   359  N NH2 . ARG A 1 65  ? -2.077  -6.966  -17.164 1.00 40.70 ? 106 ARG A NH2 1 
ATOM   360  N N   . ARG A 1 66  ? 6.237   -6.856  -13.397 1.00 20.95 ? 107 ARG A N   1 
ATOM   361  C CA  . ARG A 1 66  ? 7.632   -6.364  -13.566 1.00 23.47 ? 107 ARG A CA  1 
ATOM   362  C C   . ARG A 1 66  ? 8.463   -6.376  -12.276 1.00 21.32 ? 107 ARG A C   1 
ATOM   363  O O   . ARG A 1 66  ? 9.720   -6.472  -12.406 1.00 20.72 ? 107 ARG A O   1 
ATOM   364  C CB  . ARG A 1 66  ? 7.626   -4.929  -14.095 1.00 26.74 ? 107 ARG A CB  1 
ATOM   365  C CG  . ARG A 1 66  ? 6.918   -4.781  -15.428 1.00 28.73 ? 107 ARG A CG  1 
ATOM   366  C CD  . ARG A 1 66  ? 7.524   -3.626  -16.202 1.00 29.66 ? 107 ARG A CD  1 
ATOM   367  N NE  . ARG A 1 66  ? 7.417   -2.368  -15.483 1.00 32.63 ? 107 ARG A NE  1 
ATOM   368  C CZ  . ARG A 1 66  ? 6.290   -1.714  -15.397 1.00 29.97 ? 107 ARG A CZ  1 
ATOM   369  N NH1 . ARG A 1 66  ? 5.224   -2.239  -15.978 1.00 27.81 ? 107 ARG A NH1 1 
ATOM   370  N NH2 . ARG A 1 66  ? 6.236   -0.548  -14.790 1.00 29.34 ? 107 ARG A NH2 1 
ATOM   371  N N   . TYR A 1 67  ? 7.860   -6.214  -11.086 1.00 19.51 ? 108 TYR A N   1 
ATOM   372  C CA  . TYR A 1 67  ? 8.630   -6.081  -9.825  1.00 19.45 ? 108 TYR A CA  1 
ATOM   373  C C   . TYR A 1 67  ? 8.149   -7.120  -8.820  1.00 21.02 ? 108 TYR A C   1 
ATOM   374  O O   . TYR A 1 67  ? 8.120   -6.846  -7.625  1.00 19.74 ? 108 TYR A O   1 
ATOM   375  C CB  . TYR A 1 67  ? 8.525   -4.648  -9.302  1.00 19.41 ? 108 TYR A CB  1 
ATOM   376  C CG  . TYR A 1 67  ? 8.900   -3.608  -10.317 1.00 18.35 ? 108 TYR A CG  1 
ATOM   377  C CD1 . TYR A 1 67  ? 10.171  -3.597  -10.875 1.00 17.66 ? 108 TYR A CD1 1 
ATOM   378  C CD2 . TYR A 1 67  ? 8.001   -2.619  -10.710 1.00 18.34 ? 108 TYR A CD2 1 
ATOM   379  C CE1 . TYR A 1 67  ? 10.538  -2.630  -11.793 1.00 19.06 ? 108 TYR A CE1 1 
ATOM   380  C CE2 . TYR A 1 67  ? 8.354   -1.653  -11.636 1.00 18.76 ? 108 TYR A CE2 1 
ATOM   381  C CZ  . TYR A 1 67  ? 9.621   -1.677  -12.196 1.00 18.27 ? 108 TYR A CZ  1 
ATOM   382  O OH  . TYR A 1 67  ? 10.011  -0.734  -13.087 1.00 19.89 ? 108 TYR A OH  1 
ATOM   383  N N   . ARG A 1 68  ? 7.816   -8.314  -9.312  1.00 23.65 ? 109 ARG A N   1 
ATOM   384  C CA  . ARG A 1 68  ? 7.281   -9.411  -8.475  1.00 23.24 ? 109 ARG A CA  1 
ATOM   385  C C   . ARG A 1 68  ? 8.308   -9.811  -7.418  1.00 22.48 ? 109 ARG A C   1 
ATOM   386  O O   . ARG A 1 68  ? 7.880   -10.099 -6.305  1.00 21.33 ? 109 ARG A O   1 
ATOM   387  C CB  . ARG A 1 68  ? 6.946   -10.635 -9.327  1.00 27.81 ? 109 ARG A CB  1 
ATOM   388  C CG  . ARG A 1 68  ? 5.874   -11.528 -8.728  1.00 30.59 ? 109 ARG A CG  1 
ATOM   389  C CD  . ARG A 1 68  ? 4.612   -11.300 -9.531  1.00 33.78 ? 109 ARG A CD  1 
ATOM   390  N NE  . ARG A 1 68  ? 3.785   -12.466 -9.580  1.00 37.22 ? 109 ARG A NE  1 
ATOM   391  C CZ  . ARG A 1 68  ? 2.809   -12.690 -10.454 1.00 38.06 ? 109 ARG A CZ  1 
ATOM   392  N NH1 . ARG A 1 68  ? 2.476   -11.808 -11.379 1.00 40.54 ? 109 ARG A NH1 1 
ATOM   393  N NH2 . ARG A 1 68  ? 2.153   -13.822 -10.383 1.00 41.22 ? 109 ARG A NH2 1 
ATOM   394  N N   . ARG A 1 69  ? 9.604   -9.864  -7.746  1.00 21.55 ? 110 ARG A N   1 
ATOM   395  C CA  . ARG A 1 69  ? 10.627  -10.252 -6.741  1.00 23.21 ? 110 ARG A CA  1 
ATOM   396  C C   . ARG A 1 69  ? 10.645  -9.220  -5.610  1.00 21.07 ? 110 ARG A C   1 
ATOM   397  O O   . ARG A 1 69  ? 10.759  -9.616  -4.433  1.00 19.93 ? 110 ARG A O   1 
ATOM   398  C CB  . ARG A 1 69  ? 12.019  -10.387 -7.359  1.00 25.59 ? 110 ARG A CB  1 
ATOM   399  C CG  . ARG A 1 69  ? 13.095  -10.459 -6.288  1.00 32.29 ? 110 ARG A CG  1 
ATOM   400  C CD  . ARG A 1 69  ? 14.426  -11.054 -6.685  1.00 39.31 ? 110 ARG A CD  1 
ATOM   401  N NE  . ARG A 1 69  ? 14.341  -12.504 -6.798  1.00 48.67 ? 110 ARG A NE  1 
ATOM   402  C CZ  . ARG A 1 69  ? 15.322  -13.356 -6.527  1.00 49.28 ? 110 ARG A CZ  1 
ATOM   403  N NH1 . ARG A 1 69  ? 16.488  -12.927 -6.065  1.00 47.71 ? 110 ARG A NH1 1 
ATOM   404  N NH2 . ARG A 1 69  ? 15.117  -14.649 -6.715  1.00 51.64 ? 110 ARG A NH2 1 
ATOM   405  N N   . ASP A 1 70  ? 10.578  -7.925  -5.954  1.00 20.48 ? 111 ASP A N   1 
ATOM   406  C CA  . ASP A 1 70  ? 10.597  -6.840  -4.925  1.00 19.82 ? 111 ASP A CA  1 
ATOM   407  C C   . ASP A 1 70  ? 9.346   -6.958  -4.047  1.00 19.61 ? 111 ASP A C   1 
ATOM   408  O O   . ASP A 1 70  ? 9.470   -6.788  -2.816  1.00 20.95 ? 111 ASP A O   1 
ATOM   409  C CB  . ASP A 1 70  ? 10.682  -5.452  -5.551  1.00 19.87 ? 111 ASP A CB  1 
ATOM   410  C CG  . ASP A 1 70  ? 12.066  -5.056  -6.033  1.00 21.85 ? 111 ASP A CG  1 
ATOM   411  O OD1 . ASP A 1 70  ? 13.039  -5.300  -5.294  1.00 25.22 ? 111 ASP A OD1 1 
ATOM   412  O OD2 . ASP A 1 70  ? 12.158  -4.521  -7.156  1.00 23.59 ? 111 ASP A OD2 1 
ATOM   413  N N   . PHE A 1 71  ? 8.185   -7.248  -4.629  1.00 19.45 ? 112 PHE A N   1 
ATOM   414  C CA  . PHE A 1 71  ? 6.925   -7.426  -3.857  1.00 21.94 ? 112 PHE A CA  1 
ATOM   415  C C   . PHE A 1 71  ? 7.058   -8.650  -2.939  1.00 24.56 ? 112 PHE A C   1 
ATOM   416  O O   . PHE A 1 71  ? 6.713   -8.586  -1.750  1.00 24.39 ? 112 PHE A O   1 
ATOM   417  C CB  . PHE A 1 71  ? 5.703   -7.606  -4.764  1.00 22.10 ? 112 PHE A CB  1 
ATOM   418  C CG  . PHE A 1 71  ? 5.063   -6.361  -5.330  1.00 21.92 ? 112 PHE A CG  1 
ATOM   419  C CD1 . PHE A 1 71  ? 5.496   -5.088  -4.990  1.00 21.74 ? 112 PHE A CD1 1 
ATOM   420  C CD2 . PHE A 1 71  ? 4.009   -6.470  -6.225  1.00 23.20 ? 112 PHE A CD2 1 
ATOM   421  C CE1 . PHE A 1 71  ? 4.893   -3.958  -5.521  1.00 21.73 ? 112 PHE A CE1 1 
ATOM   422  C CE2 . PHE A 1 71  ? 3.405   -5.342  -6.761  1.00 22.53 ? 112 PHE A CE2 1 
ATOM   423  C CZ  . PHE A 1 71  ? 3.837   -4.085  -6.389  1.00 23.21 ? 112 PHE A CZ  1 
ATOM   424  N N   . ALA A 1 72  ? 7.565   -9.753  -3.478  1.00 23.62 ? 113 ALA A N   1 
ATOM   425  C CA  . ALA A 1 72  ? 7.786   -10.984 -2.698  1.00 25.01 ? 113 ALA A CA  1 
ATOM   426  C C   . ALA A 1 72  ? 8.768   -10.692 -1.556  1.00 25.66 ? 113 ALA A C   1 
ATOM   427  O O   . ALA A 1 72  ? 8.462   -11.076 -0.411  1.00 24.70 ? 113 ALA A O   1 
ATOM   428  C CB  . ALA A 1 72  ? 8.243   -12.084 -3.635  1.00 25.25 ? 113 ALA A CB  1 
ATOM   429  N N   . GLU A 1 73  ? 9.858   -9.967  -1.794  1.00 27.50 ? 114 GLU A N   1 
ATOM   430  C CA  . GLU A 1 73  ? 10.873  -9.736  -0.731  1.00 28.98 ? 114 GLU A CA  1 
ATOM   431  C C   . GLU A 1 73  ? 10.311  -8.851  0.392   1.00 33.60 ? 114 GLU A C   1 
ATOM   432  O O   . GLU A 1 73  ? 10.718  -9.033  1.538   1.00 31.84 ? 114 GLU A O   1 
ATOM   433  C CB  . GLU A 1 73  ? 12.156  -9.146  -1.312  1.00 32.11 ? 114 GLU A CB  1 
ATOM   434  C CG  . GLU A 1 73  ? 13.057  -10.188 -1.946  1.00 36.15 ? 114 GLU A CG  1 
ATOM   435  C CD  . GLU A 1 73  ? 14.296  -9.668  -2.655  1.00 39.52 ? 114 GLU A CD  1 
ATOM   436  O OE1 . GLU A 1 73  ? 14.456  -8.437  -2.753  1.00 43.67 ? 114 GLU A OE1 1 
ATOM   437  O OE2 . GLU A 1 73  ? 15.095  -10.502 -3.116  1.00 43.32 ? 114 GLU A OE2 1 
ATOM   438  N N   . MET A 1 74  ? 9.403   -7.933  0.067   1.00 34.81 ? 115 MET A N   1 
ATOM   439  C CA  . MET A 1 74  ? 8.765   -7.065  1.093   1.00 36.36 ? 115 MET A CA  1 
ATOM   440  C C   . MET A 1 74  ? 7.801   -7.915  1.913   1.00 38.38 ? 115 MET A C   1 
ATOM   441  O O   . MET A 1 74  ? 7.810   -7.777  3.141   1.00 33.85 ? 115 MET A O   1 
ATOM   442  C CB  . MET A 1 74  ? 7.965   -5.941  0.431   1.00 37.82 ? 115 MET A CB  1 
ATOM   443  C CG  . MET A 1 74  ? 8.788   -4.731  0.075   1.00 41.18 ? 115 MET A CG  1 
ATOM   444  S SD  . MET A 1 74  ? 7.782   -3.493  -0.764  1.00 38.57 ? 115 MET A SD  1 
ATOM   445  C CE  . MET A 1 74  ? 6.942   -2.766  0.637   1.00 32.62 ? 115 MET A CE  1 
ATOM   446  N N   . SER A 1 75  ? 6.959   -8.700  1.236   1.00 42.67 ? 116 SER A N   1 
ATOM   447  C CA  A SER A 1 75  ? 6.021   -9.636  1.934   0.50 45.14 ? 116 SER A CA  1 
ATOM   448  C CA  B SER A 1 75  ? 6.018   -9.623  1.952   0.50 43.34 ? 116 SER A CA  1 
ATOM   449  C C   . SER A 1 75  ? 6.604   -10.880 2.689   1.00 47.33 ? 116 SER A C   1 
ATOM   450  O O   . SER A 1 75  ? 6.082   -11.810 3.608   1.00 46.35 ? 116 SER A O   1 
ATOM   451  C CB  A SER A 1 75  ? 4.971   -10.087 0.957   0.50 46.97 ? 116 SER A CB  1 
ATOM   452  C CB  B SER A 1 75  ? 4.883   -10.025 1.035   0.50 43.13 ? 116 SER A CB  1 
ATOM   453  O OG  A SER A 1 75  ? 4.035   -9.049  0.736   0.50 51.47 ? 116 SER A OG  1 
ATOM   454  O OG  B SER A 1 75  ? 5.361   -10.543 -0.193  0.50 42.18 ? 116 SER A OG  1 
ATOM   455  N N   . SER A 1 76  ? 7.890   -11.086 2.382   1.00 52.16 ? 117 SER A N   1 
ATOM   456  C CA  . SER A 1 76  ? 8.593   -12.190 3.081   1.00 53.44 ? 117 SER A CA  1 
ATOM   457  C C   . SER A 1 76  ? 8.821   -11.718 4.511   1.00 58.92 ? 117 SER A C   1 
ATOM   458  O O   . SER A 1 76  ? 8.797   -10.488 4.730   1.00 68.04 ? 117 SER A O   1 
ATOM   459  C CB  . SER A 1 76  ? 9.898   -12.492 2.415   1.00 52.06 ? 117 SER A CB  1 
ATOM   460  O OG  . SER A 1 76  ? 10.925  -11.620 2.868   1.00 52.91 ? 117 SER A OG  1 
ATOM   461  N N   . GLN A 1 77  ? 9.045   -12.650 5.435   1.00 61.17 ? 118 GLN A N   1 
ATOM   462  C CA  . GLN A 1 77  ? 9.271   -12.308 6.871   1.00 60.51 ? 118 GLN A CA  1 
ATOM   463  C C   . GLN A 1 77  ? 8.001   -11.706 7.486   1.00 56.23 ? 118 GLN A C   1 
ATOM   464  O O   . GLN A 1 77  ? 8.105   -11.154 8.601   1.00 62.77 ? 118 GLN A O   1 
ATOM   465  C CB  . GLN A 1 77  ? 10.511  -11.429 7.067   1.00 30.00 ? 118 GLN A CB  1 
ATOM   466  C CG  . GLN A 1 77  ? 11.820  -12.199 7.139   1.00 30.00 ? 118 GLN A CG  1 
ATOM   467  C CD  . GLN A 1 77  ? 13.005  -11.276 7.298   1.00 30.00 ? 118 GLN A CD  1 
ATOM   468  O OE1 . GLN A 1 77  ? 12.898  -10.060 7.151   1.00 30.00 ? 118 GLN A OE1 1 
ATOM   469  N NE2 . GLN A 1 77  ? 14.155  -11.854 7.605   1.00 30.00 ? 118 GLN A NE2 1 
ATOM   470  N N   . LEU A 1 78  ? 6.850   -11.820 6.815   1.00 52.20 ? 119 LEU A N   1 
ATOM   471  C CA  . LEU A 1 78  ? 5.578   -11.403 7.460   1.00 50.18 ? 119 LEU A CA  1 
ATOM   472  C C   . LEU A 1 78  ? 5.142   -12.536 8.388   1.00 48.45 ? 119 LEU A C   1 
ATOM   473  O O   . LEU A 1 78  ? 4.360   -13.387 7.939   1.00 51.51 ? 119 LEU A O   1 
ATOM   474  C CB  . LEU A 1 78  ? 4.490   -11.132 6.417   1.00 50.84 ? 119 LEU A CB  1 
ATOM   475  C CG  . LEU A 1 78  ? 3.721   -9.825  6.560   1.00 51.97 ? 119 LEU A CG  1 
ATOM   476  C CD1 . LEU A 1 78  ? 4.624   -8.717  7.082   1.00 53.44 ? 119 LEU A CD1 1 
ATOM   477  C CD2 . LEU A 1 78  ? 3.108   -9.431  5.228   1.00 56.24 ? 119 LEU A CD2 1 
ATOM   478  N N   . HIS A 1 79  ? 5.680   -12.595 9.600   1.00 41.30 ? 120 HIS A N   1 
ATOM   479  C CA  . HIS A 1 79  ? 5.155   -13.560 10.592  1.00 40.50 ? 120 HIS A CA  1 
ATOM   480  C C   . HIS A 1 79  ? 4.225   -12.715 11.461  1.00 39.43 ? 120 HIS A C   1 
ATOM   481  O O   . HIS A 1 79  ? 4.745   -11.889 12.225  1.00 41.93 ? 120 HIS A O   1 
ATOM   482  C CB  . HIS A 1 79  ? 6.284   -14.240 11.354  1.00 42.86 ? 120 HIS A CB  1 
ATOM   483  C CG  . HIS A 1 79  ? 5.787   -15.339 12.225  1.00 48.04 ? 120 HIS A CG  1 
ATOM   484  N ND1 . HIS A 1 79  ? 5.339   -15.115 13.509  1.00 48.27 ? 120 HIS A ND1 1 
ATOM   485  C CD2 . HIS A 1 79  ? 5.625   -16.656 11.988  1.00 48.63 ? 120 HIS A CD2 1 
ATOM   486  C CE1 . HIS A 1 79  ? 4.935   -16.252 14.032  1.00 50.01 ? 120 HIS A CE1 1 
ATOM   487  N NE2 . HIS A 1 79  ? 5.103   -17.210 13.121  1.00 51.16 ? 120 HIS A NE2 1 
ATOM   488  N N   . LEU A 1 80  ? 2.921   -12.918 11.352  1.00 30.51 ? 121 LEU A N   1 
ATOM   489  C CA  . LEU A 1 80  ? 1.988   -11.973 12.018  1.00 30.47 ? 121 LEU A CA  1 
ATOM   490  C C   . LEU A 1 80  ? 1.359   -12.498 13.308  1.00 25.19 ? 121 LEU A C   1 
ATOM   491  O O   . LEU A 1 80  ? 0.936   -13.644 13.306  1.00 19.03 ? 121 LEU A O   1 
ATOM   492  C CB  . LEU A 1 80  ? 0.890   -11.597 11.016  1.00 31.81 ? 121 LEU A CB  1 
ATOM   493  C CG  . LEU A 1 80  ? 0.845   -10.152 10.533  1.00 34.77 ? 121 LEU A CG  1 
ATOM   494  C CD1 . LEU A 1 80  ? 2.240   -9.611  10.267  1.00 32.60 ? 121 LEU A CD1 1 
ATOM   495  C CD2 . LEU A 1 80  ? -0.014  -10.057 9.281   1.00 36.62 ? 121 LEU A CD2 1 
ATOM   496  N N   . THR A 1 81  ? 1.392   -11.677 14.363  1.00 21.93 ? 122 THR A N   1 
ATOM   497  C CA  . THR A 1 81  ? 0.634   -11.956 15.611  1.00 21.13 ? 122 THR A CA  1 
ATOM   498  C C   . THR A 1 81  ? 0.010   -10.614 16.013  1.00 18.73 ? 122 THR A C   1 
ATOM   499  O O   . THR A 1 81  ? 0.602   -9.589  15.681  1.00 19.69 ? 122 THR A O   1 
ATOM   500  C CB  . THR A 1 81  ? 1.476   -12.515 16.760  1.00 21.08 ? 122 THR A CB  1 
ATOM   501  O OG1 . THR A 1 81  ? 2.238   -11.445 17.308  1.00 20.89 ? 122 THR A OG1 1 
ATOM   502  C CG2 . THR A 1 81  ? 2.374   -13.662 16.352  1.00 21.19 ? 122 THR A CG2 1 
ATOM   503  N N   . PRO A 1 82  ? -1.149  -10.562 16.686  1.00 17.36 ? 123 PRO A N   1 
ATOM   504  C CA  . PRO A 1 82  ? -1.767  -9.264  16.979  1.00 18.68 ? 123 PRO A CA  1 
ATOM   505  C C   . PRO A 1 82  ? -0.801  -8.272  17.679  1.00 18.02 ? 123 PRO A C   1 
ATOM   506  O O   . PRO A 1 82  ? -0.787  -7.140  17.296  1.00 17.88 ? 123 PRO A O   1 
ATOM   507  C CB  . PRO A 1 82  ? -3.029  -9.645  17.776  1.00 18.08 ? 123 PRO A CB  1 
ATOM   508  C CG  . PRO A 1 82  ? -3.330  -11.057 17.336  1.00 18.00 ? 123 PRO A CG  1 
ATOM   509  C CD  . PRO A 1 82  ? -1.974  -11.690 17.114  1.00 18.41 ? 123 PRO A CD  1 
ATOM   510  N N   . PHE A 1 83  ? 0.004   -8.744  18.632  1.00 17.57 ? 124 PHE A N   1 
ATOM   511  C CA  . PHE A 1 83  ? 0.928   -7.849  19.383  1.00 17.74 ? 124 PHE A CA  1 
ATOM   512  C C   . PHE A 1 83  ? 2.187   -7.460  18.578  1.00 18.48 ? 124 PHE A C   1 
ATOM   513  O O   . PHE A 1 83  ? 2.912   -6.577  19.038  1.00 18.76 ? 124 PHE A O   1 
ATOM   514  C CB  . PHE A 1 83  ? 1.344   -8.513  20.692  1.00 18.34 ? 124 PHE A CB  1 
ATOM   515  C CG  . PHE A 1 83  ? 0.268   -8.566  21.747  1.00 18.42 ? 124 PHE A CG  1 
ATOM   516  C CD1 . PHE A 1 83  ? -0.715  -7.593  21.812  1.00 19.12 ? 124 PHE A CD1 1 
ATOM   517  C CD2 . PHE A 1 83  ? 0.237   -9.592  22.677  1.00 19.68 ? 124 PHE A CD2 1 
ATOM   518  C CE1 . PHE A 1 83  ? -1.703  -7.645  22.780  1.00 20.66 ? 124 PHE A CE1 1 
ATOM   519  C CE2 . PHE A 1 83  ? -0.751  -9.640  23.646  1.00 20.49 ? 124 PHE A CE2 1 
ATOM   520  C CZ  . PHE A 1 83  ? -1.717  -8.668  23.698  1.00 20.04 ? 124 PHE A CZ  1 
ATOM   521  N N   . THR A 1 84  ? 2.452   -8.118  17.446  1.00 18.55 ? 125 THR A N   1 
ATOM   522  C CA  . THR A 1 84  ? 3.614   -7.782  16.572  1.00 18.22 ? 125 THR A CA  1 
ATOM   523  C C   . THR A 1 84  ? 3.157   -7.108  15.264  1.00 19.39 ? 125 THR A C   1 
ATOM   524  O O   . THR A 1 84  ? 4.012   -6.596  14.572  1.00 21.42 ? 125 THR A O   1 
ATOM   525  C CB  . THR A 1 84  ? 4.444   -9.039  16.273  1.00 20.22 ? 125 THR A CB  1 
ATOM   526  O OG1 . THR A 1 84  ? 3.677   -9.990  15.537  1.00 18.28 ? 125 THR A OG1 1 
ATOM   527  C CG2 . THR A 1 84  ? 5.016   -9.663  17.530  1.00 20.77 ? 125 THR A CG2 1 
ATOM   528  N N   . ALA A 1 85  ? 1.857   -7.059  14.992  1.00 19.41 ? 126 ALA A N   1 
ATOM   529  C CA  . ALA A 1 85  ? 1.309   -6.547  13.706  1.00 19.98 ? 126 ALA A CA  1 
ATOM   530  C C   . ALA A 1 85  ? 1.848   -5.135  13.432  1.00 21.02 ? 126 ALA A C   1 
ATOM   531  O O   . ALA A 1 85  ? 2.403   -4.902  12.338  1.00 21.17 ? 126 ALA A O   1 
ATOM   532  C CB  . ALA A 1 85  ? -0.212  -6.550  13.730  1.00 30.00 ? 126 ALA A CB  1 
ATOM   533  N N   . ARG A 1 86  ? 1.661   -4.209  14.366  1.00 22.91 ? 127 ARG A N   1 
ATOM   534  C CA  . ARG A 1 86  ? 2.052   -2.780  14.173  1.00 25.26 ? 127 ARG A CA  1 
ATOM   535  C C   . ARG A 1 86  ? 3.557   -2.684  13.894  1.00 24.67 ? 127 ARG A C   1 
ATOM   536  O O   . ARG A 1 86  ? 3.941   -1.946  12.962  1.00 25.02 ? 127 ARG A O   1 
ATOM   537  C CB  . ARG A 1 86  ? 1.679   -1.939  15.390  1.00 29.51 ? 127 ARG A CB  1 
ATOM   538  C CG  . ARG A 1 86  ? 1.910   -0.451  15.167  1.00 36.53 ? 127 ARG A CG  1 
ATOM   539  C CD  . ARG A 1 86  ? 1.229   0.366   16.235  1.00 42.50 ? 127 ARG A CD  1 
ATOM   540  N NE  . ARG A 1 86  ? 0.749   1.637   15.713  1.00 46.65 ? 127 ARG A NE  1 
ATOM   541  C CZ  . ARG A 1 86  ? -0.381  2.223   16.101  1.00 50.08 ? 127 ARG A CZ  1 
ATOM   542  N NH1 . ARG A 1 86  ? -1.163  1.635   16.999  1.00 46.45 ? 127 ARG A NH1 1 
ATOM   543  N NH2 . ARG A 1 86  ? -0.737  3.381   15.562  1.00 51.76 ? 127 ARG A NH2 1 
ATOM   544  N N   . GLY A 1 87  ? 4.384   -3.413  14.644  1.00 24.43 ? 128 GLY A N   1 
ATOM   545  C CA  . GLY A 1 87  ? 5.854   -3.338  14.537  1.00 25.48 ? 128 GLY A CA  1 
ATOM   546  C C   . GLY A 1 87  ? 6.350   -3.848  13.196  1.00 26.46 ? 128 GLY A C   1 
ATOM   547  O O   . GLY A 1 87  ? 7.238   -3.189  12.623  1.00 26.35 ? 128 GLY A O   1 
ATOM   548  N N   . ARG A 1 88  ? 5.781   -4.966  12.728  1.00 25.37 ? 129 ARG A N   1 
ATOM   549  C CA  . ARG A 1 88  ? 5.958   -5.546  11.374  1.00 28.54 ? 129 ARG A CA  1 
ATOM   550  C C   . ARG A 1 88  ? 5.553   -4.499  10.330  1.00 24.69 ? 129 ARG A C   1 
ATOM   551  O O   . ARG A 1 88  ? 6.365   -4.240  9.455   1.00 24.63 ? 129 ARG A O   1 
ATOM   552  C CB  . ARG A 1 88  ? 5.149   -6.833  11.217  1.00 32.91 ? 129 ARG A CB  1 
ATOM   553  C CG  . ARG A 1 88  ? 5.614   -7.982  12.104  1.00 40.01 ? 129 ARG A CG  1 
ATOM   554  C CD  . ARG A 1 88  ? 6.963   -8.528  11.690  1.00 48.43 ? 129 ARG A CD  1 
ATOM   555  N NE  . ARG A 1 88  ? 7.325   -9.687  12.504  1.00 57.70 ? 129 ARG A NE  1 
ATOM   556  C CZ  . ARG A 1 88  ? 8.066   -9.658  13.616  1.00 58.05 ? 129 ARG A CZ  1 
ATOM   557  N NH1 . ARG A 1 88  ? 8.567   -8.524  14.079  1.00 57.83 ? 129 ARG A NH1 1 
ATOM   558  N NH2 . ARG A 1 88  ? 8.304   -10.781 14.270  1.00 57.20 ? 129 ARG A NH2 1 
ATOM   559  N N   . PHE A 1 89  ? 4.384   -3.880  10.426  1.00 23.01 ? 130 PHE A N   1 
ATOM   560  C CA  . PHE A 1 89  ? 3.970   -2.842  9.444   1.00 22.82 ? 130 PHE A CA  1 
ATOM   561  C C   . PHE A 1 89  ? 5.037   -1.735  9.389   1.00 23.82 ? 130 PHE A C   1 
ATOM   562  O O   . PHE A 1 89  ? 5.545   -1.415  8.294   1.00 24.32 ? 130 PHE A O   1 
ATOM   563  C CB  . PHE A 1 89  ? 2.610   -2.258  9.816   1.00 21.90 ? 130 PHE A CB  1 
ATOM   564  C CG  . PHE A 1 89  ? 2.112   -1.174  8.894   1.00 22.63 ? 130 PHE A CG  1 
ATOM   565  C CD1 . PHE A 1 89  ? 1.479   -1.512  7.706   1.00 22.30 ? 130 PHE A CD1 1 
ATOM   566  C CD2 . PHE A 1 89  ? 2.237   0.171   9.222   1.00 23.87 ? 130 PHE A CD2 1 
ATOM   567  C CE1 . PHE A 1 89  ? 0.984   -0.531  6.860   1.00 22.00 ? 130 PHE A CE1 1 
ATOM   568  C CE2 . PHE A 1 89  ? 1.764   1.155   8.360   1.00 23.09 ? 130 PHE A CE2 1 
ATOM   569  C CZ  . PHE A 1 89  ? 1.131   0.797   7.184   1.00 23.71 ? 130 PHE A CZ  1 
ATOM   570  N N   . ALA A 1 90  ? 5.372   -1.183  10.556  1.00 21.31 ? 131 ALA A N   1 
ATOM   571  C CA  . ALA A 1 90  ? 6.268   -0.018  10.723  1.00 22.13 ? 131 ALA A CA  1 
ATOM   572  C C   . ALA A 1 90  ? 7.641   -0.329  10.117  1.00 22.51 ? 131 ALA A C   1 
ATOM   573  O O   . ALA A 1 90  ? 8.148   0.535   9.395   1.00 23.91 ? 131 ALA A O   1 
ATOM   574  C CB  . ALA A 1 90  ? 6.397   0.359   12.191  1.00 30.00 ? 131 ALA A CB  1 
ATOM   575  N N   . THR A 1 91  ? 8.223   -1.496  10.417  1.00 23.71 ? 132 THR A N   1 
ATOM   576  C CA  . THR A 1 91  ? 9.571   -1.882  9.928   1.00 24.14 ? 132 THR A CA  1 
ATOM   577  C C   . THR A 1 91  ? 9.549   -1.883  8.394   1.00 22.32 ? 132 THR A C   1 
ATOM   578  O O   . THR A 1 91  ? 10.435  -1.265  7.808   1.00 22.55 ? 132 THR A O   1 
ATOM   579  C CB  . THR A 1 91  ? 10.067  -3.209  10.520  1.00 27.90 ? 132 THR A CB  1 
ATOM   580  O OG1 . THR A 1 91  ? 9.105   -4.233  10.266  1.00 38.92 ? 132 THR A OG1 1 
ATOM   581  C CG2 . THR A 1 91  ? 10.314  -3.141  12.007  1.00 26.67 ? 132 THR A CG2 1 
ATOM   582  N N   . VAL A 1 92  ? 8.535   -2.492  7.775   1.00 21.49 ? 133 VAL A N   1 
ATOM   583  C CA  . VAL A 1 92  ? 8.468   -2.619  6.288   1.00 20.04 ? 133 VAL A CA  1 
ATOM   584  C C   . VAL A 1 92  ? 8.328   -1.232  5.665   1.00 19.69 ? 133 VAL A C   1 
ATOM   585  O O   . VAL A 1 92  ? 9.136   -0.869  4.777   1.00 18.83 ? 133 VAL A O   1 
ATOM   586  C CB  . VAL A 1 92  ? 7.330   -3.538  5.830   1.00 19.75 ? 133 VAL A CB  1 
ATOM   587  C CG1 . VAL A 1 92  ? 7.222   -3.520  4.317   1.00 20.00 ? 133 VAL A CG1 1 
ATOM   588  C CG2 . VAL A 1 92  ? 7.544   -4.963  6.325   1.00 21.60 ? 133 VAL A CG2 1 
ATOM   589  N N   . VAL A 1 93  ? 7.341   -0.478  6.126   1.00 20.34 ? 134 VAL A N   1 
ATOM   590  C CA  . VAL A 1 93  ? 6.996   0.848   5.541   1.00 20.17 ? 134 VAL A CA  1 
ATOM   591  C C   . VAL A 1 93  ? 8.126   1.843   5.833   1.00 19.95 ? 134 VAL A C   1 
ATOM   592  O O   . VAL A 1 93  ? 8.392   2.665   4.950   1.00 18.81 ? 134 VAL A O   1 
ATOM   593  C CB  . VAL A 1 93  ? 5.602   1.295   6.006   1.00 21.66 ? 134 VAL A CB  1 
ATOM   594  C CG1 . VAL A 1 93  ? 5.259   2.685   5.543   1.00 25.28 ? 134 VAL A CG1 1 
ATOM   595  C CG2 . VAL A 1 93  ? 4.528   0.313   5.533   1.00 22.66 ? 134 VAL A CG2 1 
ATOM   596  N N   . GLU A 1 94  ? 8.828   1.741   6.968   1.00 20.81 ? 135 GLU A N   1 
ATOM   597  C CA  . GLU A 1 94  ? 9.902   2.721   7.313   1.00 23.57 ? 135 GLU A CA  1 
ATOM   598  C C   . GLU A 1 94  ? 11.147  2.448   6.460   1.00 22.36 ? 135 GLU A C   1 
ATOM   599  O O   . GLU A 1 94  ? 11.791  3.427   6.042   1.00 24.44 ? 135 GLU A O   1 
ATOM   600  C CB  . GLU A 1 94  ? 10.279  2.722   8.796   1.00 26.97 ? 135 GLU A CB  1 
ATOM   601  C CG  . GLU A 1 94  ? 9.383   3.610   9.660   1.00 31.79 ? 135 GLU A CG  1 
ATOM   602  C CD  . GLU A 1 94  ? 9.401   3.258   11.147  1.00 39.59 ? 135 GLU A CD  1 
ATOM   603  O OE1 . GLU A 1 94  ? 10.410  2.671   11.623  1.00 43.89 ? 135 GLU A OE1 1 
ATOM   604  O OE2 . GLU A 1 94  ? 8.391   3.524   11.833  1.00 41.16 ? 135 GLU A OE2 1 
ATOM   605  N N   . GLU A 1 95  ? 11.417  1.183   6.147   1.00 21.28 ? 136 GLU A N   1 
ATOM   606  C CA  . GLU A 1 95  ? 12.504  0.767   5.235   1.00 22.13 ? 136 GLU A CA  1 
ATOM   607  C C   . GLU A 1 95  ? 12.143  1.218   3.810   1.00 20.81 ? 136 GLU A C   1 
ATOM   608  O O   . GLU A 1 95  ? 13.038  1.692   3.090   1.00 21.23 ? 136 GLU A O   1 
ATOM   609  C CB  . GLU A 1 95  ? 12.730  -0.739  5.340   1.00 24.77 ? 136 GLU A CB  1 
ATOM   610  C CG  . GLU A 1 95  ? 13.767  -1.247  4.356   1.00 29.41 ? 136 GLU A CG  1 
ATOM   611  C CD  . GLU A 1 95  ? 15.198  -0.771  4.575   1.00 33.12 ? 136 GLU A CD  1 
ATOM   612  O OE1 . GLU A 1 95  ? 16.050  -1.064  3.699   1.00 33.33 ? 136 GLU A OE1 1 
ATOM   613  O OE2 . GLU A 1 95  ? 15.472  -0.117  5.626   1.00 37.58 ? 136 GLU A OE2 1 
ATOM   614  N N   . LEU A 1 96  ? 10.883  1.081   3.422   1.00 17.50 ? 137 LEU A N   1 
ATOM   615  C CA  . LEU A 1 96  ? 10.418  1.477   2.071   1.00 18.88 ? 137 LEU A CA  1 
ATOM   616  C C   . LEU A 1 96  ? 10.712  2.970   1.839   1.00 18.93 ? 137 LEU A C   1 
ATOM   617  O O   . LEU A 1 96  ? 11.300  3.316   0.763   1.00 19.06 ? 137 LEU A O   1 
ATOM   618  C CB  . LEU A 1 96  ? 8.929   1.119   1.969   1.00 18.59 ? 137 LEU A CB  1 
ATOM   619  C CG  . LEU A 1 96  ? 8.243   1.498   0.661   1.00 18.50 ? 137 LEU A CG  1 
ATOM   620  C CD1 . LEU A 1 96  ? 8.927   0.839   -0.523  1.00 18.63 ? 137 LEU A CD1 1 
ATOM   621  C CD2 . LEU A 1 96  ? 6.778   1.129   0.739   1.00 17.82 ? 137 LEU A CD2 1 
ATOM   622  N N   . PHE A 1 97  ? 10.419  3.829   2.809   1.00 18.23 ? 138 PHE A N   1 
ATOM   623  C CA  . PHE A 1 97  ? 10.505  5.303   2.633   1.00 19.26 ? 138 PHE A CA  1 
ATOM   624  C C   . PHE A 1 97  ? 11.683  5.955   3.378   1.00 19.99 ? 138 PHE A C   1 
ATOM   625  O O   . PHE A 1 97  ? 11.711  7.204   3.375   1.00 17.87 ? 138 PHE A O   1 
ATOM   626  C CB  . PHE A 1 97  ? 9.178   5.910   3.075   1.00 17.77 ? 138 PHE A CB  1 
ATOM   627  C CG  . PHE A 1 97  ? 7.996   5.490   2.240   1.00 16.60 ? 138 PHE A CG  1 
ATOM   628  C CD1 . PHE A 1 97  ? 7.877   5.902   0.922   1.00 16.88 ? 138 PHE A CD1 1 
ATOM   629  C CD2 . PHE A 1 97  ? 6.979   4.724   2.788   1.00 16.48 ? 138 PHE A CD2 1 
ATOM   630  C CE1 . PHE A 1 97  ? 6.763   5.557   0.174   1.00 16.22 ? 138 PHE A CE1 1 
ATOM   631  C CE2 . PHE A 1 97  ? 5.876   4.364   2.032   1.00 16.63 ? 138 PHE A CE2 1 
ATOM   632  C CZ  . PHE A 1 97  ? 5.771   4.774   0.717   1.00 16.71 ? 138 PHE A CZ  1 
ATOM   633  N N   . ARG A 1 98  ? 12.664  5.210   3.903   1.00 21.43 ? 139 ARG A N   1 
ATOM   634  C CA  . ARG A 1 98  ? 13.675  5.800   4.834   1.00 23.44 ? 139 ARG A CA  1 
ATOM   635  C C   . ARG A 1 98  ? 14.538  6.865   4.145   1.00 23.00 ? 139 ARG A C   1 
ATOM   636  O O   . ARG A 1 98  ? 14.843  7.874   4.821   1.00 24.59 ? 139 ARG A O   1 
ATOM   637  C CB  . ARG A 1 98  ? 14.568  4.749   5.485   1.00 26.39 ? 139 ARG A CB  1 
ATOM   638  C CG  . ARG A 1 98  ? 15.460  3.976   4.537   1.00 29.54 ? 139 ARG A CG  1 
ATOM   639  C CD  . ARG A 1 98  ? 16.416  3.154   5.384   1.00 32.56 ? 139 ARG A CD  1 
ATOM   640  N NE  . ARG A 1 98  ? 17.113  2.211   4.530   1.00 37.07 ? 139 ARG A NE  1 
ATOM   641  C CZ  . ARG A 1 98  ? 18.160  2.512   3.771   1.00 40.06 ? 139 ARG A CZ  1 
ATOM   642  N NH1 . ARG A 1 98  ? 18.710  1.574   3.016   1.00 41.96 ? 139 ARG A NH1 1 
ATOM   643  N NH2 . ARG A 1 98  ? 18.660  3.735   3.775   1.00 38.78 ? 139 ARG A NH2 1 
ATOM   644  N N   . ASP A 1 99  ? 14.854  6.692   2.853   1.00 21.60 ? 140 ASP A N   1 
ATOM   645  C CA  . ASP A 1 99  ? 15.719  7.618   2.070   1.00 21.39 ? 140 ASP A CA  1 
ATOM   646  C C   . ASP A 1 99  ? 14.904  8.295   0.964   1.00 19.80 ? 140 ASP A C   1 
ATOM   647  O O   . ASP A 1 99  ? 15.536  8.827   0.009   1.00 19.12 ? 140 ASP A O   1 
ATOM   648  C CB  . ASP A 1 99  ? 16.938  6.893   1.486   1.00 22.63 ? 140 ASP A CB  1 
ATOM   649  C CG  . ASP A 1 99  ? 16.628  5.692   0.587   1.00 25.18 ? 140 ASP A CG  1 
ATOM   650  O OD1 . ASP A 1 99  ? 15.446  5.436   0.274   1.00 25.00 ? 140 ASP A OD1 1 
ATOM   651  O OD2 . ASP A 1 99  ? 17.574  5.019   0.203   1.00 27.28 ? 140 ASP A OD2 1 
ATOM   652  N N   . GLY A 1 100 ? 13.572  8.327   1.079   1.00 17.38 ? 141 GLY A N   1 
ATOM   653  C CA  . GLY A 1 100 ? 12.757  9.146   0.166   1.00 18.30 ? 141 GLY A CA  1 
ATOM   654  C C   . GLY A 1 100 ? 11.465  8.494   -0.273  1.00 16.88 ? 141 GLY A C   1 
ATOM   655  O O   . GLY A 1 100 ? 11.242  7.308   -0.015  1.00 15.85 ? 141 GLY A O   1 
ATOM   656  N N   . VAL A 1 101 ? 10.642  9.309   -0.922  1.00 16.97 ? 142 VAL A N   1 
ATOM   657  C CA  . VAL A 1 101 ? 9.293   8.975   -1.427  1.00 16.60 ? 142 VAL A CA  1 
ATOM   658  C C   . VAL A 1 101 ? 9.306   9.156   -2.941  1.00 16.68 ? 142 VAL A C   1 
ATOM   659  O O   . VAL A 1 101 ? 9.759   10.226  -3.454  1.00 16.30 ? 142 VAL A O   1 
ATOM   660  C CB  . VAL A 1 101 ? 8.211   9.839   -0.754  1.00 16.36 ? 142 VAL A CB  1 
ATOM   661  C CG1 . VAL A 1 101 ? 6.819   9.497   -1.295  1.00 15.98 ? 142 VAL A CG1 1 
ATOM   662  C CG2 . VAL A 1 101 ? 8.268   9.727   0.765   1.00 16.21 ? 142 VAL A CG2 1 
ATOM   663  N N   . ASN A 1 102 ? 8.817   8.148   -3.659  1.00 15.74 ? 143 ASN A N   1 
ATOM   664  C CA  . ASN A 1 102 ? 8.478   8.327   -5.088  1.00 14.94 ? 143 ASN A CA  1 
ATOM   665  C C   . ASN A 1 102 ? 7.171   7.593   -5.356  1.00 15.70 ? 143 ASN A C   1 
ATOM   666  O O   . ASN A 1 102 ? 6.679   6.905   -4.447  1.00 16.51 ? 143 ASN A O   1 
ATOM   667  C CB  . ASN A 1 102 ? 9.650   7.922   -5.979  1.00 15.54 ? 143 ASN A CB  1 
ATOM   668  C CG  . ASN A 1 102 ? 9.973   6.453   -5.906  1.00 15.92 ? 143 ASN A CG  1 
ATOM   669  O OD1 . ASN A 1 102 ? 9.059   5.630   -5.834  1.00 15.91 ? 143 ASN A OD1 1 
ATOM   670  N ND2 . ASN A 1 102 ? 11.255  6.118   -5.856  1.00 16.95 ? 143 ASN A ND2 1 
ATOM   671  N N   . TRP A 1 103 ? 6.603   7.762   -6.551  1.00 15.82 ? 144 TRP A N   1 
ATOM   672  C CA  . TRP A 1 103 ? 5.299   7.129   -6.866  1.00 17.03 ? 144 TRP A CA  1 
ATOM   673  C C   . TRP A 1 103 ? 5.399   5.598   -6.840  1.00 16.82 ? 144 TRP A C   1 
ATOM   674  O O   . TRP A 1 103 ? 4.430   4.972   -6.433  1.00 16.45 ? 144 TRP A O   1 
ATOM   675  C CB  . TRP A 1 103 ? 4.783   7.621   -8.206  1.00 17.09 ? 144 TRP A CB  1 
ATOM   676  C CG  . TRP A 1 103 ? 4.141   8.967   -8.127  1.00 18.36 ? 144 TRP A CG  1 
ATOM   677  C CD1 . TRP A 1 103 ? 4.556   10.090  -8.765  1.00 20.42 ? 144 TRP A CD1 1 
ATOM   678  C CD2 . TRP A 1 103 ? 2.914   9.312   -7.454  1.00 19.72 ? 144 TRP A CD2 1 
ATOM   679  N NE1 . TRP A 1 103 ? 3.686   11.119  -8.512  1.00 20.78 ? 144 TRP A NE1 1 
ATOM   680  C CE2 . TRP A 1 103 ? 2.661   10.674  -7.729  1.00 20.92 ? 144 TRP A CE2 1 
ATOM   681  C CE3 . TRP A 1 103 ? 2.004   8.608   -6.655  1.00 21.38 ? 144 TRP A CE3 1 
ATOM   682  C CZ2 . TRP A 1 103 ? 1.569   11.359  -7.198  1.00 21.76 ? 144 TRP A CZ2 1 
ATOM   683  C CZ3 . TRP A 1 103 ? 0.919   9.275   -6.132  1.00 22.29 ? 144 TRP A CZ3 1 
ATOM   684  C CH2 . TRP A 1 103 ? 0.698   10.634  -6.410  1.00 22.32 ? 144 TRP A CH2 1 
ATOM   685  N N   . GLY A 1 104 ? 6.531   5.013   -7.233  1.00 15.79 ? 145 GLY A N   1 
ATOM   686  C CA  . GLY A 1 104 ? 6.700   3.548   -7.215  1.00 15.77 ? 145 GLY A CA  1 
ATOM   687  C C   . GLY A 1 104 ? 6.701   3.027   -5.794  1.00 15.15 ? 145 GLY A C   1 
ATOM   688  O O   . GLY A 1 104 ? 6.231   1.919   -5.531  1.00 13.49 ? 145 GLY A O   1 
ATOM   689  N N   . ARG A 1 105 ? 7.167   3.829   -4.846  1.00 15.09 ? 146 ARG A N   1 
ATOM   690  C CA  . ARG A 1 105 ? 7.182   3.381   -3.437  1.00 14.45 ? 146 ARG A CA  1 
ATOM   691  C C   . ARG A 1 105 ? 5.747   3.513   -2.917  1.00 14.73 ? 146 ARG A C   1 
ATOM   692  O O   . ARG A 1 105 ? 5.349   2.648   -2.148  1.00 15.54 ? 146 ARG A O   1 
ATOM   693  C CB  . ARG A 1 105 ? 8.256   4.119   -2.639  1.00 13.66 ? 146 ARG A CB  1 
ATOM   694  C CG  . ARG A 1 105 ? 9.682   3.793   -3.047  1.00 13.87 ? 146 ARG A CG  1 
ATOM   695  C CD  . ARG A 1 105 ? 10.733  4.677   -2.402  1.00 14.03 ? 146 ARG A CD  1 
ATOM   696  N NE  . ARG A 1 105 ? 12.071  4.237   -2.751  1.00 14.91 ? 146 ARG A NE  1 
ATOM   697  C CZ  . ARG A 1 105 ? 13.216  4.629   -2.166  1.00 17.26 ? 146 ARG A CZ  1 
ATOM   698  N NH1 . ARG A 1 105 ? 14.371  4.136   -2.576  1.00 19.65 ? 146 ARG A NH1 1 
ATOM   699  N NH2 . ARG A 1 105 ? 13.219  5.491   -1.172  1.00 19.38 ? 146 ARG A NH2 1 
ATOM   700  N N   . ILE A 1 106 ? 4.974   4.508   -3.363  1.00 14.22 ? 147 ILE A N   1 
ATOM   701  C CA  . ILE A 1 106 ? 3.553   4.652   -2.916  1.00 14.96 ? 147 ILE A CA  1 
ATOM   702  C C   . ILE A 1 106 ? 2.753   3.438   -3.414  1.00 14.30 ? 147 ILE A C   1 
ATOM   703  O O   . ILE A 1 106 ? 2.033   2.820   -2.648  1.00 13.26 ? 147 ILE A O   1 
ATOM   704  C CB  . ILE A 1 106 ? 2.971   6.013   -3.341  1.00 15.59 ? 147 ILE A CB  1 
ATOM   705  C CG1 . ILE A 1 106 ? 3.599   7.147   -2.513  1.00 17.31 ? 147 ILE A CG1 1 
ATOM   706  C CG2 . ILE A 1 106 ? 1.460   6.017   -3.191  1.00 16.06 ? 147 ILE A CG2 1 
ATOM   707  C CD1 . ILE A 1 106 ? 3.461   8.529   -3.085  1.00 17.35 ? 147 ILE A CD1 1 
ATOM   708  N N   . VAL A 1 107 ? 2.942   3.046   -4.657  1.00 14.35 ? 148 VAL A N   1 
ATOM   709  C CA  . VAL A 1 107 ? 2.272   1.834   -5.197  1.00 16.13 ? 148 VAL A CA  1 
ATOM   710  C C   . VAL A 1 107 ? 2.610   0.627   -4.297  1.00 15.27 ? 148 VAL A C   1 
ATOM   711  O O   . VAL A 1 107 ? 1.678   -0.071  -3.839  1.00 15.87 ? 148 VAL A O   1 
ATOM   712  C CB  . VAL A 1 107 ? 2.644   1.597   -6.665  1.00 16.63 ? 148 VAL A CB  1 
ATOM   713  C CG1 . VAL A 1 107 ? 2.053   0.290   -7.161  1.00 16.88 ? 148 VAL A CG1 1 
ATOM   714  C CG2 . VAL A 1 107 ? 2.224   2.767   -7.554  1.00 16.85 ? 148 VAL A CG2 1 
ATOM   715  N N   . ALA A 1 108 ? 3.889   0.423   -3.997  1.00 15.85 ? 149 ALA A N   1 
ATOM   716  C CA  . ALA A 1 108 ? 4.408   -0.730  -3.219  1.00 15.49 ? 149 ALA A CA  1 
ATOM   717  C C   . ALA A 1 108 ? 3.819   -0.721  -1.804  1.00 15.67 ? 149 ALA A C   1 
ATOM   718  O O   . ALA A 1 108 ? 3.612   -1.800  -1.222  1.00 16.56 ? 149 ALA A O   1 
ATOM   719  C CB  . ALA A 1 108 ? 5.916   -0.672  -3.217  1.00 15.10 ? 149 ALA A CB  1 
ATOM   720  N N   . PHE A 1 109 ? 3.622   0.469   -1.223  1.00 16.07 ? 150 PHE A N   1 
ATOM   721  C CA  . PHE A 1 109 ? 3.071   0.668   0.144   1.00 15.87 ? 150 PHE A CA  1 
ATOM   722  C C   . PHE A 1 109 ? 1.637   0.140   0.189   1.00 16.58 ? 150 PHE A C   1 
ATOM   723  O O   . PHE A 1 109 ? 1.227   -0.594  1.141   1.00 13.75 ? 150 PHE A O   1 
ATOM   724  C CB  . PHE A 1 109 ? 3.120   2.165   0.508   1.00 15.30 ? 150 PHE A CB  1 
ATOM   725  C CG  . PHE A 1 109 ? 2.205   2.641   1.608   1.00 15.64 ? 150 PHE A CG  1 
ATOM   726  C CD1 . PHE A 1 109 ? 2.603   2.567   2.937   1.00 16.54 ? 150 PHE A CD1 1 
ATOM   727  C CD2 . PHE A 1 109 ? 0.968   3.199   1.326   1.00 16.66 ? 150 PHE A CD2 1 
ATOM   728  C CE1 . PHE A 1 109 ? 1.774   3.029   3.947   1.00 16.29 ? 150 PHE A CE1 1 
ATOM   729  C CE2 . PHE A 1 109 ? 0.170   3.720   2.332   1.00 17.02 ? 150 PHE A CE2 1 
ATOM   730  C CZ  . PHE A 1 109 ? 0.561   3.603   3.644   1.00 17.51 ? 150 PHE A CZ  1 
ATOM   731  N N   . PHE A 1 110 ? 0.880   0.446   -0.863  1.00 18.43 ? 151 PHE A N   1 
ATOM   732  C CA  . PHE A 1 110 ? -0.504  -0.068  -0.999  1.00 19.97 ? 151 PHE A CA  1 
ATOM   733  C C   . PHE A 1 110 ? -0.487  -1.588  -1.142  1.00 19.36 ? 151 PHE A C   1 
ATOM   734  O O   . PHE A 1 110 ? -1.250  -2.264  -0.414  1.00 22.13 ? 151 PHE A O   1 
ATOM   735  C CB  . PHE A 1 110 ? -1.240  0.633   -2.134  1.00 20.34 ? 151 PHE A CB  1 
ATOM   736  C CG  . PHE A 1 110 ? -1.854  1.917   -1.661  1.00 20.83 ? 151 PHE A CG  1 
ATOM   737  C CD1 . PHE A 1 110 ? -3.097  1.918   -1.045  1.00 22.13 ? 151 PHE A CD1 1 
ATOM   738  C CD2 . PHE A 1 110 ? -1.159  3.112   -1.775  1.00 22.28 ? 151 PHE A CD2 1 
ATOM   739  C CE1 . PHE A 1 110 ? -3.663  3.107   -0.604  1.00 23.20 ? 151 PHE A CE1 1 
ATOM   740  C CE2 . PHE A 1 110 ? -1.730  4.298   -1.340  1.00 22.55 ? 151 PHE A CE2 1 
ATOM   741  C CZ  . PHE A 1 110 ? -2.986  4.293   -0.770  1.00 23.37 ? 151 PHE A CZ  1 
ATOM   742  N N   . GLU A 1 111 ? 0.360   -2.115  -2.007  1.00 18.23 ? 152 GLU A N   1 
ATOM   743  C CA  . GLU A 1 111 ? 0.449   -3.576  -2.242  1.00 20.68 ? 152 GLU A CA  1 
ATOM   744  C C   . GLU A 1 111 ? 0.743   -4.256  -0.894  1.00 18.88 ? 152 GLU A C   1 
ATOM   745  O O   . GLU A 1 111 ? 0.010   -5.188  -0.520  1.00 17.49 ? 152 GLU A O   1 
ATOM   746  C CB  . GLU A 1 111 ? 1.522   -3.885  -3.292  1.00 23.38 ? 152 GLU A CB  1 
ATOM   747  C CG  . GLU A 1 111 ? 1.864   -5.368  -3.422  1.00 25.61 ? 152 GLU A CG  1 
ATOM   748  C CD  . GLU A 1 111 ? 0.714   -6.255  -3.866  1.00 31.89 ? 152 GLU A CD  1 
ATOM   749  O OE1 . GLU A 1 111 ? -0.374  -5.703  -4.156  1.00 34.71 ? 152 GLU A OE1 1 
ATOM   750  O OE2 . GLU A 1 111 ? 0.886   -7.513  -3.871  1.00 36.44 ? 152 GLU A OE2 1 
ATOM   751  N N   . PHE A 1 112 ? 1.735   -3.755  -0.159  1.00 17.30 ? 153 PHE A N   1 
ATOM   752  C CA  . PHE A 1 112 ? 2.174   -4.331  1.128   1.00 18.74 ? 153 PHE A CA  1 
ATOM   753  C C   . PHE A 1 112 ? 1.014   -4.351  2.136   1.00 21.18 ? 153 PHE A C   1 
ATOM   754  O O   . PHE A 1 112 ? 0.785   -5.401  2.784   1.00 19.56 ? 153 PHE A O   1 
ATOM   755  C CB  . PHE A 1 112 ? 3.363   -3.554  1.676   1.00 18.82 ? 153 PHE A CB  1 
ATOM   756  C CG  . PHE A 1 112 ? 3.716   -4.071  3.032   1.00 19.26 ? 153 PHE A CG  1 
ATOM   757  C CD1 . PHE A 1 112 ? 4.124   -5.393  3.176   1.00 20.34 ? 153 PHE A CD1 1 
ATOM   758  C CD2 . PHE A 1 112 ? 3.518   -3.290  4.162   1.00 20.17 ? 153 PHE A CD2 1 
ATOM   759  C CE1 . PHE A 1 112 ? 4.362   -5.900  4.442   1.00 20.39 ? 153 PHE A CE1 1 
ATOM   760  C CE2 . PHE A 1 112 ? 3.761   -3.804  5.422   1.00 19.97 ? 153 PHE A CE2 1 
ATOM   761  C CZ  . PHE A 1 112 ? 4.182   -5.109  5.558   1.00 19.93 ? 153 PHE A CZ  1 
ATOM   762  N N   . GLY A 1 113 ? 0.329   -3.222  2.330   1.00 18.87 ? 154 GLY A N   1 
ATOM   763  C CA  . GLY A 1 113 ? -0.792  -3.137  3.282   1.00 20.24 ? 154 GLY A CA  1 
ATOM   764  C C   . GLY A 1 113 ? -1.904  -4.102  2.900   1.00 19.92 ? 154 GLY A C   1 
ATOM   765  O O   . GLY A 1 113 ? -2.440  -4.777  3.782   1.00 20.42 ? 154 GLY A O   1 
ATOM   766  N N   . GLY A 1 114 ? -2.259  -4.171  1.619   1.00 21.45 ? 155 GLY A N   1 
ATOM   767  C CA  . GLY A 1 114 ? -3.235  -5.151  1.107   1.00 22.78 ? 155 GLY A CA  1 
ATOM   768  C C   . GLY A 1 114 ? -2.833  -6.566  1.472   1.00 22.65 ? 155 GLY A C   1 
ATOM   769  O O   . GLY A 1 114 ? -3.682  -7.326  2.042   1.00 23.62 ? 155 GLY A O   1 
ATOM   770  N N   . VAL A 1 115 ? -1.578  -6.929  1.209   1.00 22.15 ? 156 VAL A N   1 
ATOM   771  C CA  . VAL A 1 115 ? -1.082  -8.302  1.511   1.00 24.06 ? 156 VAL A CA  1 
ATOM   772  C C   . VAL A 1 115 ? -1.210  -8.544  3.013   1.00 23.84 ? 156 VAL A C   1 
ATOM   773  O O   . VAL A 1 115 ? -1.709  -9.625  3.401   1.00 18.90 ? 156 VAL A O   1 
ATOM   774  C CB  . VAL A 1 115 ? 0.353   -8.547  1.006   1.00 25.74 ? 156 VAL A CB  1 
ATOM   775  C CG1 . VAL A 1 115 ? 0.878   -9.895  1.483   1.00 26.49 ? 156 VAL A CG1 1 
ATOM   776  C CG2 . VAL A 1 115 ? 0.402   -8.463  -0.511  1.00 27.21 ? 156 VAL A CG2 1 
ATOM   777  N N   . MET A 1 116 ? -0.799  -7.583  3.838   1.00 21.64 ? 157 MET A N   1 
ATOM   778  C CA  . MET A 1 116 ? -0.926  -7.740  5.302   1.00 23.35 ? 157 MET A CA  1 
ATOM   779  C C   . MET A 1 116 ? -2.386  -8.003  5.677   1.00 22.01 ? 157 MET A C   1 
ATOM   780  O O   . MET A 1 116 ? -2.628  -8.844  6.553   1.00 22.41 ? 157 MET A O   1 
ATOM   781  C CB  . MET A 1 116 ? -0.437  -6.502  6.042   1.00 26.11 ? 157 MET A CB  1 
ATOM   782  C CG  . MET A 1 116 ? 0.941   -6.692  6.595   1.00 29.63 ? 157 MET A CG  1 
ATOM   783  S SD  . MET A 1 116 ? 1.361   -5.398  7.759   1.00 32.57 ? 157 MET A SD  1 
ATOM   784  C CE  . MET A 1 116 ? 0.751   -6.106  9.284   1.00 32.21 ? 157 MET A CE  1 
ATOM   785  N N   . CYS A 1 117 ? -3.329  -7.286  5.073   1.00 21.67 ? 158 CYS A N   1 
ATOM   786  C CA  . CYS A 1 117 ? -4.768  -7.469  5.369   1.00 22.86 ? 158 CYS A CA  1 
ATOM   787  C C   . CYS A 1 117 ? -5.179  -8.895  4.966   1.00 21.91 ? 158 CYS A C   1 
ATOM   788  O O   . CYS A 1 117 ? -5.776  -9.599  5.820   1.00 21.41 ? 158 CYS A O   1 
ATOM   789  C CB  . CYS A 1 117 ? -5.616  -6.398  4.699   1.00 22.72 ? 158 CYS A CB  1 
ATOM   790  S SG  . CYS A 1 117 ? -5.427  -4.770  5.454   1.00 22.56 ? 158 CYS A SG  1 
ATOM   791  N N   . VAL A 1 118 ? -4.809  -9.384  3.776   1.00 20.54 ? 159 VAL A N   1 
ATOM   792  C CA  . VAL A 1 118 ? -5.282  -10.748 3.393   1.00 24.29 ? 159 VAL A CA  1 
ATOM   793  C C   . VAL A 1 118 ? -4.596  -11.806 4.278   1.00 25.56 ? 159 VAL A C   1 
ATOM   794  O O   . VAL A 1 118 ? -5.309  -12.767 4.701   1.00 25.53 ? 159 VAL A O   1 
ATOM   795  C CB  . VAL A 1 118 ? -5.195  -11.102 1.899   1.00 26.36 ? 159 VAL A CB  1 
ATOM   796  C CG1 . VAL A 1 118 ? -5.367  -9.893  1.007   1.00 25.00 ? 159 VAL A CG1 1 
ATOM   797  C CG2 . VAL A 1 118 ? -3.958  -11.908 1.547   1.00 28.85 ? 159 VAL A CG2 1 
ATOM   798  N N   . GLU A 1 119 ? -3.305  -11.650 4.593   1.00 27.10 ? 160 GLU A N   1 
ATOM   799  C CA  . GLU A 1 119 ? -2.583  -12.593 5.504   1.00 30.12 ? 160 GLU A CA  1 
ATOM   800  C C   . GLU A 1 119 ? -3.230  -12.592 6.892   1.00 28.56 ? 160 GLU A C   1 
ATOM   801  O O   . GLU A 1 119 ? -3.264  -13.672 7.538   1.00 28.31 ? 160 GLU A O   1 
ATOM   802  C CB  . GLU A 1 119 ? -1.097  -12.251 5.627   1.00 34.83 ? 160 GLU A CB  1 
ATOM   803  C CG  . GLU A 1 119 ? -0.269  -12.829 4.495   1.00 41.96 ? 160 GLU A CG  1 
ATOM   804  C CD  . GLU A 1 119 ? -0.561  -14.300 4.243   1.00 47.11 ? 160 GLU A CD  1 
ATOM   805  O OE1 . GLU A 1 119 ? -0.419  -15.085 5.205   1.00 55.15 ? 160 GLU A OE1 1 
ATOM   806  O OE2 . GLU A 1 119 ? -0.990  -14.640 3.116   1.00 52.32 ? 160 GLU A OE2 1 
ATOM   807  N N   . SER A 1 120 ? -3.697  -11.437 7.360   1.00 28.33 ? 161 SER A N   1 
ATOM   808  C CA  . SER A 1 120 ? -4.369  -11.312 8.676   1.00 27.58 ? 161 SER A CA  1 
ATOM   809  C C   . SER A 1 120 ? -5.637  -12.174 8.667   1.00 28.10 ? 161 SER A C   1 
ATOM   810  O O   . SER A 1 120 ? -5.840  -12.974 9.608   1.00 25.39 ? 161 SER A O   1 
ATOM   811  C CB  . SER A 1 120 ? -4.647  -9.878  8.995   1.00 29.06 ? 161 SER A CB  1 
ATOM   812  O OG  . SER A 1 120 ? -3.421  -9.209  9.282   1.00 28.63 ? 161 SER A OG  1 
ATOM   813  N N   . VAL A 1 121 ? -6.417  -12.099 7.597   1.00 27.26 ? 162 VAL A N   1 
ATOM   814  C CA  . VAL A 1 121 ? -7.670  -12.897 7.487   1.00 28.28 ? 162 VAL A CA  1 
ATOM   815  C C   . VAL A 1 121 ? -7.323  -14.384 7.347   1.00 27.85 ? 162 VAL A C   1 
ATOM   816  O O   . VAL A 1 121 ? -7.924  -15.202 8.098   1.00 23.37 ? 162 VAL A O   1 
ATOM   817  C CB  . VAL A 1 121 ? -8.584  -12.374 6.367   1.00 29.75 ? 162 VAL A CB  1 
ATOM   818  C CG1 . VAL A 1 121 ? -9.846  -13.217 6.252   1.00 33.71 ? 162 VAL A CG1 1 
ATOM   819  C CG2 . VAL A 1 121 ? -8.958  -10.926 6.628   1.00 27.05 ? 162 VAL A CG2 1 
ATOM   820  N N   . ASN A 1 122 ? -6.368  -14.740 6.483   1.00 28.32 ? 163 ASN A N   1 
ATOM   821  C CA  . ASN A 1 122 ? -5.978  -16.161 6.296   1.00 30.50 ? 163 ASN A CA  1 
ATOM   822  C C   . ASN A 1 122 ? -5.577  -16.779 7.641   1.00 28.46 ? 163 ASN A C   1 
ATOM   823  O O   . ASN A 1 122 ? -5.765  -17.980 7.790   1.00 26.66 ? 163 ASN A O   1 
ATOM   824  C CB  . ASN A 1 122 ? -4.799  -16.376 5.349   1.00 33.98 ? 163 ASN A CB  1 
ATOM   825  C CG  . ASN A 1 122 ? -4.658  -17.825 4.914   1.00 41.04 ? 163 ASN A CG  1 
ATOM   826  O OD1 . ASN A 1 122 ? -5.629  -18.456 4.476   1.00 46.61 ? 163 ASN A OD1 1 
ATOM   827  N ND2 . ASN A 1 122 ? -3.458  -18.381 5.040   1.00 44.19 ? 163 ASN A ND2 1 
ATOM   828  N N   . ARG A 1 123 ? -4.966  -16.025 8.553   1.00 23.98 ? 164 ARG A N   1 
ATOM   829  C CA  . ARG A 1 123 ? -4.401  -16.616 9.794   1.00 26.63 ? 164 ARG A CA  1 
ATOM   830  C C   . ARG A 1 123 ? -5.335  -16.373 10.977  1.00 26.11 ? 164 ARG A C   1 
ATOM   831  O O   . ARG A 1 123 ? -4.833  -16.444 12.136  1.00 26.18 ? 164 ARG A O   1 
ATOM   832  C CB  . ARG A 1 123 ? -3.005  -16.051 10.043  1.00 29.51 ? 164 ARG A CB  1 
ATOM   833  C CG  . ARG A 1 123 ? -2.087  -16.297 8.857   1.00 32.98 ? 164 ARG A CG  1 
ATOM   834  C CD  . ARG A 1 123 ? -0.679  -15.852 9.148   1.00 38.48 ? 164 ARG A CD  1 
ATOM   835  N NE  . ARG A 1 123 ? 0.197   -16.948 8.776   1.00 47.22 ? 164 ARG A NE  1 
ATOM   836  C CZ  . ARG A 1 123 ? 0.494   -17.988 9.549   1.00 48.28 ? 164 ARG A CZ  1 
ATOM   837  N NH1 . ARG A 1 123 ? 1.304   -18.929 9.092   1.00 53.48 ? 164 ARG A NH1 1 
ATOM   838  N NH2 . ARG A 1 123 ? 0.005   -18.081 10.776  1.00 49.26 ? 164 ARG A NH2 1 
ATOM   839  N N   . GLU A 1 124 ? -6.624  -16.112 10.730  1.00 24.68 ? 165 GLU A N   1 
ATOM   840  C CA  . GLU A 1 124 ? -7.627  -16.005 11.827  1.00 28.47 ? 165 GLU A CA  1 
ATOM   841  C C   . GLU A 1 124 ? -7.320  -14.780 12.698  1.00 26.92 ? 165 GLU A C   1 
ATOM   842  O O   . GLU A 1 124 ? -7.583  -14.810 13.889  1.00 22.72 ? 165 GLU A O   1 
ATOM   843  C CB  . GLU A 1 124 ? -7.628  -17.299 12.653  1.00 34.76 ? 165 GLU A CB  1 
ATOM   844  C CG  . GLU A 1 124 ? -8.967  -18.008 12.641  1.00 44.59 ? 165 GLU A CG  1 
ATOM   845  C CD  . GLU A 1 124 ? -9.178  -18.959 11.479  1.00 51.69 ? 165 GLU A CD  1 
ATOM   846  O OE1 . GLU A 1 124 ? -10.026 -18.652 10.614  1.00 59.07 ? 165 GLU A OE1 1 
ATOM   847  O OE2 . GLU A 1 124 ? -8.510  -20.015 11.453  1.00 54.24 ? 165 GLU A OE2 1 
ATOM   848  N N   . MET A 1 125 ? -6.799  -13.704 12.109  1.00 24.49 ? 166 MET A N   1 
ATOM   849  C CA  . MET A 1 125 ? -6.485  -12.451 12.827  1.00 24.05 ? 166 MET A CA  1 
ATOM   850  C C   . MET A 1 125 ? -7.242  -11.314 12.132  1.00 26.37 ? 166 MET A C   1 
ATOM   851  O O   . MET A 1 125 ? -6.641  -10.256 11.866  1.00 24.51 ? 166 MET A O   1 
ATOM   852  C CB  . MET A 1 125 ? -4.975  -12.186 12.838  1.00 22.74 ? 166 MET A CB  1 
ATOM   853  C CG  . MET A 1 125 ? -4.220  -13.086 13.773  1.00 24.29 ? 166 MET A CG  1 
ATOM   854  S SD  . MET A 1 125 ? -2.436  -12.956 13.529  1.00 25.13 ? 166 MET A SD  1 
ATOM   855  C CE  . MET A 1 125 ? -1.953  -14.645 13.857  1.00 29.59 ? 166 MET A CE  1 
ATOM   856  N N   . SER A 1 126 ? -8.522  -11.539 11.835  1.00 25.55 ? 167 SER A N   1 
ATOM   857  C CA  . SER A 1 126 ? -9.374  -10.585 11.081  1.00 26.79 ? 167 SER A CA  1 
ATOM   858  C C   . SER A 1 126 ? -9.585  -9.272  11.841  1.00 24.83 ? 167 SER A C   1 
ATOM   859  O O   . SER A 1 126 ? -9.761  -8.249  11.193  1.00 27.14 ? 167 SER A O   1 
ATOM   860  C CB  . SER A 1 126 ? -10.668 -11.221 10.660  1.00 26.59 ? 167 SER A CB  1 
ATOM   861  O OG  . SER A 1 126 ? -11.527 -11.344 11.776  1.00 27.81 ? 167 SER A OG  1 
ATOM   862  N N   . PRO A 1 127 ? -9.552  -9.187  13.200  1.00 26.41 ? 168 PRO A N   1 
ATOM   863  C CA  . PRO A 1 127 ? -9.520  -7.883  13.879  1.00 25.87 ? 168 PRO A CA  1 
ATOM   864  C C   . PRO A 1 127 ? -8.411  -6.902  13.457  1.00 24.48 ? 168 PRO A C   1 
ATOM   865  O O   . PRO A 1 127 ? -8.593  -5.715  13.658  1.00 29.12 ? 168 PRO A O   1 
ATOM   866  C CB  . PRO A 1 127 ? -9.332  -8.265  15.357  1.00 27.04 ? 168 PRO A CB  1 
ATOM   867  C CG  . PRO A 1 127 ? -10.074 -9.587  15.449  1.00 26.92 ? 168 PRO A CG  1 
ATOM   868  C CD  . PRO A 1 127 ? -9.680  -10.298 14.168  1.00 26.75 ? 168 PRO A CD  1 
ATOM   869  N N   . LEU A 1 128 ? -7.317  -7.396  12.878  1.00 22.27 ? 169 LEU A N   1 
ATOM   870  C CA  . LEU A 1 128 ? -6.154  -6.558  12.488  1.00 23.86 ? 169 LEU A CA  1 
ATOM   871  C C   . LEU A 1 128 ? -6.473  -5.759  11.224  1.00 21.45 ? 169 LEU A C   1 
ATOM   872  O O   . LEU A 1 128 ? -5.820  -4.738  11.012  1.00 21.04 ? 169 LEU A O   1 
ATOM   873  C CB  . LEU A 1 128 ? -4.917  -7.430  12.244  1.00 23.99 ? 169 LEU A CB  1 
ATOM   874  C CG  . LEU A 1 128 ? -4.324  -8.121  13.468  1.00 22.81 ? 169 LEU A CG  1 
ATOM   875  C CD1 . LEU A 1 128 ? -3.068  -8.880  13.057  1.00 23.46 ? 169 LEU A CD1 1 
ATOM   876  C CD2 . LEU A 1 128 ? -4.050  -7.126  14.597  1.00 23.60 ? 169 LEU A CD2 1 
ATOM   877  N N   . VAL A 1 129 ? -7.425  -6.208  10.418  1.00 22.91 ? 170 VAL A N   1 
ATOM   878  C CA  . VAL A 1 129 ? -7.718  -5.526  9.121   1.00 25.25 ? 170 VAL A CA  1 
ATOM   879  C C   . VAL A 1 129 ? -7.963  -4.035  9.387   1.00 23.59 ? 170 VAL A C   1 
ATOM   880  O O   . VAL A 1 129 ? -7.306  -3.202  8.719   1.00 22.35 ? 170 VAL A O   1 
ATOM   881  C CB  . VAL A 1 129 ? -8.881  -6.213  8.390   1.00 24.98 ? 170 VAL A CB  1 
ATOM   882  C CG1 . VAL A 1 129 ? -9.413  -5.381  7.226   1.00 26.66 ? 170 VAL A CG1 1 
ATOM   883  C CG2 . VAL A 1 129 ? -8.452  -7.599  7.949   1.00 26.00 ? 170 VAL A CG2 1 
ATOM   884  N N   . ASP A 1 130 ? -8.794  -3.662  10.365  1.00 25.27 ? 171 ASP A N   1 
ATOM   885  C CA  . ASP A 1 130 ? -9.157  -2.220  10.508  1.00 28.75 ? 171 ASP A CA  1 
ATOM   886  C C   . ASP A 1 130 ? -8.021  -1.431  11.145  1.00 26.03 ? 171 ASP A C   1 
ATOM   887  O O   . ASP A 1 130 ? -7.941  -0.231  10.878  1.00 23.82 ? 171 ASP A O   1 
ATOM   888  C CB  . ASP A 1 130 ? -10.465 -1.932  11.250  1.00 35.69 ? 171 ASP A CB  1 
ATOM   889  C CG  . ASP A 1 130 ? -10.844 -2.937  12.300  1.00 44.24 ? 171 ASP A CG  1 
ATOM   890  O OD1 . ASP A 1 130 ? -10.098 -3.032  13.313  1.00 45.16 ? 171 ASP A OD1 1 
ATOM   891  O OD2 . ASP A 1 130 ? -11.876 -3.627  12.071  1.00 52.05 ? 171 ASP A OD2 1 
ATOM   892  N N   . ASN A 1 131 ? -7.206  -2.078  11.973  1.00 24.21 ? 172 ASN A N   1 
ATOM   893  C CA  . ASN A 1 131 ? -5.963  -1.494  12.519  1.00 24.54 ? 172 ASN A CA  1 
ATOM   894  C C   . ASN A 1 131 ? -5.018  -1.183  11.358  1.00 20.41 ? 172 ASN A C   1 
ATOM   895  O O   . ASN A 1 131 ? -4.514  -0.038  11.325  1.00 23.11 ? 172 ASN A O   1 
ATOM   896  C CB  . ASN A 1 131 ? -5.336  -2.365  13.611  1.00 24.30 ? 172 ASN A CB  1 
ATOM   897  C CG  . ASN A 1 131 ? -6.318  -2.555  14.754  1.00 25.93 ? 172 ASN A CG  1 
ATOM   898  O OD1 . ASN A 1 131 ? -6.476  -1.676  15.592  1.00 28.84 ? 172 ASN A OD1 1 
ATOM   899  N ND2 . ASN A 1 131 ? -7.033  -3.662  14.753  1.00 24.66 ? 172 ASN A ND2 1 
ATOM   900  N N   . ILE A 1 132 ? -4.813  -2.127  10.444  1.00 21.28 ? 173 ILE A N   1 
ATOM   901  C CA  . ILE A 1 132 ? -3.919  -1.934  9.260   1.00 21.71 ? 173 ILE A CA  1 
ATOM   902  C C   . ILE A 1 132 ? -4.459  -0.764  8.433   1.00 22.42 ? 173 ILE A C   1 
ATOM   903  O O   . ILE A 1 132 ? -3.646  0.100   7.988   1.00 21.94 ? 173 ILE A O   1 
ATOM   904  C CB  . ILE A 1 132 ? -3.772  -3.226  8.437   1.00 22.03 ? 173 ILE A CB  1 
ATOM   905  C CG1 . ILE A 1 132 ? -3.007  -4.280  9.252   1.00 23.33 ? 173 ILE A CG1 1 
ATOM   906  C CG2 . ILE A 1 132 ? -3.096  -2.952  7.096   1.00 22.43 ? 173 ILE A CG2 1 
ATOM   907  C CD1 . ILE A 1 132 ? -3.114  -5.689  8.724   1.00 23.42 ? 173 ILE A CD1 1 
ATOM   908  N N   . ALA A 1 133 ? -5.770  -0.691  8.226   1.00 20.85 ? 174 ALA A N   1 
ATOM   909  C CA  . ALA A 1 133 ? -6.363  0.422   7.450   1.00 20.15 ? 174 ALA A CA  1 
ATOM   910  C C   . ALA A 1 133 ? -6.021  1.728   8.164   1.00 21.22 ? 174 ALA A C   1 
ATOM   911  O O   . ALA A 1 133 ? -5.660  2.718   7.488   1.00 20.95 ? 174 ALA A O   1 
ATOM   912  C CB  . ALA A 1 133 ? -7.847  0.235   7.319   1.00 20.49 ? 174 ALA A CB  1 
ATOM   913  N N   . LEU A 1 134 ? -6.091  1.734   9.497   1.00 21.41 ? 175 LEU A N   1 
ATOM   914  C CA  . LEU A 1 134 ? -5.792  2.957   10.287  1.00 23.03 ? 175 LEU A CA  1 
ATOM   915  C C   . LEU A 1 134 ? -4.305  3.311   10.150  1.00 20.71 ? 175 LEU A C   1 
ATOM   916  O O   . LEU A 1 134 ? -4.004  4.482   9.875   1.00 19.00 ? 175 LEU A O   1 
ATOM   917  C CB  . LEU A 1 134 ? -6.199  2.790   11.757  1.00 24.74 ? 175 LEU A CB  1 
ATOM   918  C CG  . LEU A 1 134 ? -5.692  3.900   12.680  1.00 28.01 ? 175 LEU A CG  1 
ATOM   919  C CD1 . LEU A 1 134 ? -6.244  5.263   12.274  1.00 30.84 ? 175 LEU A CD1 1 
ATOM   920  C CD2 . LEU A 1 134 ? -6.014  3.611   14.142  1.00 29.34 ? 175 LEU A CD2 1 
ATOM   921  N N   . TRP A 1 135 ? -3.404  2.352   10.345  1.00 20.43 ? 176 TRP A N   1 
ATOM   922  C CA  . TRP A 1 135 ? -1.941  2.606   10.238  1.00 19.34 ? 176 TRP A CA  1 
ATOM   923  C C   . TRP A 1 135 ? -1.628  3.122   8.833   1.00 19.67 ? 176 TRP A C   1 
ATOM   924  O O   . TRP A 1 135 ? -0.813  4.053   8.721   1.00 19.86 ? 176 TRP A O   1 
ATOM   925  C CB  . TRP A 1 135 ? -1.128  1.361   10.589  1.00 19.98 ? 176 TRP A CB  1 
ATOM   926  C CG  . TRP A 1 135 ? -1.492  0.767   11.917  1.00 20.47 ? 176 TRP A CG  1 
ATOM   927  C CD1 . TRP A 1 135 ? -1.992  1.426   12.996  1.00 22.48 ? 176 TRP A CD1 1 
ATOM   928  C CD2 . TRP A 1 135 ? -1.376  -0.612  12.305  1.00 21.34 ? 176 TRP A CD2 1 
ATOM   929  N NE1 . TRP A 1 135 ? -2.214  0.548   14.025  1.00 23.55 ? 176 TRP A NE1 1 
ATOM   930  C CE2 . TRP A 1 135 ? -1.842  -0.711  13.630  1.00 22.80 ? 176 TRP A CE2 1 
ATOM   931  C CE3 . TRP A 1 135 ? -0.927  -1.772  11.668  1.00 21.76 ? 176 TRP A CE3 1 
ATOM   932  C CZ2 . TRP A 1 135 ? -1.880  -1.927  14.314  1.00 23.84 ? 176 TRP A CZ2 1 
ATOM   933  C CZ3 . TRP A 1 135 ? -0.997  -2.976  12.334  1.00 21.89 ? 176 TRP A CZ3 1 
ATOM   934  C CH2 . TRP A 1 135 ? -1.436  -3.045  13.649  1.00 22.70 ? 176 TRP A CH2 1 
ATOM   935  N N   . MET A 1 136 ? -2.264  2.557   7.793   1.00 19.00 ? 177 MET A N   1 
ATOM   936  C CA  . MET A 1 136 ? -2.008  3.007   6.394   1.00 19.89 ? 177 MET A CA  1 
ATOM   937  C C   . MET A 1 136 ? -2.508  4.441   6.210   1.00 18.90 ? 177 MET A C   1 
ATOM   938  O O   . MET A 1 136 ? -1.764  5.280   5.634   1.00 21.11 ? 177 MET A O   1 
ATOM   939  C CB  . MET A 1 136 ? -2.692  2.101   5.373   1.00 19.78 ? 177 MET A CB  1 
ATOM   940  C CG  . MET A 1 136 ? -2.026  0.752   5.239   1.00 20.51 ? 177 MET A CG  1 
ATOM   941  S SD  . MET A 1 136 ? -3.011  -0.221  4.093   1.00 20.00 ? 177 MET A SD  1 
ATOM   942  C CE  . MET A 1 136 ? -2.549  0.631   2.588   1.00 18.89 ? 177 MET A CE  1 
ATOM   943  N N   . THR A 1 137 ? -3.713  4.734   6.674   1.00 19.44 ? 178 THR A N   1 
ATOM   944  C CA  . THR A 1 137 ? -4.312  6.098   6.632   1.00 19.96 ? 178 THR A CA  1 
ATOM   945  C C   . THR A 1 137 ? -3.417  7.111   7.378   1.00 20.74 ? 178 THR A C   1 
ATOM   946  O O   . THR A 1 137 ? -3.145  8.178   6.807   1.00 19.12 ? 178 THR A O   1 
ATOM   947  C CB  . THR A 1 137 ? -5.739  6.077   7.191   1.00 21.38 ? 178 THR A CB  1 
ATOM   948  O OG1 . THR A 1 137 ? -6.550  5.194   6.404   1.00 20.39 ? 178 THR A OG1 1 
ATOM   949  C CG2 . THR A 1 137 ? -6.339  7.457   7.250   1.00 23.27 ? 178 THR A CG2 1 
ATOM   950  N N   . GLU A 1 138 ? -2.990  6.835   8.617   1.00 21.99 ? 179 GLU A N   1 
ATOM   951  C CA  . GLU A 1 138 ? -2.140  7.772   9.390   1.00 23.89 ? 179 GLU A CA  1 
ATOM   952  C C   . GLU A 1 138 ? -0.810  7.956   8.648   1.00 22.62 ? 179 GLU A C   1 
ATOM   953  O O   . GLU A 1 138 ? -0.316  9.108   8.575   1.00 20.71 ? 179 GLU A O   1 
ATOM   954  C CB  . GLU A 1 138 ? -1.843  7.253   10.797  1.00 28.91 ? 179 GLU A CB  1 
ATOM   955  C CG  . GLU A 1 138 ? -3.055  7.192   11.696  1.00 31.65 ? 179 GLU A CG  1 
ATOM   956  C CD  . GLU A 1 138 ? -2.836  6.319   12.922  1.00 39.14 ? 179 GLU A CD  1 
ATOM   957  O OE1 . GLU A 1 138 ? -1.694  5.812   13.113  1.00 42.24 ? 179 GLU A OE1 1 
ATOM   958  O OE2 . GLU A 1 138 ? -3.805  6.143   13.676  1.00 43.97 ? 179 GLU A OE2 1 
ATOM   959  N N   . TYR A 1 139 ? -0.244  6.882   8.101   1.00 21.38 ? 180 TYR A N   1 
ATOM   960  C CA  . TYR A 1 139 ? 1.117   6.928   7.524   1.00 20.86 ? 180 TYR A CA  1 
ATOM   961  C C   . TYR A 1 139 ? 1.094   7.789   6.260   1.00 22.59 ? 180 TYR A C   1 
ATOM   962  O O   . TYR A 1 139 ? 2.041   8.598   6.070   1.00 21.70 ? 180 TYR A O   1 
ATOM   963  C CB  . TYR A 1 139 ? 1.696   5.540   7.264   1.00 21.49 ? 180 TYR A CB  1 
ATOM   964  C CG  . TYR A 1 139 ? 3.148   5.663   6.902   1.00 22.02 ? 180 TYR A CG  1 
ATOM   965  C CD1 . TYR A 1 139 ? 3.519   5.998   5.614   1.00 20.67 ? 180 TYR A CD1 1 
ATOM   966  C CD2 . TYR A 1 139 ? 4.135   5.601   7.871   1.00 22.97 ? 180 TYR A CD2 1 
ATOM   967  C CE1 . TYR A 1 139 ? 4.841   6.207   5.280   1.00 21.72 ? 180 TYR A CE1 1 
ATOM   968  C CE2 . TYR A 1 139 ? 5.467   5.775   7.547   1.00 23.88 ? 180 TYR A CE2 1 
ATOM   969  C CZ  . TYR A 1 139 ? 5.815   6.135   6.259   1.00 22.38 ? 180 TYR A CZ  1 
ATOM   970  O OH  . TYR A 1 139 ? 7.116   6.335   5.907   1.00 23.81 ? 180 TYR A OH  1 
ATOM   971  N N   . LEU A 1 140 ? 0.094   7.566   5.397   1.00 23.36 ? 181 LEU A N   1 
ATOM   972  C CA  . LEU A 1 140 ? -0.197  8.359   4.171   1.00 24.95 ? 181 LEU A CA  1 
ATOM   973  C C   . LEU A 1 140 ? -0.268  9.850   4.555   1.00 26.10 ? 181 LEU A C   1 
ATOM   974  O O   . LEU A 1 140 ? 0.553   10.696  4.047   1.00 23.56 ? 181 LEU A O   1 
ATOM   975  C CB  . LEU A 1 140 ? -1.547  7.868   3.623   1.00 27.10 ? 181 LEU A CB  1 
ATOM   976  C CG  . LEU A 1 140 ? -1.716  7.692   2.117   1.00 32.84 ? 181 LEU A CG  1 
ATOM   977  C CD1 . LEU A 1 140 ? -3.177  7.400   1.783   1.00 33.04 ? 181 LEU A CD1 1 
ATOM   978  C CD2 . LEU A 1 140 ? -1.211  8.897   1.340   1.00 30.28 ? 181 LEU A CD2 1 
ATOM   979  N N   . ASN A 1 141 ? -1.212  10.157  5.449   1.00 25.91 ? 182 ASN A N   1 
ATOM   980  C CA  . ASN A 1 141 ? -1.522  11.538  5.912   1.00 26.25 ? 182 ASN A CA  1 
ATOM   981  C C   . ASN A 1 141 ? -0.294  12.209  6.533   1.00 26.99 ? 182 ASN A C   1 
ATOM   982  O O   . ASN A 1 141 ? -0.027  13.347  6.179   1.00 25.76 ? 182 ASN A O   1 
ATOM   983  C CB  . ASN A 1 141 ? -2.679  11.530  6.906   1.00 26.55 ? 182 ASN A CB  1 
ATOM   984  C CG  . ASN A 1 141 ? -4.006  11.343  6.214   1.00 26.98 ? 182 ASN A CG  1 
ATOM   985  O OD1 . ASN A 1 141 ? -4.114  11.531  5.004   1.00 31.43 ? 182 ASN A OD1 1 
ATOM   986  N ND2 . ASN A 1 141 ? -5.023  10.988  6.972   1.00 29.50 ? 182 ASN A ND2 1 
ATOM   987  N N   . ARG A 1 142 ? 0.442   11.544  7.420   1.00 28.52 ? 183 ARG A N   1 
ATOM   988  C CA  . ARG A 1 142 ? 1.560   12.188  8.162   1.00 29.73 ? 183 ARG A CA  1 
ATOM   989  C C   . ARG A 1 142 ? 2.865   12.176  7.341   1.00 29.04 ? 183 ARG A C   1 
ATOM   990  O O   . ARG A 1 142 ? 3.656   13.135  7.493   1.00 28.00 ? 183 ARG A O   1 
ATOM   991  C CB  . ARG A 1 142 ? 1.751   11.517  9.524   1.00 33.57 ? 183 ARG A CB  1 
ATOM   992  C CG  . ARG A 1 142 ? 0.492   11.526  10.369  1.00 39.91 ? 183 ARG A CG  1 
ATOM   993  C CD  . ARG A 1 142 ? 0.814   11.399  11.845  1.00 47.73 ? 183 ARG A CD  1 
ATOM   994  N NE  . ARG A 1 142 ? -0.360  10.985  12.606  1.00 52.56 ? 183 ARG A NE  1 
ATOM   995  C CZ  . ARG A 1 142 ? -0.435  9.919   13.405  1.00 60.48 ? 183 ARG A CZ  1 
ATOM   996  N NH1 . ARG A 1 142 ? 0.615   9.134   13.596  1.00 61.78 ? 183 ARG A NH1 1 
ATOM   997  N NH2 . ARG A 1 142 ? -1.570  9.662   14.034  1.00 61.90 ? 183 ARG A NH2 1 
ATOM   998  N N   . HIS A 1 143 ? 3.112   11.159  6.510   1.00 23.75 ? 184 HIS A N   1 
ATOM   999  C CA  . HIS A 1 143 ? 4.442   10.947  5.873   1.00 24.46 ? 184 HIS A CA  1 
ATOM   1000 C C   . HIS A 1 143 ? 4.382   10.975  4.344   1.00 23.70 ? 184 HIS A C   1 
ATOM   1001 O O   . HIS A 1 143 ? 5.476   11.137  3.739   1.00 24.14 ? 184 HIS A O   1 
ATOM   1002 C CB  . HIS A 1 143 ? 5.096   9.661   6.399   1.00 27.17 ? 184 HIS A CB  1 
ATOM   1003 C CG  . HIS A 1 143 ? 5.314   9.687   7.872   1.00 29.44 ? 184 HIS A CG  1 
ATOM   1004 N ND1 . HIS A 1 143 ? 4.515   8.974   8.762   1.00 32.68 ? 184 HIS A ND1 1 
ATOM   1005 C CD2 . HIS A 1 143 ? 6.208   10.368  8.619   1.00 30.57 ? 184 HIS A CD2 1 
ATOM   1006 C CE1 . HIS A 1 143 ? 4.929   9.202   9.992   1.00 33.21 ? 184 HIS A CE1 1 
ATOM   1007 N NE2 . HIS A 1 143 ? 5.982   10.037  9.932   1.00 32.78 ? 184 HIS A NE2 1 
ATOM   1008 N N   . LEU A 1 144 ? 3.211   10.813  3.719   1.00 20.14 ? 185 LEU A N   1 
ATOM   1009 C CA  . LEU A 1 144 ? 3.181   10.719  2.245   1.00 21.36 ? 185 LEU A CA  1 
ATOM   1010 C C   . LEU A 1 144 ? 2.435   11.899  1.641   1.00 21.22 ? 185 LEU A C   1 
ATOM   1011 O O   . LEU A 1 144 ? 2.716   12.213  0.467   1.00 21.27 ? 185 LEU A O   1 
ATOM   1012 C CB  . LEU A 1 144 ? 2.530   9.399   1.827   1.00 19.02 ? 185 LEU A CB  1 
ATOM   1013 C CG  . LEU A 1 144 ? 3.281   8.147   2.277   1.00 20.82 ? 185 LEU A CG  1 
ATOM   1014 C CD1 . LEU A 1 144 ? 2.637   6.891   1.679   1.00 21.11 ? 185 LEU A CD1 1 
ATOM   1015 C CD2 . LEU A 1 144 ? 4.753   8.207   1.897   1.00 21.31 ? 185 LEU A CD2 1 
ATOM   1016 N N   . HIS A 1 145 ? 1.513   12.514  2.375   1.00 22.16 ? 186 HIS A N   1 
ATOM   1017 C CA  . HIS A 1 145 ? 0.510   13.408  1.756   1.00 24.60 ? 186 HIS A CA  1 
ATOM   1018 C C   . HIS A 1 145 ? 1.198   14.650  1.187   1.00 23.35 ? 186 HIS A C   1 
ATOM   1019 O O   . HIS A 1 145 ? 0.831   15.072  0.070   1.00 24.02 ? 186 HIS A O   1 
ATOM   1020 C CB  . HIS A 1 145 ? -0.605  13.766  2.735   1.00 29.09 ? 186 HIS A CB  1 
ATOM   1021 C CG  . HIS A 1 145 ? -1.781  14.322  2.006   1.00 30.61 ? 186 HIS A CG  1 
ATOM   1022 N ND1 . HIS A 1 145 ? -1.968  14.069  0.664   1.00 34.79 ? 186 HIS A ND1 1 
ATOM   1023 C CD2 . HIS A 1 145 ? -2.831  15.063  2.405   1.00 33.18 ? 186 HIS A CD2 1 
ATOM   1024 C CE1 . HIS A 1 145 ? -3.075  14.642  0.260   1.00 33.05 ? 186 HIS A CE1 1 
ATOM   1025 N NE2 . HIS A 1 145 ? -3.627  15.251  1.309   1.00 35.48 ? 186 HIS A NE2 1 
ATOM   1026 N N   . THR A 1 146 ? 2.133   15.240  1.923   1.00 23.67 ? 187 THR A N   1 
ATOM   1027 C CA  . THR A 1 146 ? 2.767   16.515  1.491   1.00 24.09 ? 187 THR A CA  1 
ATOM   1028 C C   . THR A 1 146 ? 3.568   16.245  0.208   1.00 22.60 ? 187 THR A C   1 
ATOM   1029 O O   . THR A 1 146 ? 3.458   17.087  -0.708  1.00 21.76 ? 187 THR A O   1 
ATOM   1030 C CB  . THR A 1 146 ? 3.572   17.212  2.592   1.00 27.62 ? 187 THR A CB  1 
ATOM   1031 O OG1 . THR A 1 146 ? 4.829   16.565  2.759   1.00 35.80 ? 187 THR A OG1 1 
ATOM   1032 C CG2 . THR A 1 146 ? 2.841   17.252  3.912   1.00 25.38 ? 187 THR A CG2 1 
ATOM   1033 N N   . TRP A 1 147 ? 4.302   15.119  0.124   1.00 19.21 ? 188 TRP A N   1 
ATOM   1034 C CA  . TRP A 1 147 ? 5.020   14.723  -1.109  1.00 17.90 ? 188 TRP A CA  1 
ATOM   1035 C C   . TRP A 1 147 ? 4.006   14.633  -2.255  1.00 19.06 ? 188 TRP A C   1 
ATOM   1036 O O   . TRP A 1 147 ? 4.260   15.188  -3.345  1.00 18.39 ? 188 TRP A O   1 
ATOM   1037 C CB  . TRP A 1 147 ? 5.814   13.422  -0.932  1.00 17.04 ? 188 TRP A CB  1 
ATOM   1038 C CG  . TRP A 1 147 ? 6.652   13.136  -2.133  1.00 16.19 ? 188 TRP A CG  1 
ATOM   1039 C CD1 . TRP A 1 147 ? 7.969   13.448  -2.306  1.00 16.59 ? 188 TRP A CD1 1 
ATOM   1040 C CD2 . TRP A 1 147 ? 6.216   12.545  -3.369  1.00 16.01 ? 188 TRP A CD2 1 
ATOM   1041 N NE1 . TRP A 1 147 ? 8.391   13.089  -3.559  1.00 15.63 ? 188 TRP A NE1 1 
ATOM   1042 C CE2 . TRP A 1 147 ? 7.346   12.491  -4.222  1.00 16.04 ? 188 TRP A CE2 1 
ATOM   1043 C CE3 . TRP A 1 147 ? 5.006   11.992  -3.808  1.00 17.21 ? 188 TRP A CE3 1 
ATOM   1044 C CZ2 . TRP A 1 147 ? 7.276   11.975  -5.516  1.00 15.43 ? 188 TRP A CZ2 1 
ATOM   1045 C CZ3 . TRP A 1 147 ? 4.936   11.462  -5.083  1.00 16.90 ? 188 TRP A CZ3 1 
ATOM   1046 C CH2 . TRP A 1 147 ? 6.060   11.467  -5.925  1.00 16.79 ? 188 TRP A CH2 1 
ATOM   1047 N N   . ILE A 1 148 ? 2.883   13.947  -2.053  1.00 20.55 ? 189 ILE A N   1 
ATOM   1048 C CA  . ILE A 1 148 ? 1.876   13.798  -3.152  1.00 22.00 ? 189 ILE A CA  1 
ATOM   1049 C C   . ILE A 1 148 ? 1.431   15.190  -3.618  1.00 21.90 ? 189 ILE A C   1 
ATOM   1050 O O   . ILE A 1 148 ? 1.431   15.461  -4.844  1.00 21.51 ? 189 ILE A O   1 
ATOM   1051 C CB  . ILE A 1 148 ? 0.697   12.930  -2.681  1.00 22.95 ? 189 ILE A CB  1 
ATOM   1052 C CG1 . ILE A 1 148 ? 1.143   11.467  -2.597  1.00 24.25 ? 189 ILE A CG1 1 
ATOM   1053 C CG2 . ILE A 1 148 ? -0.520  13.105  -3.574  1.00 21.86 ? 189 ILE A CG2 1 
ATOM   1054 C CD1 . ILE A 1 148 ? 0.304   10.601  -1.688  1.00 25.32 ? 189 ILE A CD1 1 
ATOM   1055 N N   . GLN A 1 149 ? 1.052   16.035  -2.677  1.00 22.32 ? 190 GLN A N   1 
ATOM   1056 C CA  . GLN A 1 149 ? 0.597   17.421  -2.967  1.00 24.98 ? 190 GLN A CA  1 
ATOM   1057 C C   . GLN A 1 149 ? 1.706   18.208  -3.680  1.00 24.63 ? 190 GLN A C   1 
ATOM   1058 O O   . GLN A 1 149 ? 1.369   18.978  -4.574  1.00 25.59 ? 190 GLN A O   1 
ATOM   1059 C CB  . GLN A 1 149 ? 0.190   18.113  -1.671  1.00 28.14 ? 190 GLN A CB  1 
ATOM   1060 C CG  . GLN A 1 149 ? -1.061  17.528  -1.027  1.00 31.12 ? 190 GLN A CG  1 
ATOM   1061 C CD  . GLN A 1 149 ? -1.313  18.152  0.323   1.00 38.10 ? 190 GLN A CD  1 
ATOM   1062 O OE1 . GLN A 1 149 ? -0.762  17.721  1.340   1.00 47.42 ? 190 GLN A OE1 1 
ATOM   1063 N NE2 . GLN A 1 149 ? -2.131  19.189  0.345   1.00 38.44 ? 190 GLN A NE2 1 
ATOM   1064 N N   . ASP A 1 150 ? 2.972   18.068  -3.286  1.00 22.28 ? 191 ASP A N   1 
ATOM   1065 C CA  . ASP A 1 150 ? 4.083   18.863  -3.880  1.00 22.54 ? 191 ASP A CA  1 
ATOM   1066 C C   . ASP A 1 150 ? 4.423   18.380  -5.294  1.00 22.42 ? 191 ASP A C   1 
ATOM   1067 O O   . ASP A 1 150 ? 5.151   19.115  -6.017  1.00 21.36 ? 191 ASP A O   1 
ATOM   1068 C CB  . ASP A 1 150 ? 5.339   18.810  -3.008  1.00 24.22 ? 191 ASP A CB  1 
ATOM   1069 C CG  . ASP A 1 150 ? 5.226   19.617  -1.740  1.00 24.71 ? 191 ASP A CG  1 
ATOM   1070 O OD1 . ASP A 1 150 ? 4.320   20.464  -1.673  1.00 26.90 ? 191 ASP A OD1 1 
ATOM   1071 O OD2 . ASP A 1 150 ? 6.050   19.393  -0.830  1.00 26.01 ? 191 ASP A OD2 1 
ATOM   1072 N N   . ASN A 1 151 ? 3.951   17.185  -5.670  1.00 20.38 ? 192 ASN A N   1 
ATOM   1073 C CA  . ASN A 1 151 ? 4.407   16.488  -6.897  1.00 21.51 ? 192 ASN A CA  1 
ATOM   1074 C C   . ASN A 1 151 ? 3.216   16.211  -7.819  1.00 20.86 ? 192 ASN A C   1 
ATOM   1075 O O   . ASN A 1 151 ? 3.268   15.221  -8.568  1.00 21.11 ? 192 ASN A O   1 
ATOM   1076 C CB  . ASN A 1 151 ? 5.230   15.266  -6.505  1.00 19.76 ? 192 ASN A CB  1 
ATOM   1077 C CG  . ASN A 1 151 ? 6.571   15.671  -5.936  1.00 18.75 ? 192 ASN A CG  1 
ATOM   1078 O OD1 . ASN A 1 151 ? 6.750   15.711  -4.715  1.00 23.05 ? 192 ASN A OD1 1 
ATOM   1079 N ND2 . ASN A 1 151 ? 7.515   15.974  -6.806  1.00 17.23 ? 192 ASN A ND2 1 
ATOM   1080 N N   . GLY A 1 152 ? 2.208   17.087  -7.803  1.00 20.93 ? 193 GLY A N   1 
ATOM   1081 C CA  . GLY A 1 152 ? 1.143   17.124  -8.825  1.00 22.40 ? 193 GLY A CA  1 
ATOM   1082 C C   . GLY A 1 152 ? -0.159  16.541  -8.330  1.00 21.12 ? 193 GLY A C   1 
ATOM   1083 O O   . GLY A 1 152 ? -1.052  16.342  -9.153  1.00 22.01 ? 193 GLY A O   1 
ATOM   1084 N N   . GLY A 1 153 ? -0.217  16.176  -7.054  1.00 21.45 ? 194 GLY A N   1 
ATOM   1085 C CA  . GLY A 1 153 ? -1.393  15.555  -6.419  1.00 21.64 ? 194 GLY A CA  1 
ATOM   1086 C C   . GLY A 1 153 ? -1.614  14.129  -6.885  1.00 24.02 ? 194 GLY A C   1 
ATOM   1087 O O   . GLY A 1 153 ? -0.787  13.595  -7.671  1.00 22.47 ? 194 GLY A O   1 
ATOM   1088 N N   . TRP A 1 154 ? -2.714  13.513  -6.444  1.00 24.25 ? 195 TRP A N   1 
ATOM   1089 C CA  . TRP A 1 154 ? -3.161  12.200  -6.978  1.00 23.09 ? 195 TRP A CA  1 
ATOM   1090 C C   . TRP A 1 154 ? -3.355  12.296  -8.496  1.00 23.84 ? 195 TRP A C   1 
ATOM   1091 O O   . TRP A 1 154 ? -3.024  11.331  -9.182  1.00 21.51 ? 195 TRP A O   1 
ATOM   1092 C CB  . TRP A 1 154 ? -4.426  11.724  -6.265  1.00 23.18 ? 195 TRP A CB  1 
ATOM   1093 C CG  . TRP A 1 154 ? -4.229  11.238  -4.864  1.00 22.90 ? 195 TRP A CG  1 
ATOM   1094 C CD1 . TRP A 1 154 ? -4.714  11.803  -3.725  1.00 22.29 ? 195 TRP A CD1 1 
ATOM   1095 C CD2 . TRP A 1 154 ? -3.572  10.023  -4.455  1.00 23.87 ? 195 TRP A CD2 1 
ATOM   1096 N NE1 . TRP A 1 154 ? -4.370  11.049  -2.640  1.00 23.93 ? 195 TRP A NE1 1 
ATOM   1097 C CE2 . TRP A 1 154 ? -3.665  9.955   -3.050  1.00 22.30 ? 195 TRP A CE2 1 
ATOM   1098 C CE3 . TRP A 1 154 ? -2.855  9.024   -5.134  1.00 24.22 ? 195 TRP A CE3 1 
ATOM   1099 C CZ2 . TRP A 1 154 ? -3.118  8.900   -2.313  1.00 22.95 ? 195 TRP A CZ2 1 
ATOM   1100 C CZ3 . TRP A 1 154 ? -2.335  7.971   -4.409  1.00 23.00 ? 195 TRP A CZ3 1 
ATOM   1101 C CH2 . TRP A 1 154 ? -2.456  7.923   -3.020  1.00 22.13 ? 195 TRP A CH2 1 
ATOM   1102 N N   . ASP A 1 155 ? -3.786  13.453  -9.021  1.00 22.94 ? 196 ASP A N   1 
ATOM   1103 C CA  . ASP A 1 155 ? -3.979  13.680  -10.481 1.00 24.23 ? 196 ASP A CA  1 
ATOM   1104 C C   . ASP A 1 155 ? -2.751  13.265  -11.302 1.00 20.95 ? 196 ASP A C   1 
ATOM   1105 O O   . ASP A 1 155 ? -2.938  12.664  -12.373 1.00 22.40 ? 196 ASP A O   1 
ATOM   1106 C CB  . ASP A 1 155 ? -4.271  15.148  -10.790 1.00 29.87 ? 196 ASP A CB  1 
ATOM   1107 C CG  . ASP A 1 155 ? -5.692  15.544  -10.451 1.00 36.90 ? 196 ASP A CG  1 
ATOM   1108 O OD1 . ASP A 1 155 ? -6.577  14.680  -10.589 1.00 41.74 ? 196 ASP A OD1 1 
ATOM   1109 O OD2 . ASP A 1 155 ? -5.901  16.714  -10.044 1.00 44.88 ? 196 ASP A OD2 1 
ATOM   1110 N N   . ALA A 1 156 ? -1.545  13.587  -10.838 1.00 19.23 ? 197 ALA A N   1 
ATOM   1111 C CA  . ALA A 1 156 ? -0.272  13.266  -11.522 1.00 21.20 ? 197 ALA A CA  1 
ATOM   1112 C C   . ALA A 1 156 ? -0.216  11.761  -11.766 1.00 20.73 ? 197 ALA A C   1 
ATOM   1113 O O   . ALA A 1 156 ? 0.220   11.331  -12.843 1.00 24.18 ? 197 ALA A O   1 
ATOM   1114 C CB  . ALA A 1 156 ? 0.902   13.735  -10.696 1.00 21.17 ? 197 ALA A CB  1 
ATOM   1115 N N   . PHE A 1 157 ? -0.696  10.991  -10.790 1.00 19.45 ? 198 PHE A N   1 
ATOM   1116 C CA  . PHE A 1 157 ? -0.676  9.507   -10.804 1.00 20.65 ? 198 PHE A CA  1 
ATOM   1117 C C   . PHE A 1 157 ? -1.816  8.987   -11.684 1.00 19.68 ? 198 PHE A C   1 
ATOM   1118 O O   . PHE A 1 157 ? -1.541  8.147   -12.550 1.00 23.10 ? 198 PHE A O   1 
ATOM   1119 C CB  . PHE A 1 157 ? -0.758  9.015   -9.365  1.00 20.07 ? 198 PHE A CB  1 
ATOM   1120 C CG  . PHE A 1 157 ? -0.871  7.531   -9.190  1.00 19.56 ? 198 PHE A CG  1 
ATOM   1121 C CD1 . PHE A 1 157 ? 0.010   6.673   -9.827  1.00 20.71 ? 198 PHE A CD1 1 
ATOM   1122 C CD2 . PHE A 1 157 ? -1.822  7.007   -8.326  1.00 21.74 ? 198 PHE A CD2 1 
ATOM   1123 C CE1 . PHE A 1 157 ? -0.097  5.301   -9.643  1.00 22.36 ? 198 PHE A CE1 1 
ATOM   1124 C CE2 . PHE A 1 157 ? -1.897  5.636   -8.106  1.00 22.70 ? 198 PHE A CE2 1 
ATOM   1125 C CZ  . PHE A 1 157 ? -1.043  4.786   -8.785  1.00 22.10 ? 198 PHE A CZ  1 
ATOM   1126 N N   . VAL A 1 158 ? -3.042  9.472   -11.449 1.00 20.08 ? 199 VAL A N   1 
ATOM   1127 C CA  . VAL A 1 158 ? -4.274  9.108   -12.212 1.00 20.88 ? 199 VAL A CA  1 
ATOM   1128 C C   . VAL A 1 158 ? -4.024  9.416   -13.698 1.00 21.45 ? 199 VAL A C   1 
ATOM   1129 O O   . VAL A 1 158 ? -4.503  8.646   -14.532 1.00 24.46 ? 199 VAL A O   1 
ATOM   1130 C CB  . VAL A 1 158 ? -5.525  9.854   -11.697 1.00 21.81 ? 199 VAL A CB  1 
ATOM   1131 C CG1 . VAL A 1 158 ? -6.733  9.630   -12.595 1.00 24.06 ? 199 VAL A CG1 1 
ATOM   1132 C CG2 . VAL A 1 158 ? -5.867  9.482   -10.265 1.00 22.96 ? 199 VAL A CG2 1 
ATOM   1133 N N   . GLU A 1 159 ? -3.288  10.491  -13.999 1.00 24.67 ? 200 GLU A N   1 
ATOM   1134 C CA  . GLU A 1 159 ? -3.028  10.945  -15.397 1.00 26.39 ? 200 GLU A CA  1 
ATOM   1135 C C   . GLU A 1 159 ? -2.296  9.855   -16.168 1.00 23.63 ? 200 GLU A C   1 
ATOM   1136 O O   . GLU A 1 159 ? -2.564  9.736   -17.386 1.00 24.96 ? 200 GLU A O   1 
ATOM   1137 C CB  . GLU A 1 159 ? -2.118  12.171  -15.459 1.00 30.68 ? 200 GLU A CB  1 
ATOM   1138 C CG  . GLU A 1 159 ? -2.873  13.470  -15.551 1.00 39.09 ? 200 GLU A CG  1 
ATOM   1139 C CD  . GLU A 1 159 ? -2.017  14.627  -15.083 1.00 45.29 ? 200 GLU A CD  1 
ATOM   1140 O OE1 . GLU A 1 159 ? -2.568  15.535  -14.427 1.00 58.88 ? 200 GLU A OE1 1 
ATOM   1141 O OE2 . GLU A 1 159 ? -0.787  14.578  -15.322 1.00 47.40 ? 200 GLU A OE2 1 
ATOM   1142 N N   . LEU A 1 160 ? -1.414  9.108   -15.490 1.00 23.87 ? 201 LEU A N   1 
ATOM   1143 C CA  . LEU A 1 160 ? -0.527  8.103   -16.138 1.00 24.26 ? 201 LEU A CA  1 
ATOM   1144 C C   . LEU A 1 160 ? -1.148  6.695   -16.133 1.00 23.80 ? 201 LEU A C   1 
ATOM   1145 O O   . LEU A 1 160 ? -0.917  5.977   -17.116 1.00 20.31 ? 201 LEU A O   1 
ATOM   1146 C CB  . LEU A 1 160 ? 0.848   8.133   -15.459 1.00 23.81 ? 201 LEU A CB  1 
ATOM   1147 C CG  . LEU A 1 160 ? 1.623   9.445   -15.580 1.00 23.45 ? 201 LEU A CG  1 
ATOM   1148 C CD1 . LEU A 1 160 ? 2.928   9.400   -14.788 1.00 21.74 ? 201 LEU A CD1 1 
ATOM   1149 C CD2 . LEU A 1 160 ? 1.883   9.787   -17.044 1.00 23.22 ? 201 LEU A CD2 1 
ATOM   1150 N N   . TYR A 1 161 ? -1.851  6.294   -15.066 1.00 24.54 ? 202 TYR A N   1 
ATOM   1151 C CA  . TYR A 1 161 ? -2.350  4.909   -14.847 1.00 26.23 ? 202 TYR A CA  1 
ATOM   1152 C C   . TYR A 1 161 ? -3.879  4.830   -14.868 1.00 31.46 ? 202 TYR A C   1 
ATOM   1153 O O   . TYR A 1 161 ? -4.385  3.701   -14.795 1.00 35.55 ? 202 TYR A O   1 
ATOM   1154 C CB  . TYR A 1 161 ? -1.866  4.367   -13.502 1.00 22.42 ? 202 TYR A CB  1 
ATOM   1155 C CG  . TYR A 1 161 ? -0.521  3.695   -13.540 1.00 20.45 ? 202 TYR A CG  1 
ATOM   1156 C CD1 . TYR A 1 161 ? -0.387  2.409   -14.033 1.00 18.35 ? 202 TYR A CD1 1 
ATOM   1157 C CD2 . TYR A 1 161 ? 0.621   4.349   -13.102 1.00 18.86 ? 202 TYR A CD2 1 
ATOM   1158 C CE1 . TYR A 1 161 ? 0.836   1.761   -14.030 1.00 19.36 ? 202 TYR A CE1 1 
ATOM   1159 C CE2 . TYR A 1 161 ? 1.859   3.722   -13.117 1.00 19.16 ? 202 TYR A CE2 1 
ATOM   1160 C CZ  . TYR A 1 161 ? 1.966   2.413   -13.566 1.00 20.44 ? 202 TYR A CZ  1 
ATOM   1161 O OH  . TYR A 1 161 ? 3.175   1.776   -13.637 1.00 20.78 ? 202 TYR A OH  1 
ATOM   1162 N N   . GLY A 1 162 ? -4.574  5.969   -14.929 1.00 33.33 ? 203 GLY A N   1 
ATOM   1163 C CA  . GLY A 1 162 ? -6.017  6.086   -14.631 1.00 35.91 ? 203 GLY A CA  1 
ATOM   1164 C C   . GLY A 1 162 ? -6.880  5.182   -15.495 1.00 36.42 ? 203 GLY A C   1 
ATOM   1165 O O   . GLY A 1 162 ? -7.852  4.697   -14.907 1.00 35.77 ? 203 GLY A O   1 
ATOM   1166 N N   . CYS B 2 1   ? 15.308  8.981   -5.252  1.00 25.07 ? 1   CYS B N   1 
ATOM   1167 C CA  . CYS B 2 1   ? 16.146  8.369   -4.098  1.00 25.28 ? 1   CYS B CA  1 
ATOM   1168 C C   . CYS B 2 1   ? 16.992  7.437   -4.606  1.00 25.14 ? 1   CYS B C   1 
ATOM   1169 O O   . CYS B 2 1   ? 16.917  6.985   -5.718  1.00 24.88 ? 1   CYS B O   1 
ATOM   1170 C CB  . CYS B 2 1   ? 14.978  7.633   -3.208  1.00 24.42 ? 1   CYS B CB  1 
ATOM   1171 S SG  . CYS B 2 1   ? 13.569  8.581   -3.448  1.00 27.23 ? 1   CYS B SG  1 
ATOM   1172 N N   . PRO B 2 2   ? 17.971  6.937   -3.696  1.00 24.83 ? 2   PRO B N   1 
ATOM   1173 C CA  . PRO B 2 2   ? 18.920  5.875   -4.032  1.00 25.78 ? 2   PRO B CA  1 
ATOM   1174 C C   . PRO B 2 2   ? 18.064  4.672   -4.470  1.00 24.59 ? 2   PRO B C   1 
ATOM   1175 O O   . PRO B 2 2   ? 17.172  4.250   -3.793  1.00 26.11 ? 2   PRO B O   1 
ATOM   1176 C CB  . PRO B 2 2   ? 19.716  5.679   -2.802  1.00 24.73 ? 2   PRO B CB  1 
ATOM   1177 C CG  . PRO B 2 2   ? 19.649  7.014   -2.111  1.00 25.70 ? 2   PRO B CG  1 
ATOM   1178 C CD  . PRO B 2 2   ? 18.189  7.390   -2.317  1.00 24.24 ? 2   PRO B CD  1 
ATOM   1179 N N   . ALA B 2 3   ? 18.267  4.096   -5.803  1.00 25.59 ? 3   ALA B N   1 
ATOM   1180 C CA  . ALA B 2 3   ? 17.418  3.012   -6.213  1.00 25.89 ? 3   ALA B CA  1 
ATOM   1181 C C   . ALA B 2 3   ? 17.666  1.778   -5.348  1.00 25.95 ? 3   ALA B C   1 
ATOM   1182 O O   . ALA B 2 3   ? 18.709  1.268   -5.362  1.00 30.62 ? 3   ALA B O   1 
ATOM   1183 C CB  . ALA B 2 3   ? 17.682  2.635   -7.655  1.00 24.13 ? 3   ALA B CB  1 
ATOM   1184 N N   . ARG B 2 4   ? 16.618  1.206   -4.536  1.00 25.86 ? 4   ARG B N   1 
ATOM   1185 C CA  . ARG B 2 4   ? 16.856  -0.021  -3.775  1.00 24.59 ? 4   ARG B CA  1 
ATOM   1186 C C   . ARG B 2 4   ? 15.791  -1.002  -4.270  1.00 25.08 ? 4   ARG B C   1 
ATOM   1187 O O   . ARG B 2 4   ? 15.749  -2.117  -3.879  1.00 23.95 ? 4   ARG B O   1 
ATOM   1188 C CB  . ARG B 2 4   ? 16.720  0.218   -2.297  1.00 23.66 ? 4   ARG B CB  1 
ATOM   1189 C CG  . ARG B 2 4   ? 17.812  1.192   -1.824  1.00 21.31 ? 4   ARG B CG  1 
ATOM   1190 C CD  . ARG B 2 4   ? 17.796  1.336   -0.320  1.00 20.29 ? 4   ARG B CD  1 
ATOM   1191 N NE  . ARG B 2 4   ? 16.669  2.222   -0.064  1.00 20.56 ? 4   ARG B NE  1 
ATOM   1192 C CZ  . ARG B 2 4   ? 15.448  1.793   0.541   1.00 18.12 ? 4   ARG B CZ  1 
ATOM   1193 N NH1 . ARG B 2 4   ? 15.285  0.588   0.925   1.00 16.75 ? 4   ARG B NH1 1 
ATOM   1194 N NH2 . ARG B 2 4   ? 14.415  2.799   0.697   1.00 19.26 ? 4   ARG B NH2 1 
ATOM   1195 N N   . TYR B 2 5   ? 14.793  -0.541  -5.254  1.00 21.63 ? 5   TYR B N   1 
ATOM   1196 C CA  . TYR B 2 5   ? 13.744  -1.393  -5.726  1.00 21.54 ? 5   TYR B CA  1 
ATOM   1197 C C   . TYR B 2 5   ? 13.727  -1.128  -7.195  1.00 21.47 ? 5   TYR B C   1 
ATOM   1198 O O   . TYR B 2 5   ? 14.082  -0.082  -7.635  1.00 19.52 ? 5   TYR B O   1 
ATOM   1199 C CB  . TYR B 2 5   ? 12.370  -0.969  -5.207  1.00 19.78 ? 5   TYR B CB  1 
ATOM   1200 C CG  . TYR B 2 5   ? 12.394  -1.016  -3.705  1.00 19.34 ? 5   TYR B CG  1 
ATOM   1201 C CD1 . TYR B 2 5   ? 12.395  0.305   -2.979  1.00 18.55 ? 5   TYR B CD1 1 
ATOM   1202 C CD2 . TYR B 2 5   ? 12.399  -2.315  -2.946  1.00 18.61 ? 5   TYR B CD2 1 
ATOM   1203 C CE1 . TYR B 2 5   ? 12.420  0.306   -1.482  1.00 19.51 ? 5   TYR B CE1 1 
ATOM   1204 C CE2 . TYR B 2 5   ? 12.411  -2.328  -1.415  1.00 20.31 ? 5   TYR B CE2 1 
ATOM   1205 C CZ  . TYR B 2 5   ? 12.421  -0.987  -0.714  1.00 17.92 ? 5   TYR B CZ  1 
ATOM   1206 O OH  . TYR B 2 5   ? 12.448  -0.838  0.623   1.00 18.75 ? 5   TYR B OH  1 
ATOM   1207 N N   . GLY B 2 6   ? 13.237  -2.219  -7.986  1.00 19.03 ? 6   GLY B N   1 
ATOM   1208 C CA  . GLY B 2 6   ? 13.209  -1.980  -9.421  1.00 19.70 ? 6   GLY B CA  1 
ATOM   1209 C C   . GLY B 2 6   ? 12.401  -0.727  -9.839  1.00 17.57 ? 6   GLY B C   1 
ATOM   1210 O O   . GLY B 2 6   ? 12.758  -0.079  -10.758 1.00 18.15 ? 6   GLY B O   1 
ATOM   1211 N N   . TRP B 2 7   ? 11.174  -0.414  -9.140  1.00 16.33 ? 7   TRP B N   1 
ATOM   1212 C CA  . TRP B 2 7   ? 10.371  0.761   -9.551  1.00 16.39 ? 7   TRP B CA  1 
ATOM   1213 C C   . TRP B 2 7   ? 11.140  2.067   -9.353  1.00 16.24 ? 7   TRP B C   1 
ATOM   1214 O O   . TRP B 2 7   ? 10.841  3.038   -9.989  1.00 16.56 ? 7   TRP B O   1 
ATOM   1215 C CB  . TRP B 2 7   ? 9.008   0.841   -8.835  1.00 16.00 ? 7   TRP B CB  1 
ATOM   1216 C CG  . TRP B 2 7   ? 9.159   0.589   -7.330  1.00 16.17 ? 7   TRP B CG  1 
ATOM   1217 C CD1 . TRP B 2 7   ? 9.631   1.554   -6.452  1.00 16.70 ? 7   TRP B CD1 1 
ATOM   1218 C CD2 . TRP B 2 7   ? 8.894   -0.525  -6.584  1.00 17.48 ? 7   TRP B CD2 1 
ATOM   1219 N NE1 . TRP B 2 7   ? 9.633   1.038   -5.200  1.00 15.45 ? 7   TRP B NE1 1 
ATOM   1220 C CE2 . TRP B 2 7   ? 9.231   -0.247  -5.270  1.00 15.99 ? 7   TRP B CE2 1 
ATOM   1221 C CE3 . TRP B 2 7   ? 8.359   -1.939  -6.913  1.00 17.75 ? 7   TRP B CE3 1 
ATOM   1222 C CZ2 . TRP B 2 7   ? 9.061   -1.260  -4.124  1.00 16.33 ? 7   TRP B CZ2 1 
ATOM   1223 C CZ3 . TRP B 2 7   ? 8.224   -2.937  -5.826  1.00 17.08 ? 7   TRP B CZ3 1 
ATOM   1224 C CH2 . TRP B 2 7   ? 8.568   -2.611  -4.446  1.00 17.27 ? 7   TRP B CH2 1 
ATOM   1225 N N   . ASP B 2 8   ? 12.283  2.104   -8.447  1.00 16.60 ? 8   ASP B N   1 
ATOM   1226 C CA  . ASP B 2 8   ? 12.990  3.374   -8.233  1.00 17.65 ? 8   ASP B CA  1 
ATOM   1227 C C   . ASP B 2 8   ? 13.637  3.920   -9.515  1.00 18.18 ? 8   ASP B C   1 
ATOM   1228 O O   . ASP B 2 8   ? 13.728  5.123   -9.715  1.00 18.13 ? 8   ASP B O   1 
ATOM   1229 C CB  . ASP B 2 8   ? 14.082  3.195   -7.223  1.00 17.68 ? 8   ASP B CB  1 
ATOM   1230 C CG  . ASP B 2 8   ? 13.514  3.013   -5.810  1.00 19.24 ? 8   ASP B CG  1 
ATOM   1231 O OD1 . ASP B 2 8   ? 12.336  3.346   -5.497  1.00 17.79 ? 8   ASP B OD1 1 
ATOM   1232 O OD2 . ASP B 2 8   ? 14.245  2.476   -4.942  1.00 18.90 ? 8   ASP B OD2 1 
ATOM   1233 N N   . TYR B 2 9   ? 14.114  2.907   -10.430 1.00 19.01 ? 9   TYR B N   1 
ATOM   1234 C CA  . TYR B 2 9   ? 14.756  3.286   -11.710 1.00 19.59 ? 9   TYR B CA  1 
ATOM   1235 C C   . TYR B 2 9   ? 13.758  4.008   -12.578 1.00 21.34 ? 9   TYR B C   1 
ATOM   1236 O O   . TYR B 2 9   ? 14.119  4.773   -13.397 1.00 22.80 ? 9   TYR B O   1 
ATOM   1237 C CB  . TYR B 2 9   ? 15.172  2.022   -12.386 1.00 21.35 ? 9   TYR B CB  1 
ATOM   1238 C CG  . TYR B 2 9   ? 16.321  1.445   -11.604 1.00 23.92 ? 9   TYR B CG  1 
ATOM   1239 C CD1 . TYR B 2 9   ? 17.721  2.018   -11.805 1.00 26.23 ? 9   TYR B CD1 1 
ATOM   1240 C CD2 . TYR B 2 9   ? 16.052  0.340   -10.606 1.00 26.52 ? 9   TYR B CD2 1 
ATOM   1241 C CE1 . TYR B 2 9   ? 18.828  1.437   -10.991 1.00 26.57 ? 9   TYR B CE1 1 
ATOM   1242 C CE2 . TYR B 2 9   ? 17.189  -0.262  -9.807  1.00 27.52 ? 9   TYR B CE2 1 
ATOM   1243 C CZ  . TYR B 2 9   ? 18.562  0.318   -10.030 1.00 29.31 ? 9   TYR B CZ  1 
ATOM   1244 O OH  . TYR B 2 9   ? 19.623  -0.187  -9.295  1.00 34.75 ? 9   TYR B OH  1 
ATOM   1245 N N   . GLU B 2 10  ? 12.306  3.824   -12.436 1.00 18.88 ? 10  GLU B N   1 
ATOM   1246 C CA  . GLU B 2 10  ? 11.481  4.550   -13.352 1.00 20.75 ? 10  GLU B CA  1 
ATOM   1247 C C   . GLU B 2 10  ? 11.344  5.984   -12.889 1.00 20.92 ? 10  GLU B C   1 
ATOM   1248 O O   . GLU B 2 10  ? 11.049  6.849   -13.632 1.00 23.00 ? 10  GLU B O   1 
ATOM   1249 C CB  . GLU B 2 10  ? 10.083  3.945   -13.372 1.00 20.48 ? 10  GLU B CB  1 
ATOM   1250 C CG  . GLU B 2 10  ? 10.153  2.447   -13.707 1.00 24.97 ? 10  GLU B CG  1 
ATOM   1251 C CD  . GLU B 2 10  ? 8.815   2.041   -14.292 1.00 25.19 ? 10  GLU B CD  1 
ATOM   1252 O OE1 . GLU B 2 10  ? 7.750   2.425   -13.789 1.00 29.28 ? 10  GLU B OE1 1 
ATOM   1253 O OE2 . GLU B 2 10  ? 8.778   1.332   -15.311 1.00 35.53 ? 10  GLU B OE2 1 
ATOM   1254 N N   . CYS B 2 11  ? 11.513  6.217   -11.495 1.00 19.40 ? 11  CYS B N   1 
ATOM   1255 C CA  . CYS B 2 11  ? 11.224  7.541   -11.010 1.00 20.05 ? 11  CYS B CA  1 
ATOM   1256 C C   . CYS B 2 11  ? 12.436  8.363   -11.087 1.00 20.31 ? 11  CYS B C   1 
ATOM   1257 O O   . CYS B 2 11  ? 13.500  7.890   -10.977 1.00 28.44 ? 11  CYS B O   1 
ATOM   1258 C CB  . CYS B 2 11  ? 10.790  7.411   -9.553  1.00 18.91 ? 11  CYS B CB  1 
ATOM   1259 S SG  . CYS B 2 11  ? 9.224   6.518   -9.550  1.00 19.19 ? 11  CYS B SG  1 
HETATM 1260 N N   . NH2 B 2 12  ? 12.220  9.727   -11.252 1.00 19.21 ? 12  NH2 B N   1 
HETATM 1261 C C1  . JFF C 3 .   ? 14.085  9.392   -4.740  1.00 25.65 ? 101 JFF B C1  1 
HETATM 1262 C C9  . JFF C 3 .   ? 13.197  10.051  -5.757  1.00 21.75 ? 101 JFF B C9  1 
HETATM 1263 C C10 . JFF C 3 .   ? 12.017  10.753  -5.252  1.00 20.76 ? 101 JFF B C10 1 
HETATM 1264 C C11 . JFF C 3 .   ? 11.061  11.439  -6.164  1.00 20.07 ? 101 JFF B C11 1 
HETATM 1265 C C12 . JFF C 3 .   ? 11.335  11.440  -7.648  1.00 19.97 ? 101 JFF B C12 1 
HETATM 1266 C C13 . JFF C 3 .   ? 12.551  10.708  -8.158  1.00 21.81 ? 101 JFF B C13 1 
HETATM 1267 C C14 . JFF C 3 .   ? 13.508  10.019  -7.227  1.00 23.67 ? 101 JFF B C14 1 
HETATM 1268 C C15 . JFF C 3 .   ? 10.302  12.120  -8.508  1.00 20.28 ? 101 JFF B C15 1 
HETATM 1269 O O5  . JFF C 3 .   ? 9.629   12.952  -8.040  1.00 18.76 ? 101 JFF B O5  1 
HETATM 1270 N N4  . JFF C 3 .   ? 10.025  11.570  -9.818  1.00 19.91 ? 101 JFF B N4  1 
HETATM 1271 C C16 . JFF C 3 .   ? 8.998   12.017  -10.763 1.00 20.14 ? 101 JFF B C16 1 
HETATM 1272 C C17 . JFF C 3 .   ? 8.498   10.847  -11.629 1.00 24.10 ? 101 JFF B C17 1 
HETATM 1273 N N5  . JFF C 3 .   ? 8.157   10.151  -10.515 1.00 19.96 ? 101 JFF B N5  1 
HETATM 1274 C C18 . JFF C 3 .   ? 8.037   8.887   -9.912  1.00 18.80 ? 101 JFF B C18 1 
HETATM 1275 O O6  . JFF C 3 .   ? 7.882   9.161   -8.735  1.00 16.63 ? 101 JFF B O6  1 
HETATM 1276 C C19 . JFF C 3 .   ? 8.069   7.523   -10.499 1.00 18.93 ? 101 JFF B C19 1 
HETATM 1277 O O   . HOH D 4 .   ? -6.596  -15.659 3.233   1.00 41.80 ? 301 HOH A O   1 
HETATM 1278 O O   . HOH D 4 .   ? -4.075  9.989   -19.210 1.00 13.16 ? 302 HOH A O   1 
HETATM 1279 O O   . HOH D 4 .   ? -0.601  16.864  3.653   1.00 41.26 ? 303 HOH A O   1 
HETATM 1280 O O   . HOH D 4 .   ? 19.870  5.113   1.124   1.00 38.37 ? 304 HOH A O   1 
HETATM 1281 O O   . HOH D 4 .   ? -14.917 0.366   -4.796  1.00 49.71 ? 305 HOH A O   1 
HETATM 1282 O O   . HOH D 4 .   ? -10.590 -5.760  11.641  1.00 36.59 ? 306 HOH A O   1 
HETATM 1283 O O   . HOH D 4 .   ? 8.799   6.270   7.808   1.00 32.53 ? 307 HOH A O   1 
HETATM 1284 O O   . HOH D 4 .   ? 12.031  0.736   11.241  1.00 34.65 ? 308 HOH A O   1 
HETATM 1285 O O   . HOH D 4 .   ? -2.051  -5.463  -2.017  1.00 28.95 ? 309 HOH A O   1 
HETATM 1286 O O   . HOH D 4 .   ? 3.099   -8.401  -2.882  1.00 44.02 ? 310 HOH A O   1 
HETATM 1287 O O   . HOH D 4 .   ? 11.292  5.746   7.067   1.00 31.80 ? 311 HOH A O   1 
HETATM 1288 O O   . HOH D 4 .   ? 3.641   -17.846 8.836   1.00 50.79 ? 312 HOH A O   1 
HETATM 1289 O O   . HOH D 4 .   ? -2.201  -2.652  -15.040 1.00 41.69 ? 313 HOH A O   1 
HETATM 1290 O O   . HOH D 4 .   ? -14.121 -7.279  1.032   1.00 37.56 ? 314 HOH A O   1 
HETATM 1291 O O   . HOH D 4 .   ? 4.879   13.571  -9.795  1.00 20.23 ? 315 HOH A O   1 
HETATM 1292 O O   . HOH D 4 .   ? 4.715   -13.618 2.310   1.00 51.71 ? 316 HOH A O   1 
HETATM 1293 O O   . HOH D 4 .   ? 7.593   20.075  -6.022  1.00 19.55 ? 317 HOH A O   1 
HETATM 1294 O O   . HOH D 4 .   ? 12.082  -0.742  -14.709 1.00 29.29 ? 318 HOH A O   1 
HETATM 1295 O O   . HOH D 4 .   ? 10.550  -2.264  3.053   1.00 35.11 ? 319 HOH A O   1 
HETATM 1296 O O   . HOH D 4 .   ? -1.753  -5.716  -20.530 1.00 46.15 ? 320 HOH A O   1 
HETATM 1297 O O   . HOH D 4 .   ? 7.448   17.159  -0.945  1.00 17.96 ? 321 HOH A O   1 
HETATM 1298 O O   . HOH D 4 .   ? 7.542   14.467  -8.982  1.00 21.23 ? 322 HOH A O   1 
HETATM 1299 O O   . HOH D 4 .   ? 3.229   -4.780  20.959  1.00 27.23 ? 323 HOH A O   1 
HETATM 1300 O O   . HOH D 4 .   ? 9.885   15.058  -6.050  1.00 17.86 ? 324 HOH A O   1 
HETATM 1301 O O   . HOH D 4 .   ? 0.978   4.493   10.626  1.00 23.42 ? 325 HOH A O   1 
HETATM 1302 O O   . HOH D 4 .   ? 0.664   -14.912 -12.287 1.00 43.18 ? 326 HOH A O   1 
HETATM 1303 O O   . HOH D 4 .   ? -1.165  17.434  -11.566 1.00 36.01 ? 327 HOH A O   1 
HETATM 1304 O O   . HOH D 4 .   ? 6.052   21.000  1.281   1.00 22.98 ? 328 HOH A O   1 
HETATM 1305 O O   . HOH D 4 .   ? 12.481  -0.309  9.202   1.00 28.67 ? 329 HOH A O   1 
HETATM 1306 O O   . HOH D 4 .   ? -2.991  18.106  -14.966 1.00 42.79 ? 330 HOH A O   1 
HETATM 1307 O O   . HOH D 4 .   ? 6.313   -13.022 -0.018  1.00 53.19 ? 331 HOH A O   1 
HETATM 1308 O O   . HOH D 4 .   ? 2.297   19.645  -7.064  1.00 35.24 ? 332 HOH A O   1 
HETATM 1309 O O   . HOH D 4 .   ? 5.710   13.580  2.700   1.00 27.99 ? 333 HOH A O   1 
HETATM 1310 O O   . HOH D 4 .   ? -5.070  8.810   -17.393 1.00 38.41 ? 334 HOH A O   1 
HETATM 1311 O O   . HOH D 4 .   ? -3.941  -15.546 3.039   1.00 44.33 ? 335 HOH A O   1 
HETATM 1312 O O   . HOH D 4 .   ? 6.544   -7.599  -17.412 1.00 22.44 ? 336 HOH A O   1 
HETATM 1313 O O   . HOH D 4 .   ? 0.550   -4.816  16.942  1.00 19.81 ? 337 HOH A O   1 
HETATM 1314 O O   . HOH D 4 .   ? -6.978  -5.430  -9.804  1.00 47.37 ? 338 HOH A O   1 
HETATM 1315 O O   . HOH D 4 .   ? -10.087 -14.538 9.590   1.00 44.17 ? 339 HOH A O   1 
HETATM 1316 O O   . HOH D 4 .   ? 4.039   -7.084  -1.131  1.00 38.58 ? 340 HOH A O   1 
HETATM 1317 O O   . HOH D 4 .   ? -9.883  5.631   -16.467 1.00 51.27 ? 341 HOH A O   1 
HETATM 1318 O O   . HOH D 4 .   ? 1.590   13.211  -14.283 1.00 31.17 ? 342 HOH A O   1 
HETATM 1319 O O   . HOH D 4 .   ? 4.867   -4.219  -1.515  1.00 29.24 ? 343 HOH A O   1 
HETATM 1320 O O   . HOH D 4 .   ? 11.712  -5.550  -1.839  1.00 31.61 ? 344 HOH A O   1 
HETATM 1321 O O   . HOH D 4 .   ? -11.712 -5.037  14.434  1.00 38.78 ? 345 HOH A O   1 
HETATM 1322 O O   . HOH D 4 .   ? -10.239 -2.378  15.987  1.00 42.11 ? 346 HOH A O   1 
HETATM 1323 O O   . HOH D 4 .   ? -3.289  -18.377 13.405  1.00 39.23 ? 347 HOH A O   1 
HETATM 1324 O O   . HOH D 4 .   ? 11.124  4.028   13.950  1.00 49.78 ? 348 HOH A O   1 
HETATM 1325 O O   . HOH D 4 .   ? -16.541 12.726  -3.958  1.00 53.31 ? 349 HOH A O   1 
HETATM 1326 O O   . HOH D 4 .   ? -9.493  -13.383 15.346  1.00 42.37 ? 350 HOH A O   1 
HETATM 1327 O O   . HOH D 4 .   ? -13.280 -1.161  -3.374  1.00 34.40 ? 351 HOH A O   1 
HETATM 1328 O O   . HOH D 4 .   ? -3.616  15.391  -4.263  1.00 37.85 ? 352 HOH A O   1 
HETATM 1329 O O   . HOH D 4 .   ? 3.588   -4.298  17.207  1.00 13.77 ? 353 HOH A O   1 
HETATM 1330 O O   . HOH D 4 .   ? -13.070 16.202  -1.640  1.00 46.44 ? 354 HOH A O   1 
HETATM 1331 O O   . HOH D 4 .   ? -10.292 -13.832 12.420  1.00 40.81 ? 355 HOH A O   1 
HETATM 1332 O O   . HOH D 4 .   ? -4.594  -4.983  -8.828  1.00 33.30 ? 356 HOH A O   1 
HETATM 1333 O O   . HOH D 4 .   ? -3.951  0.208   16.276  1.00 24.16 ? 357 HOH A O   1 
HETATM 1334 O O   . HOH D 4 .   ? 0.734   -3.611  -17.440 1.00 51.45 ? 358 HOH A O   1 
HETATM 1335 O O   . HOH D 4 .   ? 8.952   -7.051  9.757   1.00 46.56 ? 359 HOH A O   1 
HETATM 1336 O O   . HOH D 4 .   ? -16.780 -9.485  8.046   1.00 49.04 ? 360 HOH A O   1 
HETATM 1337 O O   . HOH D 4 .   ? -2.618  11.367  10.877  1.00 54.47 ? 361 HOH A O   1 
HETATM 1338 O O   . HOH D 4 .   ? 5.544   -5.505  18.621  1.00 43.16 ? 362 HOH A O   1 
HETATM 1339 O O   . HOH D 4 .   ? -0.240  7.755   15.966  1.00 47.05 ? 363 HOH A O   1 
HETATM 1340 O O   . HOH D 4 .   ? -4.708  15.510  -7.045  1.00 41.96 ? 364 HOH A O   1 
HETATM 1341 O O   . HOH D 4 .   ? -2.251  15.109  5.564   1.00 32.83 ? 365 HOH A O   1 
HETATM 1342 O O   . HOH D 4 .   ? 9.690   -6.546  11.950  1.00 44.47 ? 366 HOH A O   1 
HETATM 1343 O O   . HOH D 4 .   ? 10.314  9.673   4.090   1.00 33.09 ? 367 HOH A O   1 
HETATM 1344 O O   . HOH D 4 .   ? 7.548   9.096   4.191   1.00 29.74 ? 368 HOH A O   1 
HETATM 1345 O O   . HOH D 4 .   ? 4.055   21.385  -7.585  1.00 42.17 ? 369 HOH A O   1 
HETATM 1346 O O   . HOH D 4 .   ? -1.288  -9.327  -14.521 1.00 44.66 ? 370 HOH A O   1 
HETATM 1347 O O   . HOH D 4 .   ? -7.965  10.757  5.300   1.00 34.26 ? 371 HOH A O   1 
HETATM 1348 O O   . HOH D 4 .   ? 2.419   14.445  4.823   1.00 38.99 ? 372 HOH A O   1 
HETATM 1349 O O   . HOH D 4 .   ? 8.722   -1.625  14.726  1.00 51.45 ? 373 HOH A O   1 
HETATM 1350 O O   . HOH D 4 .   ? -13.263 -9.942  5.443   1.00 44.87 ? 374 HOH A O   1 
HETATM 1351 O O   . HOH D 4 .   ? 2.722   21.030  0.842   1.00 30.56 ? 375 HOH A O   1 
HETATM 1352 O O   . HOH D 4 .   ? -7.769  13.226  2.870   1.00 32.61 ? 376 HOH A O   1 
HETATM 1353 O O   . HOH D 4 .   ? -11.201 -16.117 -4.043  1.00 42.90 ? 377 HOH A O   1 
HETATM 1354 O O   . HOH D 4 .   ? -8.494  4.787   8.771   1.00 44.48 ? 378 HOH A O   1 
HETATM 1355 O O   . HOH D 4 .   ? -2.573  -1.007  17.869  1.00 45.28 ? 379 HOH A O   1 
HETATM 1356 O O   . HOH D 4 .   ? -8.666  -0.622  -12.639 1.00 39.05 ? 380 HOH A O   1 
HETATM 1357 O O   . HOH D 4 .   ? 10.319  -3.542  -16.058 1.00 33.94 ? 381 HOH A O   1 
HETATM 1358 O O   . HOH D 4 .   ? 5.405   4.346   11.002  1.00 44.68 ? 382 HOH A O   1 
HETATM 1359 O O   . HOH D 4 .   ? 5.095   -14.974 5.145   1.00 43.61 ? 383 HOH A O   1 
HETATM 1360 O O   . HOH D 4 .   ? 2.118   -13.546 2.874   1.00 53.28 ? 384 HOH A O   1 
HETATM 1361 O O   . HOH D 4 .   ? -1.463  -9.853  -3.955  1.00 46.74 ? 385 HOH A O   1 
HETATM 1362 O O   . HOH D 4 .   ? -15.276 -0.315  2.738   1.00 52.09 ? 386 HOH A O   1 
HETATM 1363 O O   . HOH D 4 .   ? 10.200  0.103   13.734  1.00 50.54 ? 387 HOH A O   1 
HETATM 1364 O O   . HOH D 4 .   ? 5.005   6.704   11.315  1.00 39.79 ? 388 HOH A O   1 
HETATM 1365 O O   . HOH D 4 .   ? 9.420   -13.333 -7.893  1.00 31.94 ? 389 HOH A O   1 
HETATM 1366 O O   . HOH D 4 .   ? -13.787 -14.112 -5.240  1.00 51.58 ? 390 HOH A O   1 
HETATM 1367 O O   . HOH D 4 .   ? -7.214  13.168  -13.701 1.00 39.95 ? 391 HOH A O   1 
HETATM 1368 O O   . HOH D 4 .   ? 12.136  -5.755  0.573   1.00 40.68 ? 392 HOH A O   1 
HETATM 1369 O O   . HOH D 4 .   ? 2.406   7.087   11.006  1.00 30.04 ? 393 HOH A O   1 
HETATM 1370 O O   . HOH D 4 .   ? -0.967  -0.182  -16.427 1.00 45.14 ? 394 HOH A O   1 
HETATM 1371 O O   . HOH D 4 .   ? -7.276  -12.095 16.587  1.00 49.38 ? 395 HOH A O   1 
HETATM 1372 O O   . HOH D 4 .   ? -13.046 -9.768  8.000   1.00 50.82 ? 396 HOH A O   1 
HETATM 1373 O O   . HOH D 4 .   ? -12.115 -13.451 15.418  1.00 47.96 ? 397 HOH A O   1 
HETATM 1374 O O   . HOH D 4 .   ? -0.153  -2.423  18.147  1.00 23.17 ? 398 HOH A O   1 
HETATM 1375 O O   . HOH D 4 .   ? 9.055   13.116  0.960   1.00 38.31 ? 399 HOH A O   1 
HETATM 1376 O O   . HOH D 4 .   ? -19.568 -0.561  4.595   1.00 56.45 ? 400 HOH A O   1 
HETATM 1377 O O   . HOH E 4 .   ? 5.387   2.823   -14.819 1.00 14.76 ? 201 HOH B O   1 
HETATM 1378 O O   . HOH E 4 .   ? 11.016  0.854   -16.588 1.00 38.61 ? 202 HOH B O   1 
HETATM 1379 O O   . HOH E 4 .   ? 16.130  -3.631  -1.723  1.00 43.16 ? 203 HOH B O   1 
HETATM 1380 O O   . HOH E 4 .   ? 16.907  10.254  -7.026  1.00 31.43 ? 204 HOH B O   1 
HETATM 1381 O O   . HOH E 4 .   ? 11.140  10.399  -13.760 1.00 37.36 ? 205 HOH B O   1 
HETATM 1382 O O   . HOH E 4 .   ? 13.887  6.654   -7.247  1.00 31.24 ? 206 HOH B O   1 
HETATM 1383 O O   . HOH E 4 .   ? 16.244  -2.342  0.384   1.00 41.78 ? 207 HOH B O   1 
HETATM 1384 O O   . HOH E 4 .   ? 17.236  6.384   -9.323  1.00 38.93 ? 208 HOH B O   1 
# 
